data_4P9C
#
_entry.id   4P9C
#
_cell.length_a   135.050
_cell.length_b   147.210
_cell.length_c   100.470
_cell.angle_alpha   90.00
_cell.angle_beta   95.62
_cell.angle_gamma   90.00
#
_symmetry.space_group_name_H-M   'C 1 2 1'
#
loop_
_entity.id
_entity.type
_entity.pdbx_description
1 polymer 'Deoxycytidylate deaminase'
2 non-polymer 'ZINC ION'
3 non-polymer "2'-DEOXYCYTIDINE-5'-MONOPHOSPHATE"
4 non-polymer "2'-DEOXYURIDINE-5'-MONOPHOSPHATE"
5 water water
#
_entity_poly.entity_id   1
_entity_poly.type   'polypeptide(L)'
_entity_poly.pdbx_seq_one_letter_code
;GSHMKPEIKEAYMKTAELFSQVSNCKRMKVGAIVVKNGSILAHGWNGTPSGFHTNCCELEDGSTNPFVLHAEQNALVKMA
KSSESIDGSELFCTHSPCPDCSKMIAQAGVKKVYYRNEYRITDGIDVLQQLGVEVEKM
;
_entity_poly.pdbx_strand_id   A,B,C,D,E,F,G,H,I,J,K,L
#
# COMPACT_ATOMS: atom_id res chain seq x y z
N HIS A 3 -27.63 -21.11 25.36
CA HIS A 3 -28.57 -20.24 26.14
C HIS A 3 -29.12 -19.09 25.30
N MET A 4 -29.72 -19.45 24.17
CA MET A 4 -30.46 -18.53 23.32
C MET A 4 -31.85 -18.35 23.89
N LYS A 5 -32.27 -17.10 24.07
CA LYS A 5 -33.63 -16.85 24.53
C LYS A 5 -34.54 -16.46 23.36
N PRO A 6 -35.84 -16.81 23.45
CA PRO A 6 -36.80 -16.63 22.36
C PRO A 6 -36.84 -15.22 21.78
N GLU A 7 -36.73 -14.22 22.64
CA GLU A 7 -36.76 -12.83 22.21
C GLU A 7 -35.61 -12.56 21.23
N ILE A 8 -34.42 -13.01 21.59
CA ILE A 8 -33.20 -12.72 20.85
C ILE A 8 -33.05 -13.63 19.62
N LYS A 9 -33.62 -14.83 19.72
CA LYS A 9 -33.56 -15.82 18.65
C LYS A 9 -34.42 -15.39 17.46
N GLU A 10 -35.56 -14.76 17.77
CA GLU A 10 -36.45 -14.22 16.75
C GLU A 10 -35.80 -13.03 16.03
N ALA A 11 -35.02 -12.25 16.77
CA ALA A 11 -34.29 -11.11 16.23
C ALA A 11 -33.27 -11.51 15.17
N TYR A 12 -32.61 -12.65 15.38
CA TYR A 12 -31.63 -13.15 14.41
C TYR A 12 -32.30 -13.63 13.12
N MET A 13 -33.42 -14.32 13.26
CA MET A 13 -34.20 -14.78 12.11
C MET A 13 -34.75 -13.61 11.29
N LYS A 14 -35.22 -12.56 11.98
CA LYS A 14 -35.74 -11.36 11.33
C LYS A 14 -34.64 -10.53 10.67
N THR A 15 -33.41 -10.68 11.17
CA THR A 15 -32.24 -10.05 10.54
C THR A 15 -31.94 -10.79 9.25
N ALA A 16 -32.03 -12.12 9.29
CA ALA A 16 -31.91 -12.95 8.09
C ALA A 16 -32.93 -12.54 7.05
N GLU A 17 -34.16 -12.24 7.50
CA GLU A 17 -35.24 -11.81 6.61
C GLU A 17 -35.02 -10.40 6.07
N LEU A 18 -34.33 -9.56 6.84
CA LEU A 18 -33.98 -8.20 6.42
C LEU A 18 -32.93 -8.22 5.30
N PHE A 19 -31.93 -9.07 5.45
CA PHE A 19 -30.86 -9.16 4.44
C PHE A 19 -31.26 -9.94 3.19
N SER A 20 -32.30 -10.76 3.30
CA SER A 20 -32.84 -11.47 2.14
C SER A 20 -33.51 -10.50 1.17
N GLN A 21 -34.04 -9.40 1.70
CA GLN A 21 -34.71 -8.38 0.88
C GLN A 21 -33.72 -7.56 0.04
N VAL A 22 -32.44 -7.67 0.35
CA VAL A 22 -31.37 -6.98 -0.37
C VAL A 22 -31.09 -7.67 -1.71
N SER A 23 -31.38 -8.97 -1.79
CA SER A 23 -31.22 -9.76 -3.02
C SER A 23 -32.00 -9.18 -4.20
N ASN A 24 -31.43 -9.29 -5.40
CA ASN A 24 -32.09 -8.82 -6.63
C ASN A 24 -32.88 -9.95 -7.31
N CYS A 25 -32.87 -11.10 -6.64
CA CYS A 25 -33.48 -12.32 -7.16
CA CYS A 25 -33.42 -12.24 -7.17
C CYS A 25 -34.99 -12.22 -7.32
N LYS A 26 -35.49 -12.76 -8.43
CA LYS A 26 -36.94 -12.75 -8.71
C LYS A 26 -37.66 -14.05 -8.29
N ARG A 27 -36.96 -15.18 -8.40
CA ARG A 27 -37.53 -16.50 -8.06
C ARG A 27 -37.77 -16.66 -6.55
N MET A 28 -36.76 -16.32 -5.77
CA MET A 28 -36.80 -16.44 -4.30
C MET A 28 -35.69 -15.61 -3.67
N LYS A 29 -36.06 -14.84 -2.64
CA LYS A 29 -35.09 -14.05 -1.90
C LYS A 29 -34.67 -14.77 -0.62
N VAL A 30 -33.37 -15.07 -0.52
CA VAL A 30 -32.84 -15.90 0.56
C VAL A 30 -31.75 -15.17 1.34
N GLY A 31 -31.76 -15.34 2.66
CA GLY A 31 -30.77 -14.72 3.55
C GLY A 31 -30.23 -15.68 4.60
N ALA A 32 -28.94 -15.55 4.88
CA ALA A 32 -28.25 -16.39 5.85
C ALA A 32 -27.40 -15.57 6.84
N ILE A 33 -27.49 -15.91 8.12
CA ILE A 33 -26.84 -15.16 9.19
C ILE A 33 -25.99 -16.07 10.06
N VAL A 34 -24.71 -15.72 10.21
CA VAL A 34 -23.79 -16.47 11.05
C VAL A 34 -23.68 -15.81 12.42
N VAL A 35 -24.12 -16.52 13.45
CA VAL A 35 -24.09 -16.01 14.81
C VAL A 35 -23.16 -16.85 15.69
N LYS A 36 -22.24 -16.18 16.38
CA LYS A 36 -21.37 -16.83 17.35
C LYS A 36 -21.13 -15.88 18.52
N ASN A 37 -21.43 -16.35 19.73
CA ASN A 37 -21.21 -15.58 20.96
C ASN A 37 -21.88 -14.20 20.94
N GLY A 38 -23.14 -14.19 20.51
CA GLY A 38 -23.90 -12.94 20.38
C GLY A 38 -23.26 -11.93 19.44
N SER A 39 -22.76 -12.43 18.29
CA SER A 39 -22.19 -11.55 17.27
C SER A 39 -22.54 -12.08 15.88
N ILE A 40 -22.94 -11.18 14.98
CA ILE A 40 -23.27 -11.55 13.61
C ILE A 40 -22.02 -11.45 12.74
N LEU A 41 -21.37 -12.59 12.51
CA LEU A 41 -20.08 -12.62 11.83
C LEU A 41 -20.18 -12.51 10.31
N ALA A 42 -21.27 -13.01 9.75
CA ALA A 42 -21.50 -12.92 8.30
C ALA A 42 -22.97 -12.83 7.94
N HIS A 43 -23.29 -12.02 6.96
CA HIS A 43 -24.63 -11.96 6.40
C HIS A 43 -24.62 -12.13 4.90
N GLY A 44 -25.16 -13.24 4.44
CA GLY A 44 -25.17 -13.60 3.03
C GLY A 44 -26.56 -13.65 2.44
N TRP A 45 -26.66 -13.25 1.18
CA TRP A 45 -27.89 -13.38 0.44
C TRP A 45 -27.58 -13.85 -0.97
N ASN A 46 -28.57 -14.45 -1.64
CA ASN A 46 -28.39 -14.98 -2.98
C ASN A 46 -28.20 -13.89 -4.03
N GLY A 47 -27.24 -14.11 -4.94
CA GLY A 47 -26.95 -13.15 -6.00
C GLY A 47 -25.81 -13.59 -6.89
N THR A 48 -25.61 -12.85 -7.97
CA THR A 48 -24.45 -13.04 -8.84
C THR A 48 -23.18 -12.59 -8.10
N PRO A 49 -22.00 -13.12 -8.51
CA PRO A 49 -20.72 -12.75 -7.89
C PRO A 49 -20.39 -11.27 -8.03
N SER A 50 -19.53 -10.77 -7.14
CA SER A 50 -19.14 -9.36 -7.14
C SER A 50 -18.45 -8.99 -8.45
N GLY A 51 -18.99 -7.95 -9.10
CA GLY A 51 -18.45 -7.44 -10.36
C GLY A 51 -18.87 -8.21 -11.59
N PHE A 52 -19.93 -9.02 -11.47
CA PHE A 52 -20.49 -9.75 -12.62
C PHE A 52 -21.19 -8.77 -13.55
N HIS A 53 -21.32 -9.14 -14.83
CA HIS A 53 -21.90 -8.26 -15.83
C HIS A 53 -23.37 -7.88 -15.60
N THR A 54 -24.07 -8.63 -14.74
CA THR A 54 -25.48 -8.40 -14.48
C THR A 54 -25.83 -8.67 -13.03
N ASN A 55 -26.89 -8.01 -12.56
CA ASN A 55 -27.51 -8.28 -11.27
C ASN A 55 -28.52 -9.42 -11.29
N CYS A 56 -29.15 -9.65 -12.44
CA CYS A 56 -30.25 -10.61 -12.56
C CYS A 56 -29.79 -12.04 -12.22
N CYS A 57 -30.51 -12.72 -11.33
CA CYS A 57 -30.14 -14.10 -10.95
C CYS A 57 -30.64 -15.17 -11.92
N GLU A 58 -31.63 -14.87 -12.75
CA GLU A 58 -32.17 -15.88 -13.65
C GLU A 58 -31.83 -15.65 -15.12
N LEU A 59 -31.70 -16.75 -15.85
CA LEU A 59 -31.51 -16.73 -17.31
C LEU A 59 -32.79 -16.30 -18.03
N GLU A 60 -32.72 -16.14 -19.35
CA GLU A 60 -33.90 -15.76 -20.12
C GLU A 60 -34.91 -16.91 -20.22
N ASP A 61 -34.43 -18.14 -20.09
CA ASP A 61 -35.30 -19.27 -19.75
C ASP A 61 -35.61 -19.19 -18.26
N GLY A 62 -36.53 -20.02 -17.77
CA GLY A 62 -36.99 -19.90 -16.38
C GLY A 62 -35.95 -20.06 -15.29
N SER A 63 -34.87 -20.80 -15.58
CA SER A 63 -33.93 -21.25 -14.55
C SER A 63 -32.97 -20.21 -13.97
N THR A 64 -32.40 -20.53 -12.80
CA THR A 64 -31.44 -19.67 -12.12
C THR A 64 -30.04 -19.77 -12.76
N ASN A 65 -29.42 -18.62 -12.99
CA ASN A 65 -28.06 -18.53 -13.52
C ASN A 65 -27.09 -19.37 -12.71
N PRO A 66 -26.39 -20.33 -13.36
CA PRO A 66 -25.48 -21.20 -12.61
C PRO A 66 -24.33 -20.44 -11.92
N PHE A 67 -24.13 -19.17 -12.28
CA PHE A 67 -23.10 -18.32 -11.67
C PHE A 67 -23.48 -17.79 -10.29
N VAL A 68 -24.78 -17.70 -10.01
CA VAL A 68 -25.25 -17.10 -8.75
C VAL A 68 -24.85 -17.92 -7.52
N LEU A 69 -24.57 -17.21 -6.44
CA LEU A 69 -24.17 -17.86 -5.19
C LEU A 69 -25.37 -17.94 -4.27
N HIS A 70 -25.54 -19.10 -3.64
CA HIS A 70 -26.57 -19.28 -2.63
C HIS A 70 -26.22 -18.45 -1.39
N ALA A 71 -27.23 -18.10 -0.61
CA ALA A 71 -27.01 -17.31 0.60
C ALA A 71 -26.03 -18.01 1.55
N GLU A 72 -26.15 -19.33 1.63
CA GLU A 72 -25.28 -20.14 2.51
C GLU A 72 -23.86 -20.16 2.00
N GLN A 73 -23.72 -20.16 0.67
CA GLN A 73 -22.41 -20.11 0.04
C GLN A 73 -21.74 -18.77 0.31
N ASN A 74 -22.51 -17.69 0.17
CA ASN A 74 -22.00 -16.35 0.41
C ASN A 74 -21.58 -16.11 1.84
N ALA A 75 -22.32 -16.70 2.79
CA ALA A 75 -21.96 -16.60 4.20
C ALA A 75 -20.71 -17.41 4.50
N LEU A 76 -20.59 -18.57 3.86
CA LEU A 76 -19.45 -19.45 4.01
C LEU A 76 -18.18 -18.76 3.49
N VAL A 77 -18.30 -18.18 2.30
CA VAL A 77 -17.19 -17.47 1.64
C VAL A 77 -16.78 -16.26 2.46
N LYS A 78 -17.79 -15.59 3.02
CA LYS A 78 -17.60 -14.43 3.86
C LYS A 78 -16.78 -14.78 5.10
N MET A 79 -17.07 -15.96 5.65
CA MET A 79 -16.36 -16.45 6.84
C MET A 79 -14.91 -16.83 6.52
N ALA A 80 -14.65 -17.23 5.29
CA ALA A 80 -13.30 -17.50 4.83
C ALA A 80 -12.49 -16.20 4.68
N LYS A 81 -13.20 -15.12 4.37
CA LYS A 81 -12.61 -13.78 4.28
C LYS A 81 -12.53 -13.12 5.66
N SER A 82 -13.21 -13.72 6.63
CA SER A 82 -13.24 -13.19 7.98
C SER A 82 -12.02 -13.64 8.79
N SER A 83 -11.76 -12.92 9.88
CA SER A 83 -10.70 -13.28 10.81
C SER A 83 -11.27 -14.08 11.99
N GLU A 84 -12.57 -14.34 11.93
CA GLU A 84 -13.26 -15.15 12.93
C GLU A 84 -13.58 -16.53 12.36
N SER A 85 -13.66 -17.52 13.25
CA SER A 85 -13.91 -18.90 12.86
C SER A 85 -15.40 -19.19 12.86
N ILE A 86 -15.85 -19.91 11.84
CA ILE A 86 -17.26 -20.30 11.74
C ILE A 86 -17.55 -21.52 12.62
N ASP A 87 -16.48 -22.13 13.13
CA ASP A 87 -16.59 -23.35 13.93
C ASP A 87 -17.22 -23.04 15.29
N GLY A 88 -18.32 -23.73 15.59
CA GLY A 88 -19.06 -23.52 16.82
C GLY A 88 -20.21 -22.53 16.70
N SER A 89 -20.34 -21.91 15.53
CA SER A 89 -21.39 -20.91 15.29
C SER A 89 -22.71 -21.55 14.90
N GLU A 90 -23.77 -20.75 14.94
CA GLU A 90 -25.10 -21.16 14.50
C GLU A 90 -25.50 -20.37 13.27
N LEU A 91 -26.31 -20.99 12.43
CA LEU A 91 -26.74 -20.39 11.16
C LEU A 91 -28.24 -20.12 11.13
N PHE A 92 -28.61 -18.86 10.92
CA PHE A 92 -30.01 -18.47 10.74
C PHE A 92 -30.31 -18.27 9.26
N CYS A 93 -31.21 -19.10 8.73
CA CYS A 93 -31.56 -19.09 7.31
C CYS A 93 -33.06 -18.86 7.11
N THR A 94 -33.41 -18.09 6.09
CA THR A 94 -34.81 -17.86 5.76
C THR A 94 -35.42 -19.14 5.20
N HIS A 95 -34.59 -19.88 4.47
CA HIS A 95 -34.99 -21.12 3.84
C HIS A 95 -33.99 -22.20 4.21
N SER A 96 -34.46 -23.44 4.20
CA SER A 96 -33.60 -24.60 4.45
C SER A 96 -32.55 -24.75 3.35
N PRO A 97 -31.28 -24.95 3.75
CA PRO A 97 -30.16 -25.05 2.80
C PRO A 97 -30.29 -26.24 1.85
N CYS A 98 -29.72 -26.10 0.65
CA CYS A 98 -29.70 -27.17 -0.34
C CYS A 98 -28.66 -28.23 0.06
N PRO A 99 -28.77 -29.46 -0.49
CA PRO A 99 -27.83 -30.54 -0.19
C PRO A 99 -26.35 -30.17 -0.34
N ASP A 100 -26.00 -29.43 -1.40
CA ASP A 100 -24.60 -29.03 -1.64
CA ASP A 100 -24.62 -29.03 -1.65
C ASP A 100 -24.10 -28.09 -0.55
N CYS A 101 -24.94 -27.16 -0.13
CA CYS A 101 -24.60 -26.23 0.95
C CYS A 101 -24.56 -26.93 2.30
N SER A 102 -25.61 -27.72 2.59
CA SER A 102 -25.72 -28.48 3.84
C SER A 102 -24.44 -29.28 4.13
N LYS A 103 -23.89 -29.86 3.08
CA LYS A 103 -22.64 -30.62 3.12
C LYS A 103 -21.49 -29.79 3.65
N MET A 104 -21.33 -28.58 3.10
CA MET A 104 -20.26 -27.67 3.51
C MET A 104 -20.51 -27.09 4.91
N ILE A 105 -21.77 -26.84 5.23
CA ILE A 105 -22.17 -26.31 6.53
C ILE A 105 -21.75 -27.23 7.67
N ALA A 106 -21.97 -28.54 7.49
CA ALA A 106 -21.61 -29.53 8.48
C ALA A 106 -20.10 -29.69 8.63
N GLN A 107 -19.38 -29.61 7.51
CA GLN A 107 -17.91 -29.68 7.51
C GLN A 107 -17.28 -28.42 8.10
N ALA A 108 -18.06 -27.34 8.12
CA ALA A 108 -17.62 -26.06 8.67
C ALA A 108 -17.62 -26.04 10.20
N GLY A 109 -18.35 -26.98 10.81
CA GLY A 109 -18.42 -27.09 12.26
C GLY A 109 -19.59 -26.32 12.87
N VAL A 110 -20.53 -25.92 12.02
CA VAL A 110 -21.76 -25.26 12.46
C VAL A 110 -22.59 -26.27 13.25
N LYS A 111 -22.93 -25.90 14.48
CA LYS A 111 -23.60 -26.84 15.38
C LYS A 111 -25.12 -26.92 15.17
N LYS A 112 -25.71 -25.80 14.76
CA LYS A 112 -27.16 -25.73 14.59
C LYS A 112 -27.55 -24.79 13.46
N VAL A 113 -28.52 -25.22 12.66
CA VAL A 113 -29.09 -24.38 11.61
C VAL A 113 -30.56 -24.11 11.93
N TYR A 114 -30.92 -22.84 11.99
CA TYR A 114 -32.32 -22.41 12.12
C TYR A 114 -32.87 -22.04 10.76
N TYR A 115 -34.10 -22.43 10.46
CA TYR A 115 -34.76 -22.03 9.20
C TYR A 115 -36.25 -21.69 9.39
N ARG A 116 -36.79 -20.88 8.49
CA ARG A 116 -38.21 -20.52 8.57
C ARG A 116 -39.07 -21.18 7.49
N ASN A 117 -38.63 -21.09 6.25
CA ASN A 117 -39.37 -21.67 5.13
C ASN A 117 -38.63 -22.84 4.50
N GLU A 118 -39.38 -23.72 3.87
CA GLU A 118 -38.79 -24.88 3.21
C GLU A 118 -38.52 -24.60 1.74
N TYR A 119 -37.28 -24.84 1.33
CA TYR A 119 -36.86 -24.77 -0.08
C TYR A 119 -37.39 -26.01 -0.81
N ARG A 120 -37.67 -25.87 -2.11
CA ARG A 120 -38.21 -26.97 -2.94
C ARG A 120 -37.57 -28.35 -2.69
N ILE A 121 -36.24 -28.38 -2.64
CA ILE A 121 -35.49 -29.58 -2.26
C ILE A 121 -35.30 -29.58 -0.74
N THR A 122 -36.03 -30.46 -0.06
CA THR A 122 -35.98 -30.55 1.40
C THR A 122 -34.98 -31.58 1.91
N ASP A 123 -34.23 -32.20 1.00
CA ASP A 123 -33.23 -33.22 1.37
C ASP A 123 -32.11 -32.67 2.26
N GLY A 124 -31.82 -31.37 2.10
CA GLY A 124 -30.75 -30.69 2.85
C GLY A 124 -30.92 -30.77 4.35
N ILE A 125 -32.17 -30.82 4.81
CA ILE A 125 -32.49 -30.98 6.21
C ILE A 125 -31.95 -32.30 6.76
N ASP A 126 -32.13 -33.37 5.99
CA ASP A 126 -31.63 -34.70 6.35
C ASP A 126 -30.11 -34.74 6.36
N VAL A 127 -29.50 -34.18 5.31
CA VAL A 127 -28.05 -34.12 5.18
C VAL A 127 -27.43 -33.42 6.39
N LEU A 128 -28.08 -32.34 6.84
CA LEU A 128 -27.66 -31.62 8.04
C LEU A 128 -27.69 -32.53 9.27
N GLN A 129 -28.85 -33.17 9.50
CA GLN A 129 -29.07 -33.99 10.69
C GLN A 129 -28.25 -35.27 10.68
N GLN A 130 -27.99 -35.80 9.49
CA GLN A 130 -27.17 -36.99 9.33
C GLN A 130 -25.69 -36.71 9.62
N LEU A 131 -25.29 -35.46 9.41
CA LEU A 131 -23.91 -35.04 9.64
C LEU A 131 -23.70 -34.40 11.00
N GLY A 132 -24.73 -34.45 11.85
CA GLY A 132 -24.60 -34.08 13.25
C GLY A 132 -24.85 -32.61 13.54
N VAL A 133 -25.63 -31.97 12.69
CA VAL A 133 -26.02 -30.58 12.86
C VAL A 133 -27.49 -30.52 13.26
N GLU A 134 -27.75 -29.87 14.40
CA GLU A 134 -29.11 -29.73 14.90
C GLU A 134 -29.91 -28.81 13.98
N VAL A 135 -31.19 -29.11 13.83
CA VAL A 135 -32.06 -28.33 12.95
C VAL A 135 -33.38 -27.98 13.64
N GLU A 136 -33.67 -26.68 13.69
CA GLU A 136 -34.91 -26.17 14.28
C GLU A 136 -35.62 -25.25 13.29
N LYS A 137 -36.92 -25.50 13.11
CA LYS A 137 -37.76 -24.60 12.31
C LYS A 137 -38.48 -23.63 13.25
N MET A 138 -38.50 -22.35 12.87
CA MET A 138 -39.13 -21.31 13.68
C MET A 138 -39.97 -20.33 12.86
N HIS B 3 2.57 38.05 -16.59
CA HIS B 3 3.02 36.76 -15.98
C HIS B 3 3.21 36.89 -14.47
N MET B 4 4.16 37.76 -14.07
CA MET B 4 4.48 38.00 -12.67
C MET B 4 4.15 39.45 -12.32
N LYS B 5 2.85 39.73 -12.23
CA LYS B 5 2.34 41.03 -11.82
C LYS B 5 2.72 41.31 -10.36
N PRO B 6 2.78 42.59 -9.96
CA PRO B 6 3.08 42.92 -8.55
C PRO B 6 2.15 42.24 -7.53
N GLU B 7 0.89 42.02 -7.91
CA GLU B 7 -0.11 41.47 -7.01
C GLU B 7 0.14 40.00 -6.68
N ILE B 8 0.43 39.22 -7.72
CA ILE B 8 0.70 37.79 -7.56
C ILE B 8 2.10 37.55 -7.00
N LYS B 9 3.02 38.46 -7.28
CA LYS B 9 4.39 38.39 -6.75
C LYS B 9 4.37 38.58 -5.24
N GLU B 10 3.49 39.46 -4.77
CA GLU B 10 3.31 39.71 -3.34
C GLU B 10 2.70 38.48 -2.65
N ALA B 11 1.80 37.81 -3.34
CA ALA B 11 1.15 36.60 -2.83
C ALA B 11 2.15 35.48 -2.58
N TYR B 12 3.11 35.29 -3.49
CA TYR B 12 4.17 34.29 -3.30
C TYR B 12 5.09 34.60 -2.12
N MET B 13 5.48 35.87 -1.97
CA MET B 13 6.30 36.28 -0.83
C MET B 13 5.58 36.08 0.50
N LYS B 14 4.29 36.40 0.54
CA LYS B 14 3.47 36.22 1.76
C LYS B 14 3.22 34.74 2.09
N THR B 15 3.27 33.90 1.05
CA THR B 15 3.21 32.45 1.22
C THR B 15 4.50 31.97 1.86
N ALA B 16 5.64 32.51 1.39
CA ALA B 16 6.92 32.26 2.03
C ALA B 16 6.90 32.68 3.49
N GLU B 17 6.24 33.81 3.78
CA GLU B 17 6.12 34.29 5.15
C GLU B 17 5.21 33.40 6.00
N LEU B 18 4.21 32.79 5.36
CA LEU B 18 3.29 31.87 6.02
C LEU B 18 3.97 30.56 6.43
N PHE B 19 4.75 29.99 5.53
CA PHE B 19 5.46 28.72 5.79
C PHE B 19 6.68 28.89 6.70
N SER B 20 7.15 30.12 6.87
CA SER B 20 8.26 30.40 7.78
C SER B 20 7.77 30.30 9.22
N GLN B 21 6.48 30.55 9.41
CA GLN B 21 5.87 30.54 10.74
C GLN B 21 5.71 29.13 11.32
N VAL B 22 5.72 28.09 10.48
CA VAL B 22 5.62 26.71 10.97
C VAL B 22 6.95 26.17 11.49
N SER B 23 8.03 26.91 11.26
CA SER B 23 9.33 26.58 11.82
C SER B 23 9.30 26.68 13.35
N ASN B 24 10.01 25.77 14.01
CA ASN B 24 10.09 25.76 15.48
C ASN B 24 11.31 26.52 15.99
N CYS B 25 12.00 27.17 15.05
CA CYS B 25 13.20 27.90 15.32
CA CYS B 25 13.22 27.90 15.35
C CYS B 25 12.99 29.13 16.22
N LYS B 26 13.95 29.39 17.10
CA LYS B 26 13.87 30.55 18.00
C LYS B 26 14.73 31.74 17.56
N ARG B 27 15.85 31.46 16.89
CA ARG B 27 16.78 32.51 16.42
C ARG B 27 16.18 33.30 15.25
N MET B 28 15.67 32.58 14.26
CA MET B 28 15.10 33.18 13.06
C MET B 28 14.25 32.15 12.31
N LYS B 29 13.04 32.54 11.97
CA LYS B 29 12.14 31.71 11.18
C LYS B 29 12.25 32.05 9.70
N VAL B 30 12.67 31.06 8.91
CA VAL B 30 12.92 31.28 7.48
C VAL B 30 12.06 30.38 6.60
N GLY B 31 11.56 30.93 5.50
CA GLY B 31 10.72 30.19 4.56
C GLY B 31 11.13 30.40 3.11
N ALA B 32 11.11 29.32 2.33
CA ALA B 32 11.49 29.37 0.92
C ALA B 32 10.47 28.65 0.03
N ILE B 33 10.11 29.30 -1.07
CA ILE B 33 9.08 28.82 -1.99
C ILE B 33 9.67 28.70 -3.38
N VAL B 34 9.48 27.55 -4.02
CA VAL B 34 9.89 27.35 -5.41
C VAL B 34 8.67 27.55 -6.30
N VAL B 35 8.78 28.50 -7.24
CA VAL B 35 7.68 28.82 -8.16
C VAL B 35 8.09 28.59 -9.61
N LYS B 36 7.31 27.77 -10.32
CA LYS B 36 7.46 27.58 -11.76
C LYS B 36 6.10 27.47 -12.43
N ASN B 37 5.91 28.23 -13.51
CA ASN B 37 4.68 28.20 -14.31
C ASN B 37 3.41 28.23 -13.44
N GLY B 38 3.36 29.19 -12.53
CA GLY B 38 2.23 29.37 -11.62
C GLY B 38 1.92 28.16 -10.76
N SER B 39 2.96 27.54 -10.22
CA SER B 39 2.80 26.38 -9.35
C SER B 39 3.87 26.39 -8.27
N ILE B 40 3.46 26.10 -7.03
CA ILE B 40 4.40 26.08 -5.92
C ILE B 40 4.93 24.65 -5.73
N LEU B 41 6.10 24.38 -6.30
CA LEU B 41 6.63 23.03 -6.36
C LEU B 41 7.24 22.55 -5.04
N ALA B 42 7.75 23.50 -4.25
CA ALA B 42 8.33 23.20 -2.95
C ALA B 42 8.17 24.35 -1.97
N HIS B 43 7.93 24.04 -0.72
CA HIS B 43 7.91 24.99 0.36
C HIS B 43 8.72 24.51 1.55
N GLY B 44 9.86 25.12 1.76
CA GLY B 44 10.77 24.69 2.80
C GLY B 44 10.91 25.71 3.91
N TRP B 45 11.07 25.21 5.12
CA TRP B 45 11.39 26.06 6.26
C TRP B 45 12.56 25.44 7.01
N ASN B 46 13.27 26.25 7.80
CA ASN B 46 14.40 25.78 8.58
C ASN B 46 13.97 24.90 9.75
N GLY B 47 14.74 23.84 9.97
CA GLY B 47 14.45 22.90 11.05
C GLY B 47 15.36 21.69 11.03
N THR B 48 15.28 20.90 12.10
CA THR B 48 16.03 19.65 12.21
C THR B 48 15.48 18.62 11.21
N PRO B 49 16.31 17.63 10.82
CA PRO B 49 15.89 16.62 9.83
C PRO B 49 14.70 15.78 10.30
N SER B 50 13.99 15.16 9.35
CA SER B 50 12.88 14.26 9.66
C SER B 50 13.38 13.06 10.47
N GLY B 51 12.80 12.86 11.64
CA GLY B 51 13.27 11.81 12.51
C GLY B 51 14.58 12.11 13.17
N PHE B 52 14.69 13.33 13.63
CA PHE B 52 15.74 13.75 14.55
C PHE B 52 15.18 13.70 15.98
N HIS B 53 16.07 13.57 16.97
CA HIS B 53 15.64 13.39 18.37
C HIS B 53 14.90 14.59 19.02
N THR B 54 15.10 15.78 18.46
CA THR B 54 14.43 17.00 18.92
C THR B 54 14.07 17.84 17.71
N ASN B 55 13.00 18.63 17.81
CA ASN B 55 12.76 19.62 16.77
C ASN B 55 13.19 21.04 17.17
N CYS B 56 14.01 21.14 18.21
CA CYS B 56 14.61 22.41 18.64
C CYS B 56 15.87 22.70 17.83
N CYS B 57 15.93 23.87 17.18
CA CYS B 57 17.05 24.15 16.27
C CYS B 57 18.33 24.64 16.95
N GLU B 58 18.26 24.93 18.25
CA GLU B 58 19.41 25.51 18.91
C GLU B 58 20.06 24.59 19.92
N LEU B 59 21.39 24.65 19.96
CA LEU B 59 22.17 24.13 21.08
C LEU B 59 22.00 25.08 22.26
N GLU B 60 22.35 24.60 23.43
CA GLU B 60 22.22 25.34 24.66
C GLU B 60 23.30 26.35 24.81
N ASP B 61 24.33 26.21 24.02
CA ASP B 61 25.46 27.08 24.00
C ASP B 61 25.14 28.35 23.24
N GLY B 62 24.00 28.34 22.59
CA GLY B 62 23.46 29.52 21.96
C GLY B 62 23.34 29.49 20.46
N SER B 63 24.08 28.65 19.80
CA SER B 63 24.09 28.65 18.37
C SER B 63 23.17 27.62 17.75
N THR B 64 23.00 27.70 16.47
CA THR B 64 22.16 26.77 15.76
C THR B 64 22.81 25.41 15.68
N ASN B 65 22.02 24.39 15.92
CA ASN B 65 22.44 23.00 15.78
C ASN B 65 22.92 22.74 14.35
N PRO B 66 24.14 22.19 14.20
CA PRO B 66 24.68 21.88 12.87
C PRO B 66 23.84 20.91 12.03
N PHE B 67 22.88 20.22 12.67
CA PHE B 67 21.98 19.30 11.96
C PHE B 67 20.82 19.99 11.25
N VAL B 68 20.54 21.22 11.65
CA VAL B 68 19.42 21.96 11.11
C VAL B 68 19.64 22.31 9.65
N LEU B 69 18.67 21.96 8.82
CA LEU B 69 18.67 22.31 7.41
C LEU B 69 18.08 23.70 7.21
N HIS B 70 18.73 24.49 6.36
CA HIS B 70 18.24 25.81 5.99
C HIS B 70 16.98 25.68 5.15
N ALA B 71 16.17 26.73 5.15
CA ALA B 71 14.92 26.75 4.37
C ALA B 71 15.19 26.49 2.89
N GLU B 72 16.28 27.00 2.39
CA GLU B 72 16.54 26.79 1.01
C GLU B 72 17.15 25.43 0.70
N GLN B 73 17.80 24.82 1.67
CA GLN B 73 18.24 23.43 1.56
C GLN B 73 17.05 22.49 1.52
N ASN B 74 16.10 22.70 2.42
CA ASN B 74 14.89 21.87 2.47
C ASN B 74 14.08 21.98 1.19
N ALA B 75 14.03 23.19 0.61
CA ALA B 75 13.35 23.42 -0.65
C ALA B 75 14.09 22.73 -1.79
N LEU B 76 15.42 22.81 -1.74
CA LEU B 76 16.29 22.17 -2.73
C LEU B 76 16.16 20.65 -2.67
N VAL B 77 16.11 20.12 -1.44
CA VAL B 77 16.00 18.67 -1.18
C VAL B 77 14.65 18.13 -1.62
N LYS B 78 13.60 18.92 -1.39
CA LYS B 78 12.24 18.50 -1.74
C LYS B 78 12.05 18.48 -3.26
N MET B 79 12.71 19.40 -3.95
CA MET B 79 12.73 19.42 -5.41
C MET B 79 13.44 18.19 -5.97
N ALA B 80 14.40 17.66 -5.22
CA ALA B 80 15.08 16.42 -5.57
C ALA B 80 14.15 15.21 -5.37
N LYS B 81 13.28 15.28 -4.36
CA LYS B 81 12.27 14.25 -4.12
C LYS B 81 11.06 14.41 -5.04
N SER B 82 10.95 15.57 -5.69
CA SER B 82 9.84 15.86 -6.59
C SER B 82 10.13 15.30 -7.98
N SER B 83 9.10 15.25 -8.82
CA SER B 83 9.26 14.75 -10.19
C SER B 83 9.15 15.90 -11.22
N GLU B 84 9.28 17.13 -10.72
CA GLU B 84 9.30 18.32 -11.55
C GLU B 84 10.69 18.99 -11.44
N SER B 85 11.14 19.60 -12.53
CA SER B 85 12.46 20.22 -12.58
C SER B 85 12.49 21.58 -11.88
N ILE B 86 13.57 21.84 -11.15
CA ILE B 86 13.81 23.14 -10.51
C ILE B 86 14.47 24.11 -11.49
N ASP B 87 14.94 23.59 -12.63
CA ASP B 87 15.58 24.41 -13.65
C ASP B 87 14.56 25.39 -14.26
N GLY B 88 14.90 26.68 -14.23
CA GLY B 88 14.06 27.73 -14.80
C GLY B 88 13.02 28.30 -13.87
N SER B 89 13.02 27.81 -12.62
CA SER B 89 12.09 28.26 -11.60
C SER B 89 12.59 29.52 -10.88
N GLU B 90 11.70 30.13 -10.11
CA GLU B 90 12.07 31.26 -9.28
C GLU B 90 11.86 30.91 -7.81
N LEU B 91 12.70 31.50 -6.95
CA LEU B 91 12.70 31.20 -5.53
C LEU B 91 12.31 32.44 -4.73
N PHE B 92 11.24 32.30 -3.93
CA PHE B 92 10.82 33.36 -3.01
C PHE B 92 11.29 33.02 -1.61
N CYS B 93 12.15 33.88 -1.06
CA CYS B 93 12.74 33.68 0.25
C CYS B 93 12.38 34.82 1.19
N THR B 94 12.15 34.48 2.45
CA THR B 94 11.90 35.50 3.47
C THR B 94 13.21 36.22 3.80
N HIS B 95 14.31 35.49 3.70
CA HIS B 95 15.64 36.04 3.95
C HIS B 95 16.57 35.69 2.82
N SER B 96 17.61 36.52 2.67
CA SER B 96 18.64 36.28 1.66
C SER B 96 19.39 34.98 1.99
N PRO B 97 19.47 34.08 1.00
CA PRO B 97 20.17 32.81 1.18
C PRO B 97 21.65 32.99 1.54
N CYS B 98 22.18 32.09 2.36
CA CYS B 98 23.60 32.08 2.71
C CYS B 98 24.45 31.67 1.50
N PRO B 99 25.75 32.04 1.49
CA PRO B 99 26.69 31.69 0.41
C PRO B 99 26.69 30.21 -0.01
N ASP B 100 26.60 29.28 0.95
CA ASP B 100 26.60 27.85 0.69
CA ASP B 100 26.62 27.86 0.64
C ASP B 100 25.34 27.44 -0.10
N CYS B 101 24.19 27.96 0.33
CA CYS B 101 22.93 27.68 -0.35
C CYS B 101 22.87 28.34 -1.73
N SER B 102 23.33 29.60 -1.80
CA SER B 102 23.38 30.37 -3.05
C SER B 102 24.15 29.67 -4.15
N LYS B 103 25.22 29.00 -3.76
CA LYS B 103 26.05 28.20 -4.66
C LYS B 103 25.22 27.08 -5.30
N MET B 104 24.42 26.40 -4.48
CA MET B 104 23.56 25.29 -4.93
C MET B 104 22.35 25.78 -5.74
N ILE B 105 21.77 26.89 -5.28
CA ILE B 105 20.65 27.54 -5.97
C ILE B 105 21.03 27.88 -7.41
N ALA B 106 22.23 28.43 -7.59
CA ALA B 106 22.72 28.83 -8.92
C ALA B 106 22.99 27.63 -9.82
N GLN B 107 23.57 26.57 -9.26
CA GLN B 107 23.84 25.34 -10.00
C GLN B 107 22.55 24.58 -10.34
N ALA B 108 21.49 24.88 -9.58
CA ALA B 108 20.17 24.28 -9.81
C ALA B 108 19.43 24.89 -11.01
N GLY B 109 19.95 26.01 -11.52
CA GLY B 109 19.34 26.67 -12.68
C GLY B 109 18.16 27.55 -12.32
N VAL B 110 18.15 28.03 -11.08
CA VAL B 110 17.13 28.96 -10.62
C VAL B 110 17.38 30.31 -11.28
N LYS B 111 16.36 30.81 -11.95
CA LYS B 111 16.44 32.03 -12.75
C LYS B 111 16.63 33.26 -11.86
N LYS B 112 15.82 33.35 -10.82
CA LYS B 112 15.73 34.55 -10.01
C LYS B 112 15.43 34.21 -8.55
N VAL B 113 15.98 35.01 -7.64
CA VAL B 113 15.71 34.88 -6.22
C VAL B 113 15.11 36.18 -5.67
N TYR B 114 13.94 36.07 -5.04
CA TYR B 114 13.31 37.19 -4.35
C TYR B 114 13.51 37.05 -2.85
N TYR B 115 13.90 38.14 -2.19
CA TYR B 115 14.05 38.15 -0.73
C TYR B 115 13.41 39.38 -0.07
N ARG B 116 13.02 39.26 1.19
CA ARG B 116 12.41 40.37 1.91
C ARG B 116 13.34 41.00 2.96
N ASN B 117 13.96 40.17 3.79
CA ASN B 117 14.88 40.65 4.82
C ASN B 117 16.32 40.22 4.55
N GLU B 118 17.28 41.02 4.98
CA GLU B 118 18.69 40.66 4.94
C GLU B 118 19.02 39.64 6.04
N TYR B 119 19.77 38.61 5.65
CA TYR B 119 20.38 37.67 6.60
C TYR B 119 21.74 38.23 7.07
N ARG B 120 22.10 37.94 8.32
CA ARG B 120 23.36 38.44 8.93
C ARG B 120 24.58 38.39 7.99
N ILE B 121 24.70 37.29 7.25
CA ILE B 121 25.70 37.16 6.17
C ILE B 121 25.05 37.54 4.84
N THR B 122 25.36 38.73 4.35
CA THR B 122 24.74 39.27 3.13
C THR B 122 25.48 38.88 1.85
N ASP B 123 26.63 38.23 1.99
CA ASP B 123 27.47 37.87 0.84
C ASP B 123 26.77 36.97 -0.17
N GLY B 124 25.74 36.27 0.30
CA GLY B 124 24.96 35.34 -0.51
C GLY B 124 24.35 36.03 -1.72
N ILE B 125 23.97 37.29 -1.55
CA ILE B 125 23.46 38.10 -2.65
C ILE B 125 24.50 38.20 -3.76
N ASP B 126 25.76 38.43 -3.38
CA ASP B 126 26.87 38.57 -4.34
C ASP B 126 27.15 37.27 -5.08
N VAL B 127 27.21 36.18 -4.33
CA VAL B 127 27.36 34.83 -4.89
C VAL B 127 26.32 34.54 -5.97
N LEU B 128 25.06 34.86 -5.68
CA LEU B 128 23.97 34.61 -6.61
C LEU B 128 24.15 35.34 -7.94
N GLN B 129 24.43 36.65 -7.84
CA GLN B 129 24.61 37.50 -9.01
C GLN B 129 25.88 37.16 -9.79
N GLN B 130 26.96 36.83 -9.07
CA GLN B 130 28.22 36.43 -9.71
C GLN B 130 28.02 35.20 -10.60
N LEU B 131 27.05 34.36 -10.23
CA LEU B 131 26.81 33.11 -10.95
C LEU B 131 25.63 33.22 -11.92
N GLY B 132 25.14 34.43 -12.12
CA GLY B 132 24.14 34.70 -13.14
C GLY B 132 22.72 34.44 -12.68
N VAL B 133 22.45 34.73 -11.41
CA VAL B 133 21.11 34.62 -10.85
C VAL B 133 20.61 36.00 -10.45
N GLU B 134 19.45 36.38 -10.96
CA GLU B 134 18.86 37.69 -10.71
C GLU B 134 18.33 37.78 -9.28
N VAL B 135 18.56 38.92 -8.63
CA VAL B 135 18.13 39.11 -7.25
C VAL B 135 17.27 40.38 -7.11
N GLU B 136 16.11 40.23 -6.47
CA GLU B 136 15.20 41.35 -6.21
C GLU B 136 14.75 41.40 -4.76
N LYS B 137 14.89 42.57 -4.14
CA LYS B 137 14.32 42.80 -2.81
C LYS B 137 12.92 43.40 -2.95
N MET B 138 11.97 42.83 -2.22
CA MET B 138 10.59 43.34 -2.20
C MET B 138 10.05 43.45 -0.77
N HIS C 3 0.16 14.82 -40.71
CA HIS C 3 0.21 14.58 -39.30
C HIS C 3 -1.19 14.55 -38.87
N MET C 4 -2.00 13.74 -39.50
CA MET C 4 -3.38 13.71 -39.12
C MET C 4 -4.06 13.71 -40.39
N LYS C 5 -3.60 12.88 -41.29
CA LYS C 5 -4.43 12.67 -42.47
C LYS C 5 -5.81 12.11 -42.12
N PRO C 6 -6.78 12.22 -43.05
CA PRO C 6 -8.16 11.82 -42.81
C PRO C 6 -8.37 10.44 -42.18
N GLU C 7 -7.56 9.46 -42.55
CA GLU C 7 -7.80 8.08 -42.09
C GLU C 7 -7.52 7.84 -40.59
N ILE C 8 -6.47 8.45 -40.05
CA ILE C 8 -6.21 8.35 -38.60
C ILE C 8 -7.13 9.28 -37.81
N LYS C 9 -7.55 10.36 -38.45
CA LYS C 9 -8.51 11.31 -37.87
C LYS C 9 -9.88 10.62 -37.73
N GLU C 10 -10.23 9.80 -38.71
CA GLU C 10 -11.43 8.95 -38.65
C GLU C 10 -11.29 7.87 -37.56
N ALA C 11 -10.09 7.33 -37.41
CA ALA C 11 -9.81 6.28 -36.42
C ALA C 11 -10.05 6.76 -34.98
N TYR C 12 -9.62 8.00 -34.69
CA TYR C 12 -9.81 8.60 -33.37
C TYR C 12 -11.29 8.88 -33.10
N MET C 13 -12.00 9.34 -34.12
CA MET C 13 -13.44 9.57 -34.02
C MET C 13 -14.19 8.25 -33.79
N LYS C 14 -13.78 7.18 -34.47
CA LYS C 14 -14.41 5.87 -34.30
C LYS C 14 -14.10 5.25 -32.94
N THR C 15 -12.94 5.61 -32.38
CA THR C 15 -12.56 5.20 -31.04
C THR C 15 -13.48 5.90 -30.03
N ALA C 16 -13.74 7.19 -30.27
CA ALA C 16 -14.73 7.92 -29.46
C ALA C 16 -16.10 7.24 -29.51
N GLU C 17 -16.50 6.80 -30.71
CA GLU C 17 -17.79 6.13 -30.90
C GLU C 17 -17.82 4.76 -30.21
N LEU C 18 -16.68 4.07 -30.22
CA LEU C 18 -16.52 2.80 -29.53
C LEU C 18 -16.65 2.94 -28.01
N PHE C 19 -16.03 3.97 -27.46
CA PHE C 19 -16.08 4.21 -26.01
C PHE C 19 -17.39 4.84 -25.53
N SER C 20 -18.17 5.37 -26.47
CA SER C 20 -19.49 5.90 -26.13
C SER C 20 -20.46 4.75 -25.86
N GLN C 21 -20.21 3.59 -26.48
CA GLN C 21 -21.11 2.45 -26.36
C GLN C 21 -21.04 1.73 -25.02
N VAL C 22 -19.96 1.92 -24.27
CA VAL C 22 -19.85 1.31 -22.95
C VAL C 22 -20.68 2.05 -21.90
N SER C 23 -21.21 3.22 -22.29
CA SER C 23 -22.10 4.00 -21.45
C SER C 23 -23.42 3.28 -21.19
N ASN C 24 -23.89 3.36 -19.93
CA ASN C 24 -25.19 2.79 -19.55
C ASN C 24 -26.34 3.76 -19.75
N CYS C 25 -26.02 4.96 -20.27
CA CYS C 25 -26.99 6.03 -20.52
CA CYS C 25 -26.93 6.11 -20.53
C CYS C 25 -28.04 5.61 -21.54
N LYS C 26 -29.24 6.15 -21.38
CA LYS C 26 -30.36 5.85 -22.27
C LYS C 26 -30.77 7.03 -23.16
N ARG C 27 -30.66 8.25 -22.63
CA ARG C 27 -31.00 9.46 -23.40
C ARG C 27 -30.03 9.63 -24.57
N MET C 28 -28.73 9.52 -24.26
CA MET C 28 -27.67 9.71 -25.24
C MET C 28 -26.36 9.12 -24.74
N LYS C 29 -25.70 8.34 -25.59
CA LYS C 29 -24.39 7.76 -25.27
C LYS C 29 -23.29 8.62 -25.88
N VAL C 30 -22.48 9.24 -25.02
CA VAL C 30 -21.45 10.20 -25.45
C VAL C 30 -20.05 9.72 -25.06
N GLY C 31 -19.09 9.95 -25.96
CA GLY C 31 -17.70 9.56 -25.72
C GLY C 31 -16.72 10.64 -26.13
N ALA C 32 -15.62 10.76 -25.38
CA ALA C 32 -14.61 11.79 -25.65
C ALA C 32 -13.18 11.25 -25.49
N ILE C 33 -12.33 11.54 -26.47
CA ILE C 33 -10.95 11.06 -26.51
C ILE C 33 -9.97 12.24 -26.52
N VAL C 34 -8.98 12.20 -25.62
CA VAL C 34 -7.89 13.18 -25.63
C VAL C 34 -6.72 12.60 -26.42
N VAL C 35 -6.28 13.34 -27.44
CA VAL C 35 -5.20 12.89 -28.33
C VAL C 35 -4.09 13.94 -28.35
N LYS C 36 -2.87 13.50 -28.06
CA LYS C 36 -1.70 14.38 -28.13
C LYS C 36 -0.49 13.66 -28.72
N ASN C 37 0.13 14.28 -29.73
CA ASN C 37 1.31 13.74 -30.42
C ASN C 37 1.11 12.30 -30.91
N GLY C 38 -0.02 12.07 -31.56
CA GLY C 38 -0.37 10.74 -32.04
C GLY C 38 -0.45 9.69 -30.95
N SER C 39 -0.90 10.09 -29.76
CA SER C 39 -1.13 9.16 -28.66
C SER C 39 -2.43 9.48 -27.94
N ILE C 40 -3.28 8.47 -27.73
CA ILE C 40 -4.48 8.62 -26.93
C ILE C 40 -4.07 8.72 -25.46
N LEU C 41 -4.58 9.73 -24.76
CA LEU C 41 -4.21 9.96 -23.35
C LEU C 41 -5.33 9.67 -22.36
N ALA C 42 -6.56 10.00 -22.74
CA ALA C 42 -7.72 9.70 -21.90
C ALA C 42 -8.94 9.35 -22.75
N HIS C 43 -9.78 8.48 -22.24
CA HIS C 43 -11.04 8.16 -22.85
C HIS C 43 -12.17 8.24 -21.84
N GLY C 44 -13.13 9.10 -22.11
CA GLY C 44 -14.22 9.36 -21.18
C GLY C 44 -15.57 9.13 -21.80
N TRP C 45 -16.51 8.67 -20.98
CA TRP C 45 -17.91 8.56 -21.39
C TRP C 45 -18.81 9.07 -20.28
N ASN C 46 -20.03 9.47 -20.64
CA ASN C 46 -21.00 9.90 -19.65
C ASN C 46 -21.46 8.75 -18.74
N GLY C 47 -21.58 9.04 -17.44
CA GLY C 47 -22.07 8.06 -16.47
C GLY C 47 -22.07 8.61 -15.06
N THR C 48 -22.71 7.89 -14.14
CA THR C 48 -22.65 8.21 -12.72
C THR C 48 -21.20 8.08 -12.23
N PRO C 49 -20.86 8.72 -11.09
CA PRO C 49 -19.50 8.67 -10.53
C PRO C 49 -19.04 7.25 -10.15
N SER C 50 -17.72 7.08 -9.97
CA SER C 50 -17.15 5.78 -9.60
C SER C 50 -17.69 5.30 -8.26
N GLY C 51 -18.23 4.08 -8.25
CA GLY C 51 -18.74 3.46 -7.04
C GLY C 51 -20.06 4.04 -6.57
N PHE C 52 -20.78 4.70 -7.48
CA PHE C 52 -22.10 5.26 -7.20
C PHE C 52 -23.10 4.12 -7.06
N HIS C 53 -24.15 4.33 -6.28
CA HIS C 53 -25.09 3.25 -5.94
C HIS C 53 -25.81 2.64 -7.15
N THR C 54 -25.93 3.41 -8.24
CA THR C 54 -26.56 2.95 -9.47
C THR C 54 -25.76 3.35 -10.71
N ASN C 55 -25.96 2.64 -11.82
CA ASN C 55 -25.34 2.98 -13.10
C ASN C 55 -26.30 3.74 -14.01
N CYS C 56 -27.58 3.77 -13.62
CA CYS C 56 -28.61 4.47 -14.39
C CYS C 56 -28.34 5.97 -14.38
N CYS C 57 -28.43 6.55 -15.56
CA CYS C 57 -28.04 7.90 -15.83
C CYS C 57 -29.18 8.84 -15.65
N GLU C 58 -30.39 8.35 -15.58
CA GLU C 58 -31.57 9.20 -15.50
C GLU C 58 -32.49 8.93 -14.33
N LEU C 59 -33.11 10.01 -13.85
CA LEU C 59 -34.19 9.96 -12.88
C LEU C 59 -35.49 9.47 -13.53
N GLU C 60 -36.56 9.42 -12.78
CA GLU C 60 -37.88 9.07 -13.29
C GLU C 60 -38.59 10.24 -13.87
N ASP C 61 -37.82 11.28 -14.12
CA ASP C 61 -38.26 12.62 -14.43
C ASP C 61 -38.71 12.96 -15.81
N GLY C 62 -38.18 12.37 -16.85
CA GLY C 62 -37.02 11.56 -16.84
C GLY C 62 -35.91 12.37 -17.43
N SER C 63 -35.34 13.20 -16.62
CA SER C 63 -34.23 14.02 -16.95
C SER C 63 -32.99 13.30 -16.47
N THR C 64 -31.81 13.76 -16.85
CA THR C 64 -30.55 13.13 -16.46
C THR C 64 -30.18 13.49 -15.01
N ASN C 65 -29.86 12.47 -14.22
CA ASN C 65 -29.41 12.64 -12.84
C ASN C 65 -28.27 13.67 -12.78
N PRO C 66 -28.44 14.72 -11.95
CA PRO C 66 -27.40 15.73 -11.79
C PRO C 66 -26.06 15.18 -11.28
N PHE C 67 -26.05 13.93 -10.81
CA PHE C 67 -24.81 13.27 -10.37
C PHE C 67 -23.92 12.79 -11.51
N VAL C 68 -24.51 12.57 -12.69
CA VAL C 68 -23.74 12.01 -13.80
C VAL C 68 -22.70 13.00 -14.34
N LEU C 69 -21.57 12.44 -14.74
CA LEU C 69 -20.49 13.22 -15.31
C LEU C 69 -20.57 13.08 -16.82
N HIS C 70 -20.44 14.22 -17.51
CA HIS C 70 -20.38 14.25 -18.96
C HIS C 70 -19.10 13.57 -19.44
N ALA C 71 -19.11 13.07 -20.67
CA ALA C 71 -17.94 12.45 -21.27
C ALA C 71 -16.72 13.37 -21.26
N GLU C 72 -16.95 14.68 -21.46
CA GLU C 72 -15.87 15.66 -21.48
C GLU C 72 -15.32 15.90 -20.08
N GLN C 73 -16.23 15.91 -19.10
CA GLN C 73 -15.86 16.05 -17.69
C GLN C 73 -14.98 14.88 -17.27
N ASN C 74 -15.40 13.67 -17.64
CA ASN C 74 -14.66 12.47 -17.30
C ASN C 74 -13.28 12.43 -17.93
N ALA C 75 -13.18 12.91 -19.17
CA ALA C 75 -11.90 13.01 -19.87
C ALA C 75 -11.01 14.07 -19.22
N LEU C 76 -11.63 15.16 -18.77
CA LEU C 76 -10.95 16.24 -18.09
C LEU C 76 -10.40 15.76 -16.74
N VAL C 77 -11.23 15.03 -16.01
CA VAL C 77 -10.87 14.51 -14.68
C VAL C 77 -9.77 13.47 -14.78
N LYS C 78 -9.83 12.69 -15.86
CA LYS C 78 -8.84 11.66 -16.14
C LYS C 78 -7.47 12.28 -16.43
N MET C 79 -7.46 13.41 -17.14
CA MET C 79 -6.21 14.11 -17.46
C MET C 79 -5.56 14.71 -16.21
N ALA C 80 -6.40 15.05 -15.23
CA ALA C 80 -5.93 15.53 -13.94
C ALA C 80 -5.31 14.41 -13.10
N LYS C 81 -5.81 13.19 -13.29
CA LYS C 81 -5.30 12.01 -12.59
C LYS C 81 -4.08 11.40 -13.29
N SER C 82 -3.83 11.85 -14.51
CA SER C 82 -2.74 11.32 -15.35
C SER C 82 -1.41 12.04 -15.08
N SER C 83 -0.34 11.51 -15.66
CA SER C 83 0.99 12.11 -15.56
C SER C 83 1.34 12.92 -16.81
N GLU C 84 0.36 13.10 -17.70
CA GLU C 84 0.53 13.86 -18.94
C GLU C 84 -0.35 15.12 -18.94
N SER C 85 0.06 16.13 -19.69
CA SER C 85 -0.62 17.41 -19.76
C SER C 85 -1.65 17.43 -20.87
N ILE C 86 -2.80 18.05 -20.60
CA ILE C 86 -3.85 18.20 -21.60
C ILE C 86 -3.57 19.43 -22.48
N ASP C 87 -2.61 20.25 -22.05
CA ASP C 87 -2.25 21.48 -22.76
C ASP C 87 -1.65 21.19 -24.14
N GLY C 88 -2.32 21.71 -25.18
CA GLY C 88 -1.87 21.54 -26.56
C GLY C 88 -2.38 20.29 -27.25
N SER C 89 -3.26 19.55 -26.56
CA SER C 89 -3.85 18.33 -27.11
C SER C 89 -5.09 18.65 -27.96
N GLU C 90 -5.65 17.60 -28.56
CA GLU C 90 -6.90 17.70 -29.31
C GLU C 90 -7.92 16.75 -28.72
N LEU C 91 -9.20 17.10 -28.87
CA LEU C 91 -10.29 16.33 -28.27
C LEU C 91 -11.24 15.82 -29.34
N PHE C 92 -11.48 14.51 -29.32
CA PHE C 92 -12.42 13.89 -30.25
C PHE C 92 -13.68 13.49 -29.50
N CYS C 93 -14.77 14.20 -29.79
CA CYS C 93 -16.05 13.98 -29.14
C CYS C 93 -17.08 13.44 -30.13
N THR C 94 -17.96 12.57 -29.64
CA THR C 94 -19.08 12.08 -30.44
C THR C 94 -20.12 13.18 -30.61
N HIS C 95 -20.27 13.98 -29.57
CA HIS C 95 -21.20 15.10 -29.58
C HIS C 95 -20.49 16.38 -29.16
N SER C 96 -20.94 17.50 -29.72
CA SER C 96 -20.42 18.80 -29.35
C SER C 96 -20.63 19.04 -27.86
N PRO C 97 -19.56 19.45 -27.15
CA PRO C 97 -19.61 19.72 -25.72
C PRO C 97 -20.61 20.82 -25.36
N CYS C 98 -21.14 20.75 -24.14
CA CYS C 98 -22.04 21.75 -23.61
C CYS C 98 -21.25 23.00 -23.23
N PRO C 99 -21.93 24.16 -23.10
CA PRO C 99 -21.28 25.42 -22.75
C PRO C 99 -20.38 25.34 -21.50
N ASP C 100 -20.85 24.64 -20.47
CA ASP C 100 -20.10 24.52 -19.21
CA ASP C 100 -20.08 24.54 -19.22
C ASP C 100 -18.79 23.75 -19.41
N CYS C 101 -18.87 22.67 -20.18
CA CYS C 101 -17.68 21.85 -20.48
C CYS C 101 -16.71 22.60 -21.39
N SER C 102 -17.24 23.21 -22.45
CA SER C 102 -16.46 23.98 -23.42
C SER C 102 -15.62 25.06 -22.76
N LYS C 103 -16.14 25.62 -21.67
CA LYS C 103 -15.45 26.63 -20.88
C LYS C 103 -14.18 26.06 -20.24
N MET C 104 -14.29 24.84 -19.70
CA MET C 104 -13.16 24.20 -19.04
C MET C 104 -12.17 23.66 -20.06
N ILE C 105 -12.70 23.15 -21.17
CA ILE C 105 -11.89 22.62 -22.27
C ILE C 105 -10.95 23.70 -22.80
N ALA C 106 -11.49 24.91 -22.98
CA ALA C 106 -10.72 26.03 -23.49
C ALA C 106 -9.61 26.45 -22.52
N GLN C 107 -9.95 26.49 -21.23
CA GLN C 107 -9.01 26.88 -20.20
C GLN C 107 -7.93 25.80 -20.00
N ALA C 108 -8.22 24.60 -20.47
CA ALA C 108 -7.30 23.46 -20.38
C ALA C 108 -6.18 23.54 -21.41
N GLY C 109 -6.37 24.35 -22.44
CA GLY C 109 -5.35 24.54 -23.49
C GLY C 109 -5.49 23.60 -24.68
N VAL C 110 -6.65 22.96 -24.78
CA VAL C 110 -6.98 22.10 -25.91
C VAL C 110 -7.05 22.99 -27.14
N LYS C 111 -6.24 22.67 -28.14
CA LYS C 111 -6.19 23.51 -29.34
C LYS C 111 -7.39 23.30 -30.27
N LYS C 112 -7.92 22.09 -30.33
CA LYS C 112 -8.96 21.76 -31.30
C LYS C 112 -9.92 20.68 -30.82
N VAL C 113 -11.21 20.91 -31.06
CA VAL C 113 -12.25 19.94 -30.73
C VAL C 113 -12.92 19.42 -31.99
N TYR C 114 -12.91 18.10 -32.17
CA TYR C 114 -13.63 17.45 -33.26
C TYR C 114 -14.94 16.88 -32.72
N TYR C 115 -16.02 17.05 -33.49
CA TYR C 115 -17.31 16.46 -33.10
C TYR C 115 -18.07 15.90 -34.31
N ARG C 116 -18.93 14.90 -34.07
CA ARG C 116 -19.69 14.27 -35.14
C ARG C 116 -21.15 14.70 -35.18
N ASN C 117 -21.79 14.73 -34.02
CA ASN C 117 -23.20 15.11 -33.90
C ASN C 117 -23.38 16.33 -32.99
N GLU C 118 -24.43 17.11 -33.26
CA GLU C 118 -24.79 18.23 -32.39
C GLU C 118 -25.49 17.79 -31.11
N TYR C 119 -25.11 18.42 -29.99
CA TYR C 119 -25.86 18.35 -28.73
C TYR C 119 -27.04 19.33 -28.79
N ARG C 120 -28.11 19.03 -28.05
CA ARG C 120 -29.30 19.90 -27.99
C ARG C 120 -28.98 21.37 -27.71
N ILE C 121 -27.99 21.61 -26.84
CA ILE C 121 -27.46 22.95 -26.64
C ILE C 121 -26.26 23.16 -27.56
N THR C 122 -26.51 23.88 -28.64
CA THR C 122 -25.53 24.08 -29.70
C THR C 122 -24.54 25.21 -29.39
N ASP C 123 -24.83 25.97 -28.32
CA ASP C 123 -24.03 27.14 -27.94
C ASP C 123 -22.60 26.81 -27.54
N GLY C 124 -22.36 25.54 -27.21
CA GLY C 124 -21.03 25.07 -26.85
C GLY C 124 -20.01 25.34 -27.95
N ILE C 125 -20.44 25.16 -29.20
CA ILE C 125 -19.59 25.40 -30.36
C ILE C 125 -19.11 26.86 -30.38
N ASP C 126 -20.05 27.78 -30.15
CA ASP C 126 -19.73 29.21 -30.09
C ASP C 126 -18.75 29.52 -28.96
N VAL C 127 -19.00 28.93 -27.79
CA VAL C 127 -18.14 29.11 -26.61
C VAL C 127 -16.69 28.70 -26.89
N LEU C 128 -16.51 27.52 -27.51
CA LEU C 128 -15.18 27.03 -27.87
C LEU C 128 -14.47 27.98 -28.82
N GLN C 129 -15.16 28.39 -29.88
CA GLN C 129 -14.57 29.26 -30.89
C GLN C 129 -14.27 30.63 -30.32
N GLN C 130 -15.16 31.14 -29.48
CA GLN C 130 -14.98 32.47 -28.88
C GLN C 130 -13.87 32.52 -27.84
N LEU C 131 -13.31 31.36 -27.52
CA LEU C 131 -12.21 31.27 -26.55
C LEU C 131 -10.91 30.80 -27.18
N GLY C 132 -10.87 30.78 -28.51
CA GLY C 132 -9.64 30.47 -29.25
C GLY C 132 -9.38 28.98 -29.40
N VAL C 133 -10.45 28.20 -29.46
CA VAL C 133 -10.33 26.77 -29.69
C VAL C 133 -10.96 26.44 -31.05
N GLU C 134 -10.18 25.80 -31.91
CA GLU C 134 -10.65 25.41 -33.23
C GLU C 134 -11.71 24.31 -33.13
N VAL C 135 -12.69 24.36 -34.03
CA VAL C 135 -13.79 23.39 -34.06
C VAL C 135 -14.00 22.83 -35.47
N GLU C 136 -14.03 21.51 -35.58
CA GLU C 136 -14.27 20.85 -36.86
C GLU C 136 -15.33 19.75 -36.73
N LYS C 137 -16.34 19.79 -37.60
CA LYS C 137 -17.34 18.73 -37.63
C LYS C 137 -16.97 17.71 -38.71
N MET C 138 -16.94 16.44 -38.32
CA MET C 138 -16.63 15.36 -39.26
C MET C 138 -17.67 14.25 -39.25
N HIS D 3 28.26 19.91 -22.59
CA HIS D 3 28.21 19.28 -23.94
C HIS D 3 29.11 18.03 -24.04
N MET D 4 28.85 17.20 -25.05
CA MET D 4 29.59 15.94 -25.27
C MET D 4 31.04 16.16 -25.68
N LYS D 5 31.90 16.32 -24.68
CA LYS D 5 33.34 16.47 -24.87
C LYS D 5 34.01 15.09 -24.88
N PRO D 6 35.17 14.96 -25.57
CA PRO D 6 35.95 13.72 -25.67
C PRO D 6 36.20 12.99 -24.35
N GLU D 7 36.32 13.76 -23.26
CA GLU D 7 36.57 13.20 -21.93
C GLU D 7 35.35 12.43 -21.41
N ILE D 8 34.19 13.07 -21.51
CA ILE D 8 32.94 12.50 -20.99
C ILE D 8 32.34 11.46 -21.95
N LYS D 9 32.70 11.56 -23.22
CA LYS D 9 32.28 10.61 -24.26
C LYS D 9 32.95 9.27 -24.02
N GLU D 10 34.24 9.34 -23.67
CA GLU D 10 35.01 8.17 -23.26
C GLU D 10 34.42 7.57 -21.98
N ALA D 11 33.99 8.43 -21.07
CA ALA D 11 33.40 8.01 -19.80
C ALA D 11 32.11 7.20 -20.01
N TYR D 12 31.29 7.60 -20.98
CA TYR D 12 30.07 6.86 -21.31
C TYR D 12 30.34 5.53 -21.99
N MET D 13 31.36 5.50 -22.87
CA MET D 13 31.75 4.26 -23.54
C MET D 13 32.35 3.26 -22.56
N LYS D 14 33.16 3.75 -21.62
CA LYS D 14 33.75 2.89 -20.61
C LYS D 14 32.71 2.36 -19.61
N THR D 15 31.66 3.15 -19.36
CA THR D 15 30.53 2.73 -18.53
C THR D 15 29.78 1.60 -19.23
N ALA D 16 29.60 1.74 -20.54
CA ALA D 16 29.02 0.68 -21.37
C ALA D 16 29.85 -0.59 -21.28
N GLU D 17 31.18 -0.43 -21.22
CA GLU D 17 32.08 -1.57 -21.10
C GLU D 17 32.02 -2.23 -19.72
N LEU D 18 31.73 -1.43 -18.70
CA LEU D 18 31.58 -1.93 -17.33
C LEU D 18 30.36 -2.82 -17.18
N PHE D 19 29.24 -2.38 -17.77
CA PHE D 19 27.99 -3.14 -17.68
C PHE D 19 27.95 -4.37 -18.60
N SER D 20 28.78 -4.37 -19.64
CA SER D 20 28.92 -5.57 -20.49
C SER D 20 29.56 -6.71 -19.72
N GLN D 21 30.47 -6.38 -18.80
CA GLN D 21 31.13 -7.38 -17.96
C GLN D 21 30.16 -8.09 -16.98
N VAL D 22 28.95 -7.56 -16.82
CA VAL D 22 27.94 -8.15 -15.94
C VAL D 22 27.26 -9.35 -16.59
N SER D 23 27.26 -9.38 -17.92
CA SER D 23 26.67 -10.48 -18.68
C SER D 23 27.36 -11.82 -18.37
N ASN D 24 26.55 -12.88 -18.34
CA ASN D 24 27.05 -14.24 -18.12
C ASN D 24 27.36 -14.97 -19.42
N CYS D 25 27.27 -14.21 -20.52
CA CYS D 25 27.52 -14.75 -21.86
CA CYS D 25 27.52 -14.75 -21.86
CA CYS D 25 27.54 -14.70 -21.85
C CYS D 25 28.97 -15.19 -22.04
N LYS D 26 29.15 -16.26 -22.83
CA LYS D 26 30.50 -16.77 -23.10
C LYS D 26 30.99 -16.50 -24.53
N ARG D 27 30.07 -16.36 -25.48
CA ARG D 27 30.39 -16.02 -26.87
C ARG D 27 30.83 -14.57 -27.00
N MET D 28 30.01 -13.66 -26.50
CA MET D 28 30.34 -12.22 -26.51
C MET D 28 29.58 -11.47 -25.41
N LYS D 29 30.32 -10.65 -24.66
CA LYS D 29 29.73 -9.80 -23.62
C LYS D 29 29.45 -8.40 -24.16
N VAL D 30 28.16 -8.06 -24.25
CA VAL D 30 27.73 -6.81 -24.88
C VAL D 30 26.99 -5.89 -23.89
N GLY D 31 27.27 -4.60 -23.98
CA GLY D 31 26.63 -3.60 -23.12
C GLY D 31 26.19 -2.36 -23.89
N ALA D 32 24.95 -1.95 -23.62
CA ALA D 32 24.38 -0.74 -24.23
C ALA D 32 23.83 0.20 -23.16
N ILE D 33 24.18 1.48 -23.28
CA ILE D 33 23.78 2.50 -22.32
C ILE D 33 23.02 3.62 -23.02
N VAL D 34 21.96 4.11 -22.38
CA VAL D 34 21.14 5.20 -22.91
C VAL D 34 21.46 6.49 -22.18
N VAL D 35 21.88 7.51 -22.93
CA VAL D 35 22.31 8.78 -22.35
C VAL D 35 21.45 9.93 -22.88
N LYS D 36 20.90 10.71 -21.96
CA LYS D 36 20.09 11.87 -22.32
C LYS D 36 20.26 12.93 -21.25
N ASN D 37 20.71 14.12 -21.68
CA ASN D 37 20.84 15.27 -20.78
C ASN D 37 21.57 14.94 -19.47
N GLY D 38 22.72 14.28 -19.58
CA GLY D 38 23.54 13.93 -18.41
C GLY D 38 22.91 12.91 -17.48
N SER D 39 22.14 12.00 -18.06
CA SER D 39 21.47 10.97 -17.28
C SER D 39 21.53 9.62 -17.99
N ILE D 40 22.01 8.60 -17.28
CA ILE D 40 22.02 7.24 -17.80
C ILE D 40 20.70 6.55 -17.44
N LEU D 41 19.77 6.57 -18.39
CA LEU D 41 18.39 6.18 -18.10
C LEU D 41 18.23 4.67 -18.10
N ALA D 42 19.13 3.99 -18.82
CA ALA D 42 19.07 2.54 -18.92
C ALA D 42 20.45 1.99 -19.21
N HIS D 43 20.69 0.79 -18.72
CA HIS D 43 21.89 0.07 -19.01
C HIS D 43 21.54 -1.39 -19.22
N GLY D 44 21.73 -1.85 -20.43
CA GLY D 44 21.34 -3.20 -20.83
C GLY D 44 22.52 -4.03 -21.23
N TRP D 45 22.47 -5.32 -20.87
CA TRP D 45 23.48 -6.27 -21.32
C TRP D 45 22.76 -7.50 -21.86
N ASN D 46 23.45 -8.27 -22.69
CA ASN D 46 22.87 -9.51 -23.23
C ASN D 46 22.74 -10.59 -22.17
N GLY D 47 21.59 -11.26 -22.17
CA GLY D 47 21.34 -12.35 -21.24
C GLY D 47 19.95 -12.93 -21.43
N THR D 48 19.67 -14.03 -20.74
CA THR D 48 18.35 -14.65 -20.76
C THR D 48 17.34 -13.76 -20.01
N PRO D 49 16.03 -13.98 -20.26
CA PRO D 49 15.01 -13.17 -19.59
C PRO D 49 14.98 -13.36 -18.08
N SER D 50 14.33 -12.44 -17.38
CA SER D 50 14.21 -12.48 -15.92
C SER D 50 13.46 -13.73 -15.47
N GLY D 51 14.11 -14.50 -14.59
CA GLY D 51 13.51 -15.69 -14.01
C GLY D 51 13.46 -16.89 -14.94
N PHE D 52 14.31 -16.88 -15.96
CA PHE D 52 14.45 -17.99 -16.90
C PHE D 52 15.19 -19.13 -16.19
N HIS D 53 14.93 -20.38 -16.58
CA HIS D 53 15.53 -21.54 -15.90
C HIS D 53 17.06 -21.56 -15.86
N THR D 54 17.71 -20.91 -16.83
CA THR D 54 19.18 -20.81 -16.88
C THR D 54 19.62 -19.36 -17.13
N ASN D 55 20.77 -19.00 -16.57
CA ASN D 55 21.43 -17.75 -16.96
C ASN D 55 22.51 -17.96 -18.05
N CYS D 56 22.62 -19.17 -18.58
CA CYS D 56 23.58 -19.47 -19.65
C CYS D 56 23.01 -19.08 -21.02
N CYS D 57 23.74 -18.28 -21.79
CA CYS D 57 23.21 -17.77 -23.07
C CYS D 57 23.26 -18.73 -24.25
N GLU D 58 24.15 -19.71 -24.22
CA GLU D 58 24.33 -20.55 -25.40
C GLU D 58 23.76 -21.95 -25.25
N LEU D 59 23.27 -22.47 -26.37
CA LEU D 59 22.86 -23.86 -26.47
C LEU D 59 24.10 -24.76 -26.50
N GLU D 60 23.89 -26.05 -26.29
CA GLU D 60 24.99 -27.01 -26.35
C GLU D 60 25.58 -27.15 -27.76
N ASP D 61 24.78 -26.83 -28.78
CA ASP D 61 25.24 -26.89 -30.18
C ASP D 61 26.24 -25.78 -30.53
N GLY D 62 26.37 -24.80 -29.63
CA GLY D 62 27.32 -23.71 -29.78
C GLY D 62 26.67 -22.37 -30.09
N SER D 63 25.43 -22.40 -30.56
CA SER D 63 24.72 -21.17 -30.93
C SER D 63 24.04 -20.51 -29.73
N THR D 64 23.79 -19.20 -29.84
CA THR D 64 23.13 -18.42 -28.81
C THR D 64 21.66 -18.82 -28.68
N ASN D 65 21.22 -19.07 -27.45
CA ASN D 65 19.82 -19.34 -27.16
C ASN D 65 18.94 -18.28 -27.84
N PRO D 66 17.91 -18.71 -28.59
CA PRO D 66 16.95 -17.76 -29.16
C PRO D 66 16.13 -17.00 -28.11
N PHE D 67 16.29 -17.36 -26.83
CA PHE D 67 15.54 -16.70 -25.74
C PHE D 67 16.28 -15.50 -25.17
N VAL D 68 17.60 -15.48 -25.30
CA VAL D 68 18.41 -14.37 -24.78
C VAL D 68 18.14 -13.07 -25.54
N LEU D 69 17.99 -11.98 -24.78
CA LEU D 69 17.75 -10.66 -25.34
C LEU D 69 19.07 -9.93 -25.56
N HIS D 70 19.12 -9.16 -26.65
CA HIS D 70 20.28 -8.33 -26.96
C HIS D 70 20.44 -7.17 -25.97
N ALA D 71 21.68 -6.69 -25.82
CA ALA D 71 21.95 -5.52 -24.96
C ALA D 71 21.16 -4.28 -25.41
N GLU D 72 20.95 -4.17 -26.72
CA GLU D 72 20.12 -3.10 -27.29
C GLU D 72 18.64 -3.32 -26.97
N GLN D 73 18.19 -4.58 -27.05
CA GLN D 73 16.82 -4.94 -26.71
C GLN D 73 16.51 -4.63 -25.24
N ASN D 74 17.38 -5.12 -24.35
CA ASN D 74 17.19 -4.90 -22.92
C ASN D 74 17.12 -3.41 -22.54
N ALA D 75 17.96 -2.61 -23.19
CA ALA D 75 17.97 -1.16 -23.02
C ALA D 75 16.67 -0.53 -23.51
N LEU D 76 16.20 -1.00 -24.66
CA LEU D 76 14.94 -0.57 -25.25
C LEU D 76 13.77 -0.92 -24.33
N VAL D 77 13.79 -2.17 -23.83
CA VAL D 77 12.77 -2.71 -22.92
C VAL D 77 12.76 -1.97 -21.57
N LYS D 78 13.95 -1.60 -21.10
CA LYS D 78 14.10 -0.82 -19.89
C LYS D 78 13.44 0.55 -20.00
N MET D 79 13.58 1.19 -21.16
CA MET D 79 13.02 2.51 -21.41
C MET D 79 11.49 2.51 -21.48
N ALA D 80 10.92 1.37 -21.87
CA ALA D 80 9.46 1.19 -21.86
C ALA D 80 8.92 0.99 -20.44
N LYS D 81 9.69 0.31 -19.59
CA LYS D 81 9.31 0.12 -18.19
C LYS D 81 9.56 1.40 -17.40
N SER D 82 10.36 2.29 -18.00
CA SER D 82 10.71 3.56 -17.38
C SER D 82 9.62 4.59 -17.66
N SER D 83 9.70 5.72 -16.97
CA SER D 83 8.77 6.82 -17.17
C SER D 83 9.44 8.02 -17.85
N GLU D 84 10.66 7.82 -18.35
CA GLU D 84 11.36 8.84 -19.14
C GLU D 84 11.38 8.43 -20.62
N SER D 85 11.45 9.43 -21.49
CA SER D 85 11.40 9.19 -22.93
C SER D 85 12.78 8.89 -23.51
N ILE D 86 12.83 7.91 -24.39
CA ILE D 86 14.06 7.55 -25.10
C ILE D 86 14.30 8.52 -26.27
N ASP D 87 13.26 9.28 -26.60
CA ASP D 87 13.30 10.19 -27.75
C ASP D 87 14.36 11.27 -27.58
N GLY D 88 15.24 11.39 -28.58
CA GLY D 88 16.29 12.41 -28.58
C GLY D 88 17.51 12.04 -27.77
N SER D 89 17.53 10.81 -27.26
CA SER D 89 18.66 10.32 -26.46
C SER D 89 19.73 9.73 -27.36
N GLU D 90 20.91 9.51 -26.78
CA GLU D 90 22.01 8.86 -27.50
C GLU D 90 22.34 7.50 -26.88
N LEU D 91 22.79 6.58 -27.72
CA LEU D 91 23.09 5.22 -27.30
C LEU D 91 24.59 4.94 -27.41
N PHE D 92 25.17 4.45 -26.32
CA PHE D 92 26.55 4.00 -26.30
C PHE D 92 26.58 2.48 -26.22
N CYS D 93 27.25 1.87 -27.18
CA CYS D 93 27.28 0.42 -27.32
C CYS D 93 28.71 -0.09 -27.41
N THR D 94 28.96 -1.24 -26.81
CA THR D 94 30.27 -1.87 -26.93
C THR D 94 30.42 -2.43 -28.35
N HIS D 95 29.30 -2.92 -28.89
CA HIS D 95 29.26 -3.49 -30.23
C HIS D 95 28.17 -2.86 -31.08
N SER D 96 28.44 -2.72 -32.37
CA SER D 96 27.48 -2.16 -33.32
C SER D 96 26.22 -3.03 -33.38
N PRO D 97 25.04 -2.41 -33.21
CA PRO D 97 23.77 -3.12 -33.14
C PRO D 97 23.47 -3.95 -34.38
N CYS D 98 22.73 -5.04 -34.19
CA CYS D 98 22.27 -5.88 -35.28
C CYS D 98 21.12 -5.18 -36.02
N PRO D 99 20.85 -5.56 -37.29
CA PRO D 99 19.80 -4.95 -38.09
C PRO D 99 18.42 -4.94 -37.43
N ASP D 100 18.10 -6.01 -36.69
CA ASP D 100 16.80 -6.12 -36.04
C ASP D 100 16.65 -5.11 -34.91
N CYS D 101 17.71 -4.92 -34.12
CA CYS D 101 17.73 -3.90 -33.07
C CYS D 101 17.80 -2.48 -33.64
N SER D 102 18.61 -2.31 -34.69
CA SER D 102 18.80 -1.00 -35.35
C SER D 102 17.50 -0.44 -35.93
N LYS D 103 16.60 -1.35 -36.31
CA LYS D 103 15.26 -1.00 -36.77
C LYS D 103 14.47 -0.32 -35.64
N MET D 104 14.51 -0.90 -34.44
CA MET D 104 13.76 -0.38 -33.29
C MET D 104 14.40 0.87 -32.70
N ILE D 105 15.72 0.90 -32.68
CA ILE D 105 16.48 2.05 -32.19
C ILE D 105 16.13 3.32 -32.98
N ALA D 106 16.08 3.19 -34.31
CA ALA D 106 15.73 4.31 -35.18
C ALA D 106 14.30 4.82 -34.96
N GLN D 107 13.37 3.89 -34.81
CA GLN D 107 11.96 4.21 -34.60
C GLN D 107 11.72 4.79 -33.20
N ALA D 108 12.65 4.52 -32.28
CA ALA D 108 12.60 5.06 -30.93
C ALA D 108 12.93 6.57 -30.88
N GLY D 109 13.61 7.05 -31.92
CA GLY D 109 14.02 8.46 -32.01
C GLY D 109 15.40 8.71 -31.44
N VAL D 110 16.20 7.64 -31.31
CA VAL D 110 17.58 7.76 -30.87
C VAL D 110 18.37 8.47 -31.98
N LYS D 111 18.98 9.60 -31.63
CA LYS D 111 19.63 10.45 -32.64
C LYS D 111 21.05 10.02 -33.01
N LYS D 112 21.75 9.37 -32.08
CA LYS D 112 23.11 8.92 -32.35
C LYS D 112 23.40 7.61 -31.64
N VAL D 113 24.13 6.74 -32.33
CA VAL D 113 24.66 5.51 -31.74
C VAL D 113 26.19 5.54 -31.76
N TYR D 114 26.81 5.37 -30.59
CA TYR D 114 28.27 5.20 -30.50
C TYR D 114 28.62 3.72 -30.33
N TYR D 115 29.62 3.25 -31.07
CA TYR D 115 30.10 1.87 -30.92
C TYR D 115 31.63 1.76 -30.91
N ARG D 116 32.14 0.72 -30.25
CA ARG D 116 33.59 0.48 -30.17
C ARG D 116 34.06 -0.64 -31.10
N ASN D 117 33.39 -1.78 -31.04
CA ASN D 117 33.78 -2.93 -31.85
C ASN D 117 32.71 -3.31 -32.86
N GLU D 118 33.12 -3.86 -33.99
CA GLU D 118 32.18 -4.39 -34.96
C GLU D 118 31.60 -5.72 -34.45
N TYR D 119 30.29 -5.87 -34.66
CA TYR D 119 29.62 -7.17 -34.51
C TYR D 119 29.73 -7.88 -35.85
N ARG D 120 29.80 -9.22 -35.81
CA ARG D 120 29.96 -10.06 -37.01
C ARG D 120 29.07 -9.68 -38.20
N ILE D 121 27.83 -9.25 -37.92
CA ILE D 121 26.96 -8.68 -38.94
C ILE D 121 27.01 -7.15 -38.86
N THR D 122 27.72 -6.54 -39.81
CA THR D 122 27.97 -5.10 -39.81
C THR D 122 26.87 -4.30 -40.51
N ASP D 123 25.85 -5.00 -41.01
CA ASP D 123 24.74 -4.37 -41.74
C ASP D 123 23.95 -3.38 -40.88
N GLY D 124 23.99 -3.60 -39.56
CA GLY D 124 23.27 -2.75 -38.61
C GLY D 124 23.65 -1.29 -38.68
N ILE D 125 24.93 -1.03 -39.00
CA ILE D 125 25.43 0.34 -39.17
C ILE D 125 24.70 1.03 -40.33
N ASP D 126 24.57 0.33 -41.44
CA ASP D 126 23.89 0.85 -42.63
C ASP D 126 22.40 1.09 -42.37
N VAL D 127 21.79 0.20 -41.60
CA VAL D 127 20.37 0.32 -41.24
C VAL D 127 20.12 1.58 -40.43
N LEU D 128 21.01 1.86 -39.48
CA LEU D 128 20.90 3.05 -38.66
C LEU D 128 21.01 4.32 -39.49
N GLN D 129 21.98 4.33 -40.40
CA GLN D 129 22.22 5.51 -41.21
C GLN D 129 21.13 5.76 -42.25
N GLN D 130 20.55 4.70 -42.79
CA GLN D 130 19.48 4.83 -43.76
C GLN D 130 18.21 5.37 -43.12
N LEU D 131 18.07 5.16 -41.80
CA LEU D 131 16.88 5.59 -41.08
C LEU D 131 17.06 6.92 -40.35
N GLY D 132 18.24 7.51 -40.50
CA GLY D 132 18.49 8.87 -40.02
C GLY D 132 19.32 8.98 -38.75
N VAL D 133 19.83 7.85 -38.28
CA VAL D 133 20.60 7.81 -37.04
C VAL D 133 22.10 7.96 -37.33
N GLU D 134 22.72 8.93 -36.65
CA GLU D 134 24.16 9.14 -36.75
C GLU D 134 24.92 7.99 -36.09
N VAL D 135 26.04 7.62 -36.68
CA VAL D 135 26.87 6.54 -36.15
C VAL D 135 28.32 7.00 -36.08
N GLU D 136 28.92 6.84 -34.90
CA GLU D 136 30.33 7.16 -34.69
C GLU D 136 31.02 5.99 -33.99
N LYS D 137 32.17 5.59 -34.54
CA LYS D 137 33.01 4.58 -33.89
C LYS D 137 34.10 5.28 -33.09
N MET D 138 34.29 4.83 -31.85
CA MET D 138 35.32 5.40 -30.99
C MET D 138 36.17 4.32 -30.31
N HIS E 3 1.46 -17.16 40.47
CA HIS E 3 1.08 -16.73 39.09
C HIS E 3 1.46 -15.26 38.84
N MET E 4 0.97 -14.37 39.72
CA MET E 4 1.19 -12.92 39.65
C MET E 4 1.97 -12.47 40.89
N LYS E 5 3.29 -12.61 40.82
CA LYS E 5 4.21 -12.31 41.94
C LYS E 5 4.26 -10.82 42.28
N PRO E 6 4.58 -10.49 43.55
CA PRO E 6 4.67 -9.08 43.98
C PRO E 6 5.61 -8.21 43.14
N GLU E 7 6.61 -8.82 42.51
CA GLU E 7 7.57 -8.10 41.67
C GLU E 7 6.94 -7.59 40.36
N ILE E 8 6.32 -8.50 39.60
CA ILE E 8 5.66 -8.11 38.35
C ILE E 8 4.45 -7.22 38.59
N LYS E 9 3.74 -7.45 39.69
CA LYS E 9 2.55 -6.68 40.05
C LYS E 9 2.94 -5.23 40.34
N GLU E 10 4.09 -5.05 40.99
CA GLU E 10 4.70 -3.73 41.20
C GLU E 10 5.16 -3.10 39.88
N ALA E 11 5.75 -3.93 39.01
CA ALA E 11 6.21 -3.48 37.69
C ALA E 11 5.09 -2.92 36.81
N TYR E 12 3.93 -3.57 36.83
CA TYR E 12 2.77 -3.10 36.05
C TYR E 12 2.21 -1.78 36.59
N MET E 13 2.10 -1.68 37.91
CA MET E 13 1.64 -0.46 38.57
C MET E 13 2.60 0.71 38.30
N LYS E 14 3.91 0.45 38.32
CA LYS E 14 4.91 1.48 38.03
C LYS E 14 4.89 1.89 36.55
N THR E 15 4.53 0.94 35.68
CA THR E 15 4.32 1.21 34.26
C THR E 15 3.13 2.14 34.08
N ALA E 16 2.06 1.91 34.85
CA ALA E 16 0.92 2.82 34.88
C ALA E 16 1.34 4.23 35.31
N GLU E 17 2.20 4.32 36.32
CA GLU E 17 2.68 5.60 36.83
C GLU E 17 3.56 6.34 35.81
N LEU E 18 4.29 5.58 34.99
CA LEU E 18 5.10 6.13 33.92
C LEU E 18 4.26 6.77 32.82
N PHE E 19 3.18 6.10 32.40
CA PHE E 19 2.32 6.59 31.33
C PHE E 19 1.36 7.70 31.78
N SER E 20 1.15 7.81 33.08
CA SER E 20 0.38 8.93 33.66
C SER E 20 1.16 10.23 33.51
N GLN E 21 2.49 10.13 33.50
CA GLN E 21 3.37 11.29 33.37
C GLN E 21 3.37 11.88 31.95
N VAL E 22 2.86 11.11 31.00
CA VAL E 22 2.72 11.57 29.62
C VAL E 22 1.55 12.54 29.48
N SER E 23 0.57 12.43 30.39
CA SER E 23 -0.58 13.34 30.42
C SER E 23 -0.17 14.82 30.54
N ASN E 24 -0.88 15.68 29.81
CA ASN E 24 -0.69 17.13 29.88
C ASN E 24 -1.59 17.78 30.93
N CYS E 25 -2.15 16.95 31.79
N CYS E 25 -2.29 16.94 31.70
CA CYS E 25 -3.15 17.33 32.75
CA CYS E 25 -3.25 17.40 32.71
C CYS E 25 -2.58 18.09 33.94
C CYS E 25 -2.59 18.11 33.88
N LYS E 26 -3.26 19.15 34.36
CA LYS E 26 -2.83 19.93 35.54
C LYS E 26 -3.50 19.48 36.85
N ARG E 27 -4.79 19.13 36.80
CA ARG E 27 -5.54 18.73 38.00
C ARG E 27 -5.03 17.41 38.59
N MET E 28 -4.97 16.39 37.74
CA MET E 28 -4.51 15.07 38.12
C MET E 28 -4.00 14.32 36.89
N LYS E 29 -2.83 13.71 36.99
CA LYS E 29 -2.28 12.87 35.92
C LYS E 29 -2.62 11.41 36.19
N VAL E 30 -3.42 10.81 35.30
CA VAL E 30 -3.92 9.45 35.49
C VAL E 30 -3.47 8.50 34.39
N GLY E 31 -3.11 7.27 34.76
CA GLY E 31 -2.68 6.24 33.82
C GLY E 31 -3.35 4.89 34.06
N ALA E 32 -3.62 4.18 32.97
CA ALA E 32 -4.31 2.88 33.02
C ALA E 32 -3.66 1.85 32.11
N ILE E 33 -3.40 0.65 32.66
CA ILE E 33 -2.74 -0.43 31.93
C ILE E 33 -3.61 -1.68 31.87
N VAL E 34 -3.79 -2.21 30.65
CA VAL E 34 -4.53 -3.44 30.43
C VAL E 34 -3.55 -4.60 30.27
N VAL E 35 -3.64 -5.56 31.18
CA VAL E 35 -2.68 -6.66 31.22
C VAL E 35 -3.40 -7.98 31.05
N LYS E 36 -2.94 -8.77 30.09
CA LYS E 36 -3.49 -10.09 29.82
C LYS E 36 -2.38 -11.01 29.36
N ASN E 37 -2.24 -12.17 30.02
CA ASN E 37 -1.25 -13.18 29.65
C ASN E 37 0.13 -12.59 29.38
N GLY E 38 0.65 -11.83 30.35
CA GLY E 38 1.93 -11.14 30.20
C GLY E 38 2.01 -10.27 28.96
N SER E 39 0.96 -9.51 28.68
CA SER E 39 0.97 -8.56 27.58
C SER E 39 0.27 -7.27 27.95
N ILE E 40 0.88 -6.13 27.59
CA ILE E 40 0.26 -4.83 27.82
C ILE E 40 -0.46 -4.39 26.55
N LEU E 41 -1.75 -4.69 26.48
CA LEU E 41 -2.52 -4.51 25.25
C LEU E 41 -2.94 -3.07 25.01
N ALA E 42 -2.99 -2.29 26.08
CA ALA E 42 -3.32 -0.88 25.99
C ALA E 42 -2.71 -0.11 27.15
N HIS E 43 -2.30 1.10 26.88
CA HIS E 43 -1.94 2.01 27.92
C HIS E 43 -2.59 3.34 27.68
N GLY E 44 -3.41 3.73 28.61
CA GLY E 44 -4.20 4.93 28.47
C GLY E 44 -3.82 6.00 29.46
N TRP E 45 -3.91 7.25 29.04
CA TRP E 45 -3.80 8.37 29.96
C TRP E 45 -4.91 9.38 29.65
N ASN E 46 -5.23 10.20 30.65
CA ASN E 46 -6.22 11.26 30.49
C ASN E 46 -5.72 12.40 29.60
N GLY E 47 -6.54 12.80 28.64
CA GLY E 47 -6.22 13.90 27.73
C GLY E 47 -7.38 14.20 26.81
N THR E 48 -7.28 15.32 26.08
CA THR E 48 -8.25 15.67 25.05
C THR E 48 -8.21 14.66 23.91
N PRO E 49 -9.27 14.61 23.07
CA PRO E 49 -9.30 13.67 21.94
C PRO E 49 -8.14 13.87 20.96
N SER E 50 -7.83 12.83 20.18
CA SER E 50 -6.79 12.91 19.15
C SER E 50 -7.11 13.97 18.11
N GLY E 51 -6.20 14.93 17.94
CA GLY E 51 -6.35 16.00 16.96
C GLY E 51 -7.18 17.18 17.43
N PHE E 52 -7.42 17.24 18.74
CA PHE E 52 -8.22 18.32 19.34
C PHE E 52 -7.43 19.63 19.27
N HIS E 53 -8.14 20.75 19.17
CA HIS E 53 -7.51 22.05 18.95
C HIS E 53 -6.51 22.45 20.03
N THR E 54 -6.64 21.86 21.21
CA THR E 54 -5.68 22.05 22.31
C THR E 54 -5.46 20.74 23.06
N ASN E 55 -4.31 20.61 23.70
CA ASN E 55 -4.06 19.44 24.56
C ASN E 55 -4.20 19.76 26.06
N CYS E 56 -4.72 20.94 26.37
CA CYS E 56 -5.00 21.37 27.73
C CYS E 56 -6.24 20.73 28.28
N CYS E 57 -6.11 20.06 29.40
CA CYS E 57 -7.21 19.34 30.00
C CYS E 57 -8.21 20.21 30.76
N GLU E 58 -7.83 21.41 31.09
CA GLU E 58 -8.63 22.26 31.96
C GLU E 58 -9.39 23.34 31.22
N LEU E 59 -10.60 23.60 31.71
CA LEU E 59 -11.39 24.71 31.27
C LEU E 59 -10.93 25.91 32.09
N GLU E 60 -11.07 27.11 31.53
CA GLU E 60 -10.62 28.33 32.20
C GLU E 60 -11.30 28.63 33.56
N ASP E 61 -12.41 27.92 33.86
CA ASP E 61 -13.09 28.08 35.16
C ASP E 61 -12.57 27.16 36.27
N GLY E 62 -11.50 26.42 35.98
CA GLY E 62 -10.88 25.53 36.95
C GLY E 62 -11.32 24.08 36.83
N SER E 63 -12.32 23.83 35.99
CA SER E 63 -12.87 22.49 35.85
C SER E 63 -12.26 21.75 34.64
N THR E 64 -12.30 20.42 34.68
CA THR E 64 -11.82 19.60 33.57
C THR E 64 -12.77 19.72 32.38
N ASN E 65 -12.20 19.99 31.20
CA ASN E 65 -12.95 20.09 29.94
C ASN E 65 -13.77 18.82 29.74
N PRO E 66 -15.08 18.96 29.42
CA PRO E 66 -15.92 17.78 29.20
C PRO E 66 -15.53 16.96 27.97
N PHE E 67 -14.58 17.47 27.18
CA PHE E 67 -14.10 16.77 25.99
C PHE E 67 -13.01 15.75 26.30
N VAL E 68 -12.30 15.94 27.42
CA VAL E 68 -11.18 15.06 27.74
C VAL E 68 -11.65 13.66 28.14
N LEU E 69 -10.87 12.67 27.71
CA LEU E 69 -11.16 11.27 27.99
C LEU E 69 -10.35 10.83 29.20
N HIS E 70 -11.01 10.05 30.05
CA HIS E 70 -10.37 9.47 31.22
C HIS E 70 -9.37 8.40 30.77
N ALA E 71 -8.37 8.12 31.60
CA ALA E 71 -7.36 7.10 31.29
C ALA E 71 -8.00 5.74 31.05
N GLU E 72 -9.11 5.46 31.75
CA GLU E 72 -9.83 4.20 31.59
C GLU E 72 -10.59 4.16 30.28
N GLN E 73 -11.18 5.30 29.91
CA GLN E 73 -11.92 5.40 28.65
C GLN E 73 -10.98 5.17 27.48
N ASN E 74 -9.81 5.79 27.54
CA ASN E 74 -8.78 5.65 26.52
C ASN E 74 -8.29 4.21 26.42
N ALA E 75 -8.20 3.52 27.56
CA ALA E 75 -7.80 2.12 27.61
C ALA E 75 -8.86 1.21 26.99
N LEU E 76 -10.14 1.50 27.25
CA LEU E 76 -11.25 0.78 26.62
C LEU E 76 -11.29 1.03 25.10
N VAL E 77 -11.20 2.30 24.71
CA VAL E 77 -11.24 2.70 23.30
C VAL E 77 -10.10 2.04 22.51
N LYS E 78 -8.91 2.01 23.10
CA LYS E 78 -7.76 1.34 22.51
C LYS E 78 -8.04 -0.16 22.36
N MET E 79 -8.62 -0.77 23.38
CA MET E 79 -8.96 -2.19 23.32
C MET E 79 -10.00 -2.53 22.25
N ALA E 80 -10.85 -1.55 21.93
CA ALA E 80 -11.82 -1.70 20.83
C ALA E 80 -11.16 -1.57 19.46
N LYS E 81 -10.09 -0.78 19.38
CA LYS E 81 -9.32 -0.61 18.14
C LYS E 81 -8.31 -1.74 17.98
N SER E 82 -8.06 -2.44 19.07
CA SER E 82 -7.12 -3.55 19.11
C SER E 82 -7.75 -4.80 18.50
N SER E 83 -6.92 -5.82 18.25
CA SER E 83 -7.36 -7.10 17.70
C SER E 83 -7.38 -8.19 18.76
N GLU E 84 -7.10 -7.80 20.00
CA GLU E 84 -7.12 -8.73 21.14
C GLU E 84 -8.28 -8.36 22.07
N SER E 85 -8.86 -9.37 22.72
CA SER E 85 -10.01 -9.18 23.59
C SER E 85 -9.61 -8.65 24.96
N ILE E 86 -10.41 -7.75 25.50
CA ILE E 86 -10.19 -7.20 26.84
C ILE E 86 -10.75 -8.17 27.91
N ASP E 87 -11.58 -9.10 27.48
CA ASP E 87 -12.26 -10.06 28.37
C ASP E 87 -11.24 -10.97 29.07
N GLY E 88 -11.30 -10.98 30.40
CA GLY E 88 -10.41 -11.79 31.22
C GLY E 88 -9.11 -11.11 31.61
N SER E 89 -8.91 -9.87 31.13
CA SER E 89 -7.71 -9.09 31.42
C SER E 89 -7.82 -8.44 32.79
N GLU E 90 -6.72 -7.83 33.24
CA GLU E 90 -6.68 -7.09 34.49
C GLU E 90 -6.25 -5.65 34.22
N LEU E 91 -6.63 -4.75 35.11
CA LEU E 91 -6.41 -3.33 34.89
C LEU E 91 -5.57 -2.72 36.01
N PHE E 92 -4.47 -2.08 35.64
CA PHE E 92 -3.61 -1.39 36.59
C PHE E 92 -3.78 0.12 36.44
N CYS E 93 -4.45 0.72 37.42
CA CYS E 93 -4.73 2.16 37.40
C CYS E 93 -3.95 2.89 38.47
N THR E 94 -3.56 4.13 38.17
CA THR E 94 -2.89 4.99 39.16
C THR E 94 -3.91 5.49 40.17
N HIS E 95 -5.14 5.67 39.68
CA HIS E 95 -6.24 6.17 40.48
C HIS E 95 -7.45 5.27 40.29
N SER E 96 -8.22 5.08 41.36
CA SER E 96 -9.46 4.32 41.30
C SER E 96 -10.43 4.94 40.28
N PRO E 97 -10.96 4.11 39.37
CA PRO E 97 -11.88 4.57 38.32
C PRO E 97 -13.15 5.24 38.87
N CYS E 98 -13.69 6.19 38.10
CA CYS E 98 -14.95 6.84 38.42
C CYS E 98 -16.12 5.87 38.16
N PRO E 99 -17.29 6.12 38.79
CA PRO E 99 -18.45 5.22 38.63
C PRO E 99 -18.86 4.99 37.17
N ASP E 100 -18.75 6.01 36.32
CA ASP E 100 -19.09 5.91 34.91
CA ASP E 100 -19.11 5.86 34.91
C ASP E 100 -18.15 4.92 34.20
N CYS E 101 -16.85 5.03 34.50
CA CYS E 101 -15.85 4.12 33.94
C CYS E 101 -15.98 2.69 34.48
N SER E 102 -16.12 2.57 35.81
CA SER E 102 -16.26 1.29 36.50
C SER E 102 -17.38 0.42 35.92
N LYS E 103 -18.46 1.08 35.48
CA LYS E 103 -19.58 0.43 34.82
C LYS E 103 -19.11 -0.32 33.56
N MET E 104 -18.35 0.39 32.73
CA MET E 104 -17.88 -0.15 31.45
C MET E 104 -16.80 -1.21 31.65
N ILE E 105 -15.96 -1.00 32.67
CA ILE E 105 -14.87 -1.92 32.98
C ILE E 105 -15.41 -3.29 33.39
N ALA E 106 -16.51 -3.28 34.14
CA ALA E 106 -17.19 -4.50 34.57
C ALA E 106 -17.84 -5.24 33.40
N GLN E 107 -18.51 -4.48 32.54
CA GLN E 107 -19.22 -5.07 31.41
C GLN E 107 -18.24 -5.61 30.37
N ALA E 108 -17.02 -5.10 30.43
CA ALA E 108 -15.94 -5.46 29.50
C ALA E 108 -15.36 -6.84 29.80
N GLY E 109 -15.55 -7.30 31.03
CA GLY E 109 -15.08 -8.62 31.43
C GLY E 109 -13.72 -8.59 32.12
N VAL E 110 -13.35 -7.41 32.61
CA VAL E 110 -12.13 -7.26 33.38
C VAL E 110 -12.36 -7.92 34.74
N LYS E 111 -11.52 -8.89 35.08
CA LYS E 111 -11.72 -9.63 36.32
C LYS E 111 -11.24 -8.91 37.60
N LYS E 112 -10.21 -8.08 37.47
CA LYS E 112 -9.61 -7.43 38.65
C LYS E 112 -9.03 -6.05 38.33
N VAL E 113 -9.29 -5.10 39.23
CA VAL E 113 -8.70 -3.77 39.11
C VAL E 113 -7.74 -3.47 40.25
N TYR E 114 -6.50 -3.13 39.89
CA TYR E 114 -5.49 -2.68 40.85
C TYR E 114 -5.38 -1.16 40.77
N TYR E 115 -5.37 -0.49 41.92
CA TYR E 115 -5.18 0.96 41.98
C TYR E 115 -4.26 1.37 43.13
N ARG E 116 -3.62 2.53 42.99
CA ARG E 116 -2.69 3.03 44.01
C ARG E 116 -3.28 4.17 44.84
N ASN E 117 -3.81 5.20 44.17
CA ASN E 117 -4.40 6.36 44.85
C ASN E 117 -5.92 6.40 44.71
N GLU E 118 -6.57 7.10 45.63
CA GLU E 118 -8.02 7.28 45.56
C GLU E 118 -8.41 8.56 44.81
N TYR E 119 -9.35 8.41 43.87
CA TYR E 119 -9.97 9.54 43.19
C TYR E 119 -11.01 10.16 44.12
N ARG E 120 -11.25 11.46 43.98
CA ARG E 120 -12.20 12.20 44.84
C ARG E 120 -13.59 11.54 44.96
N ILE E 121 -14.05 10.88 43.91
CA ILE E 121 -15.26 10.06 43.97
C ILE E 121 -14.89 8.60 44.23
N THR E 122 -15.09 8.14 45.48
CA THR E 122 -14.72 6.79 45.91
C THR E 122 -15.68 5.71 45.39
N ASP E 123 -16.91 6.11 45.08
CA ASP E 123 -18.01 5.17 44.76
C ASP E 123 -17.72 4.16 43.65
N GLY E 124 -16.75 4.48 42.79
CA GLY E 124 -16.38 3.59 41.68
C GLY E 124 -15.87 2.23 42.13
N ILE E 125 -15.21 2.20 43.28
CA ILE E 125 -14.75 0.96 43.91
C ILE E 125 -15.93 0.05 44.24
N ASP E 126 -16.97 0.62 44.84
CA ASP E 126 -18.19 -0.10 45.17
C ASP E 126 -18.90 -0.60 43.93
N VAL E 127 -18.96 0.25 42.91
CA VAL E 127 -19.56 -0.13 41.61
C VAL E 127 -18.84 -1.35 41.03
N LEU E 128 -17.51 -1.37 41.14
CA LEU E 128 -16.71 -2.48 40.61
C LEU E 128 -16.99 -3.79 41.34
N GLN E 129 -17.01 -3.72 42.67
CA GLN E 129 -17.21 -4.90 43.50
C GLN E 129 -18.65 -5.41 43.42
N GLN E 130 -19.61 -4.48 43.28
CA GLN E 130 -21.01 -4.86 43.15
C GLN E 130 -21.30 -5.59 41.84
N LEU E 131 -20.43 -5.38 40.86
CA LEU E 131 -20.60 -6.00 39.55
C LEU E 131 -19.70 -7.22 39.33
N GLY E 132 -19.03 -7.65 40.39
CA GLY E 132 -18.20 -8.85 40.35
C GLY E 132 -16.80 -8.64 39.79
N VAL E 133 -16.23 -7.47 40.07
CA VAL E 133 -14.84 -7.18 39.72
C VAL E 133 -14.05 -7.08 41.01
N GLU E 134 -12.94 -7.80 41.09
CA GLU E 134 -12.06 -7.75 42.24
C GLU E 134 -11.31 -6.42 42.28
N VAL E 135 -11.06 -5.93 43.49
CA VAL E 135 -10.37 -4.66 43.70
C VAL E 135 -9.27 -4.80 44.74
N GLU E 136 -8.04 -4.45 44.36
CA GLU E 136 -6.91 -4.48 45.29
C GLU E 136 -6.16 -3.16 45.27
N LYS E 137 -6.05 -2.53 46.43
CA LYS E 137 -5.23 -1.33 46.57
C LYS E 137 -3.79 -1.75 46.86
N MET E 138 -2.84 -1.17 46.14
CA MET E 138 -1.42 -1.43 46.37
C MET E 138 -0.57 -0.15 46.42
N HIS F 3 -6.79 -36.32 14.31
CA HIS F 3 -5.58 -36.69 15.11
C HIS F 3 -4.39 -37.04 14.21
N MET F 4 -3.18 -36.99 14.78
CA MET F 4 -1.94 -37.21 14.05
C MET F 4 -1.68 -38.69 13.74
N LYS F 5 -2.33 -39.19 12.69
CA LYS F 5 -2.12 -40.57 12.21
C LYS F 5 -0.82 -40.69 11.41
N PRO F 6 -0.30 -41.93 11.28
CA PRO F 6 0.95 -42.23 10.54
C PRO F 6 1.01 -41.67 9.12
N GLU F 7 -0.10 -41.72 8.40
CA GLU F 7 -0.18 -41.26 7.02
C GLU F 7 0.05 -39.76 6.91
N ILE F 8 -0.62 -38.99 7.76
CA ILE F 8 -0.58 -37.52 7.74
C ILE F 8 0.71 -36.96 8.33
N LYS F 9 1.28 -37.71 9.29
CA LYS F 9 2.50 -37.37 10.00
C LYS F 9 3.68 -37.44 9.03
N GLU F 10 3.62 -38.47 8.19
CA GLU F 10 4.55 -38.66 7.08
C GLU F 10 4.47 -37.51 6.08
N ALA F 11 3.25 -37.09 5.76
CA ALA F 11 3.01 -35.99 4.83
C ALA F 11 3.61 -34.67 5.32
N TYR F 12 3.48 -34.40 6.62
CA TYR F 12 4.06 -33.19 7.23
C TYR F 12 5.58 -33.22 7.19
N MET F 13 6.16 -34.40 7.42
CA MET F 13 7.61 -34.59 7.39
C MET F 13 8.18 -34.42 5.98
N LYS F 14 7.46 -34.96 4.99
CA LYS F 14 7.89 -34.84 3.59
C LYS F 14 7.79 -33.39 3.10
N THR F 15 6.85 -32.64 3.66
CA THR F 15 6.70 -31.21 3.35
C THR F 15 7.91 -30.44 3.87
N ALA F 16 8.36 -30.81 5.07
CA ALA F 16 9.59 -30.26 5.63
C ALA F 16 10.79 -30.59 4.75
N GLU F 17 10.77 -31.79 4.15
CA GLU F 17 11.82 -32.22 3.23
C GLU F 17 11.76 -31.48 1.89
N LEU F 18 10.53 -31.14 1.48
CA LEU F 18 10.34 -30.34 0.28
C LEU F 18 10.89 -28.92 0.44
N PHE F 19 10.61 -28.28 1.57
CA PHE F 19 11.05 -26.91 1.83
C PHE F 19 12.54 -26.77 2.17
N SER F 20 13.17 -27.88 2.57
CA SER F 20 14.62 -27.90 2.76
C SER F 20 15.35 -27.77 1.42
N GLN F 21 14.76 -28.32 0.36
CA GLN F 21 15.39 -28.31 -0.98
C GLN F 21 15.43 -26.90 -1.60
N VAL F 22 14.69 -25.97 -0.99
CA VAL F 22 14.67 -24.57 -1.41
C VAL F 22 15.92 -23.83 -0.94
N SER F 23 16.54 -24.34 0.13
CA SER F 23 17.78 -23.76 0.68
C SER F 23 18.91 -23.71 -0.35
N ASN F 24 19.68 -22.62 -0.34
CA ASN F 24 20.86 -22.48 -1.21
C ASN F 24 22.15 -22.96 -0.53
N CYS F 25 22.00 -23.66 0.58
N CYS F 25 22.00 -23.66 0.58
CA CYS F 25 23.14 -24.15 1.35
CA CYS F 25 23.14 -24.15 1.35
C CYS F 25 23.78 -25.36 0.68
C CYS F 25 23.78 -25.36 0.68
N LYS F 26 25.09 -25.49 0.87
CA LYS F 26 25.85 -26.60 0.31
C LYS F 26 26.28 -27.64 1.36
N ARG F 27 26.51 -27.20 2.61
CA ARG F 27 26.88 -28.11 3.70
C ARG F 27 25.74 -29.07 4.02
N MET F 28 24.56 -28.51 4.28
CA MET F 28 23.37 -29.30 4.61
C MET F 28 22.11 -28.46 4.36
N LYS F 29 21.10 -29.08 3.75
CA LYS F 29 19.82 -28.41 3.51
C LYS F 29 18.79 -28.80 4.56
N VAL F 30 18.34 -27.82 5.35
CA VAL F 30 17.46 -28.09 6.49
C VAL F 30 16.12 -27.38 6.35
N GLY F 31 15.06 -28.10 6.70
CA GLY F 31 13.71 -27.55 6.68
C GLY F 31 12.96 -27.79 7.97
N ALA F 32 12.27 -26.76 8.44
CA ALA F 32 11.38 -26.88 9.59
C ALA F 32 10.02 -26.28 9.29
N ILE F 33 8.95 -27.03 9.58
CA ILE F 33 7.59 -26.48 9.46
C ILE F 33 6.83 -26.54 10.80
N VAL F 34 6.04 -25.50 11.05
CA VAL F 34 5.20 -25.40 12.26
C VAL F 34 3.77 -25.84 11.95
N VAL F 35 3.28 -26.84 12.68
CA VAL F 35 1.97 -27.42 12.43
C VAL F 35 1.06 -27.27 13.64
N LYS F 36 -0.12 -26.67 13.43
CA LYS F 36 -1.10 -26.53 14.48
C LYS F 36 -2.51 -26.67 13.91
N ASN F 37 -3.28 -27.59 14.48
CA ASN F 37 -4.67 -27.83 14.11
C ASN F 37 -4.91 -27.94 12.59
N GLY F 38 -4.10 -28.77 11.93
CA GLY F 38 -4.22 -29.01 10.49
C GLY F 38 -3.89 -27.81 9.64
N SER F 39 -2.93 -27.01 10.08
CA SER F 39 -2.48 -25.86 9.30
C SER F 39 -0.97 -25.71 9.42
N ILE F 40 -0.32 -25.45 8.30
CA ILE F 40 1.12 -25.19 8.28
C ILE F 40 1.36 -23.68 8.40
N LEU F 41 1.57 -23.23 9.64
CA LEU F 41 1.63 -21.80 9.95
C LEU F 41 2.94 -21.14 9.51
N ALA F 42 4.00 -21.94 9.44
CA ALA F 42 5.30 -21.46 8.99
C ALA F 42 6.12 -22.55 8.33
N HIS F 43 6.97 -22.17 7.40
CA HIS F 43 7.94 -23.05 6.80
C HIS F 43 9.28 -22.36 6.62
N GLY F 44 10.26 -22.83 7.32
CA GLY F 44 11.58 -22.21 7.34
C GLY F 44 12.65 -23.15 6.84
N TRP F 45 13.59 -22.59 6.09
CA TRP F 45 14.79 -23.32 5.69
C TRP F 45 16.00 -22.47 6.05
N ASN F 46 17.17 -23.10 6.14
CA ASN F 46 18.41 -22.39 6.44
C ASN F 46 18.87 -21.50 5.28
N GLY F 47 19.35 -20.31 5.61
CA GLY F 47 19.82 -19.36 4.62
C GLY F 47 20.25 -18.04 5.24
N THR F 48 20.84 -17.18 4.41
CA THR F 48 21.26 -15.86 4.85
C THR F 48 20.05 -14.97 5.09
N PRO F 49 20.20 -13.89 5.89
CA PRO F 49 19.05 -13.01 6.14
C PRO F 49 18.54 -12.35 4.86
N SER F 50 17.31 -11.85 4.91
CA SER F 50 16.70 -11.17 3.77
C SER F 50 17.52 -9.96 3.35
N GLY F 51 17.92 -9.93 2.09
CA GLY F 51 18.62 -8.79 1.50
C GLY F 51 20.11 -8.71 1.83
N PHE F 52 20.66 -9.82 2.32
CA PHE F 52 22.07 -9.93 2.64
C PHE F 52 22.86 -9.91 1.33
N HIS F 53 24.10 -9.43 1.37
CA HIS F 53 24.91 -9.23 0.15
C HIS F 53 25.09 -10.50 -0.69
N THR F 54 24.98 -11.66 -0.06
CA THR F 54 25.15 -12.94 -0.74
C THR F 54 24.11 -14.01 -0.36
N ASN F 55 24.02 -15.01 -1.23
CA ASN F 55 23.13 -16.17 -1.10
C ASN F 55 23.81 -17.37 -0.47
N CYS F 56 25.11 -17.30 -0.43
CA CYS F 56 25.97 -18.35 -0.02
C CYS F 56 25.92 -18.50 1.43
N CYS F 57 25.65 -19.73 1.88
CA CYS F 57 25.47 -20.00 3.30
C CYS F 57 26.80 -20.37 3.96
N GLU F 58 27.84 -20.55 3.16
CA GLU F 58 29.10 -20.90 3.74
C GLU F 58 30.17 -19.89 3.39
N LEU F 59 31.14 -19.72 4.28
CA LEU F 59 32.24 -18.78 4.06
C LEU F 59 33.27 -19.36 3.10
N GLU F 60 34.48 -18.83 3.16
CA GLU F 60 35.57 -19.30 2.30
C GLU F 60 36.45 -20.32 3.01
N ASP F 61 36.34 -20.37 4.33
CA ASP F 61 37.11 -21.30 5.13
C ASP F 61 36.49 -22.69 5.12
N GLY F 62 35.20 -22.76 4.82
CA GLY F 62 34.50 -24.00 4.77
C GLY F 62 33.39 -24.07 5.74
N SER F 63 33.29 -23.08 6.60
CA SER F 63 32.28 -23.08 7.61
C SER F 63 31.07 -22.27 7.23
N THR F 64 29.98 -22.53 7.90
CA THR F 64 28.76 -21.72 7.70
C THR F 64 28.95 -20.30 8.21
N ASN F 65 28.57 -19.33 7.37
CA ASN F 65 28.50 -17.92 7.77
C ASN F 65 27.68 -17.76 9.04
N PRO F 66 28.23 -17.07 10.06
CA PRO F 66 27.47 -16.79 11.29
C PRO F 66 26.19 -15.96 11.07
N PHE F 67 26.06 -15.33 9.91
CA PHE F 67 24.85 -14.56 9.56
C PHE F 67 23.66 -15.45 9.17
N VAL F 68 23.96 -16.68 8.77
CA VAL F 68 22.94 -17.64 8.33
C VAL F 68 22.01 -18.05 9.45
N LEU F 69 20.70 -17.94 9.19
CA LEU F 69 19.68 -18.37 10.13
C LEU F 69 19.36 -19.84 9.91
N HIS F 70 19.23 -20.58 11.01
CA HIS F 70 18.82 -21.98 10.98
C HIS F 70 17.35 -22.09 10.56
N ALA F 71 16.96 -23.25 10.04
CA ALA F 71 15.58 -23.50 9.66
C ALA F 71 14.61 -23.31 10.83
N GLU F 72 15.05 -23.67 12.04
CA GLU F 72 14.24 -23.52 13.25
C GLU F 72 14.09 -22.05 13.66
N GLN F 73 15.16 -21.28 13.50
CA GLN F 73 15.15 -19.84 13.77
C GLN F 73 14.17 -19.12 12.84
N ASN F 74 14.31 -19.37 11.54
CA ASN F 74 13.44 -18.77 10.54
C ASN F 74 11.98 -19.13 10.77
N ALA F 75 11.73 -20.37 11.21
CA ALA F 75 10.38 -20.80 11.56
C ALA F 75 9.85 -20.05 12.77
N LEU F 76 10.72 -19.84 13.75
CA LEU F 76 10.38 -19.05 14.93
C LEU F 76 10.15 -17.59 14.56
N VAL F 77 11.03 -17.04 13.74
CA VAL F 77 10.97 -15.64 13.30
C VAL F 77 9.71 -15.38 12.47
N LYS F 78 9.39 -16.34 11.59
CA LYS F 78 8.16 -16.29 10.82
C LYS F 78 6.91 -16.24 11.72
N MET F 79 6.90 -17.05 12.78
CA MET F 79 5.77 -17.12 13.69
C MET F 79 5.58 -15.85 14.52
N ALA F 80 6.67 -15.09 14.67
CA ALA F 80 6.62 -13.78 15.30
C ALA F 80 6.01 -12.72 14.36
N LYS F 81 6.24 -12.88 13.06
CA LYS F 81 5.65 -11.98 12.06
C LYS F 81 4.21 -12.39 11.77
N SER F 82 3.88 -13.64 12.10
CA SER F 82 2.55 -14.16 11.88
C SER F 82 1.60 -13.61 12.95
N SER F 83 0.31 -13.68 12.66
CA SER F 83 -0.71 -13.28 13.63
C SER F 83 -1.30 -14.51 14.33
N GLU F 84 -0.64 -15.66 14.15
CA GLU F 84 -1.05 -16.89 14.83
C GLU F 84 -0.02 -17.25 15.91
N SER F 85 -0.48 -17.96 16.94
CA SER F 85 0.37 -18.32 18.08
C SER F 85 1.09 -19.65 17.85
N ILE F 86 2.34 -19.72 18.29
CA ILE F 86 3.13 -20.94 18.18
C ILE F 86 2.89 -21.86 19.37
N ASP F 87 2.28 -21.30 20.43
CA ASP F 87 1.97 -22.06 21.64
C ASP F 87 1.06 -23.26 21.33
N GLY F 88 1.48 -24.45 21.75
CA GLY F 88 0.70 -25.67 21.59
C GLY F 88 0.87 -26.36 20.25
N SER F 89 1.70 -25.79 19.38
CA SER F 89 1.95 -26.37 18.06
C SER F 89 3.01 -27.47 18.09
N GLU F 90 3.11 -28.20 16.98
CA GLU F 90 4.13 -29.22 16.79
C GLU F 90 5.06 -28.82 15.65
N LEU F 91 6.32 -29.28 15.73
CA LEU F 91 7.36 -28.87 14.79
C LEU F 91 7.94 -30.08 14.05
N PHE F 92 7.90 -30.04 12.72
CA PHE F 92 8.48 -31.09 11.89
C PHE F 92 9.80 -30.61 11.29
N CYS F 93 10.88 -31.32 11.60
CA CYS F 93 12.22 -30.93 11.16
C CYS F 93 12.91 -32.04 10.41
N THR F 94 13.69 -31.68 9.39
CA THR F 94 14.45 -32.68 8.65
C THR F 94 15.62 -33.17 9.51
N HIS F 95 16.14 -32.26 10.32
CA HIS F 95 17.28 -32.53 11.17
C HIS F 95 16.96 -32.05 12.58
N SER F 96 17.45 -32.80 13.57
CA SER F 96 17.28 -32.45 14.97
C SER F 96 17.90 -31.08 15.27
N PRO F 97 17.11 -30.19 15.90
CA PRO F 97 17.56 -28.82 16.22
C PRO F 97 18.81 -28.79 17.10
N CYS F 98 19.60 -27.73 16.94
CA CYS F 98 20.77 -27.46 17.77
C CYS F 98 20.32 -26.98 19.15
N PRO F 99 21.21 -27.07 20.17
CA PRO F 99 20.88 -26.66 21.54
C PRO F 99 20.36 -25.21 21.67
N ASP F 100 20.91 -24.31 20.86
CA ASP F 100 20.56 -22.88 20.88
CA ASP F 100 20.53 -22.89 20.92
C ASP F 100 19.10 -22.67 20.44
N CYS F 101 18.71 -23.37 19.37
CA CYS F 101 17.34 -23.29 18.85
C CYS F 101 16.36 -24.02 19.77
N SER F 102 16.79 -25.16 20.30
CA SER F 102 15.96 -26.01 21.17
C SER F 102 15.50 -25.28 22.42
N LYS F 103 16.35 -24.36 22.88
CA LYS F 103 16.07 -23.48 24.00
C LYS F 103 14.86 -22.58 23.71
N MET F 104 14.91 -21.89 22.56
CA MET F 104 13.82 -20.99 22.15
C MET F 104 12.54 -21.77 21.81
N ILE F 105 12.71 -22.93 21.17
CA ILE F 105 11.59 -23.81 20.81
C ILE F 105 10.78 -24.24 22.03
N ALA F 106 11.47 -24.61 23.10
CA ALA F 106 10.82 -24.99 24.36
C ALA F 106 10.10 -23.80 25.01
N GLN F 107 10.73 -22.64 24.97
CA GLN F 107 10.19 -21.42 25.57
C GLN F 107 8.99 -20.90 24.76
N ALA F 108 8.93 -21.28 23.49
CA ALA F 108 7.84 -20.91 22.59
C ALA F 108 6.53 -21.67 22.88
N GLY F 109 6.66 -22.85 23.49
CA GLY F 109 5.49 -23.65 23.85
C GLY F 109 5.18 -24.77 22.87
N VAL F 110 6.17 -25.12 22.05
CA VAL F 110 6.08 -26.26 21.15
C VAL F 110 6.01 -27.52 22.00
N LYS F 111 4.94 -28.30 21.81
CA LYS F 111 4.74 -29.50 22.61
C LYS F 111 5.55 -30.71 22.14
N LYS F 112 5.81 -30.78 20.83
CA LYS F 112 6.51 -31.92 20.25
C LYS F 112 7.29 -31.51 19.01
N VAL F 113 8.51 -32.03 18.92
CA VAL F 113 9.37 -31.83 17.75
C VAL F 113 9.62 -33.19 17.10
N TYR F 114 9.31 -33.30 15.81
CA TYR F 114 9.62 -34.49 15.03
C TYR F 114 10.88 -34.23 14.21
N TYR F 115 11.76 -35.23 14.14
CA TYR F 115 12.98 -35.13 13.32
C TYR F 115 13.31 -36.43 12.59
N ARG F 116 13.96 -36.32 11.43
CA ARG F 116 14.32 -37.51 10.63
C ARG F 116 15.80 -37.87 10.77
N ASN F 117 16.68 -36.95 10.41
CA ASN F 117 18.11 -37.17 10.52
C ASN F 117 18.68 -36.50 11.75
N GLU F 118 19.79 -37.04 12.26
CA GLU F 118 20.45 -36.45 13.41
C GLU F 118 21.51 -35.45 12.95
N TYR F 119 21.51 -34.28 13.59
CA TYR F 119 22.51 -33.23 13.36
C TYR F 119 23.79 -33.56 14.13
N ARG F 120 24.93 -33.05 13.66
CA ARG F 120 26.24 -33.25 14.30
C ARG F 120 26.16 -33.20 15.83
N ILE F 121 25.65 -32.08 16.34
CA ILE F 121 25.45 -31.88 17.77
C ILE F 121 24.07 -32.38 18.14
N THR F 122 24.04 -33.54 18.80
CA THR F 122 22.79 -34.21 19.18
C THR F 122 22.29 -33.76 20.56
N ASP F 123 22.99 -32.79 21.15
CA ASP F 123 22.64 -32.25 22.47
C ASP F 123 21.28 -31.56 22.46
N GLY F 124 20.88 -31.09 21.27
CA GLY F 124 19.59 -30.42 21.09
C GLY F 124 18.41 -31.25 21.54
N ILE F 125 18.49 -32.56 21.28
CA ILE F 125 17.47 -33.53 21.71
C ILE F 125 17.34 -33.54 23.23
N ASP F 126 18.49 -33.63 23.90
CA ASP F 126 18.54 -33.66 25.36
C ASP F 126 17.95 -32.40 25.96
N VAL F 127 18.42 -31.26 25.45
CA VAL F 127 17.97 -29.94 25.88
C VAL F 127 16.46 -29.83 25.74
N LEU F 128 15.97 -30.34 24.62
CA LEU F 128 14.55 -30.28 24.26
C LEU F 128 13.73 -31.09 25.25
N GLN F 129 14.19 -32.30 25.55
CA GLN F 129 13.50 -33.17 26.52
C GLN F 129 13.59 -32.64 27.95
N GLN F 130 14.73 -32.04 28.30
CA GLN F 130 14.95 -31.53 29.66
C GLN F 130 14.06 -30.33 29.97
N LEU F 131 13.60 -29.66 28.92
CA LEU F 131 12.72 -28.52 29.06
C LEU F 131 11.25 -28.89 28.83
N GLY F 132 10.99 -30.18 28.66
CA GLY F 132 9.62 -30.69 28.65
C GLY F 132 8.99 -30.83 27.28
N VAL F 133 9.82 -30.92 26.25
CA VAL F 133 9.32 -31.05 24.88
C VAL F 133 9.52 -32.48 24.40
N GLU F 134 8.46 -33.06 23.86
CA GLU F 134 8.49 -34.41 23.35
C GLU F 134 9.31 -34.47 22.06
N VAL F 135 10.05 -35.57 21.90
CA VAL F 135 10.89 -35.77 20.72
C VAL F 135 10.65 -37.16 20.13
N GLU F 136 10.40 -37.21 18.83
CA GLU F 136 10.17 -38.46 18.12
C GLU F 136 10.97 -38.47 16.81
N LYS F 137 11.75 -39.54 16.61
CA LYS F 137 12.44 -39.72 15.34
C LYS F 137 11.58 -40.57 14.41
N MET F 138 11.48 -40.14 13.15
CA MET F 138 10.73 -40.89 12.14
C MET F 138 11.48 -41.06 10.83
N HIS G 3 19.91 -8.39 -2.27
CA HIS G 3 19.00 -8.18 -3.38
C HIS G 3 19.59 -7.37 -4.51
N MET G 4 20.86 -6.98 -4.35
CA MET G 4 21.63 -6.49 -5.46
C MET G 4 22.82 -7.34 -5.63
N LYS G 5 22.88 -7.89 -6.80
CA LYS G 5 23.97 -8.72 -7.30
C LYS G 5 25.33 -8.03 -7.09
N PRO G 6 26.35 -8.79 -6.63
CA PRO G 6 27.68 -8.22 -6.41
C PRO G 6 28.37 -7.73 -7.70
N GLU G 7 28.01 -8.33 -8.84
CA GLU G 7 28.54 -7.89 -10.14
C GLU G 7 28.13 -6.45 -10.48
N ILE G 8 26.85 -6.13 -10.34
CA ILE G 8 26.37 -4.77 -10.62
C ILE G 8 26.78 -3.77 -9.56
N LYS G 9 26.90 -4.24 -8.32
CA LYS G 9 27.38 -3.43 -7.20
C LYS G 9 28.77 -2.88 -7.49
N GLU G 10 29.64 -3.72 -8.05
CA GLU G 10 30.99 -3.31 -8.43
C GLU G 10 30.98 -2.41 -9.67
N ALA G 11 30.03 -2.68 -10.57
CA ALA G 11 29.87 -1.87 -11.78
C ALA G 11 29.46 -0.44 -11.45
N TYR G 12 28.55 -0.27 -10.48
CA TYR G 12 28.14 1.06 -10.03
C TYR G 12 29.28 1.83 -9.38
N MET G 13 30.11 1.13 -8.60
CA MET G 13 31.23 1.77 -7.93
C MET G 13 32.32 2.19 -8.91
N LYS G 14 32.57 1.34 -9.90
CA LYS G 14 33.56 1.65 -10.94
C LYS G 14 33.11 2.79 -11.86
N THR G 15 31.79 2.94 -11.99
CA THR G 15 31.18 4.03 -12.73
C THR G 15 31.37 5.34 -11.99
N ALA G 16 31.16 5.30 -10.67
CA ALA G 16 31.43 6.45 -9.81
C ALA G 16 32.91 6.85 -9.87
N GLU G 17 33.79 5.86 -9.92
CA GLU G 17 35.23 6.11 -10.02
C GLU G 17 35.60 6.68 -11.39
N LEU G 18 34.84 6.28 -12.41
CA LEU G 18 35.04 6.72 -13.77
C LEU G 18 34.68 8.20 -13.93
N PHE G 19 33.59 8.62 -13.29
CA PHE G 19 33.16 10.02 -13.37
C PHE G 19 33.91 10.93 -12.41
N SER G 20 34.65 10.34 -11.47
CA SER G 20 35.51 11.15 -10.60
C SER G 20 36.70 11.68 -11.38
N GLN G 21 37.10 10.96 -12.42
CA GLN G 21 38.31 11.28 -13.20
C GLN G 21 38.10 12.48 -14.11
N VAL G 22 36.85 12.77 -14.45
CA VAL G 22 36.55 13.93 -15.30
C VAL G 22 36.53 15.23 -14.50
N SER G 23 36.70 15.11 -13.17
CA SER G 23 36.91 16.28 -12.32
C SER G 23 38.28 16.89 -12.59
N ASN G 24 38.35 18.21 -12.48
CA ASN G 24 39.58 18.95 -12.76
C ASN G 24 40.33 19.28 -11.47
N CYS G 25 39.82 18.80 -10.35
CA CYS G 25 40.42 19.05 -9.05
CA CYS G 25 40.42 19.05 -9.05
C CYS G 25 41.80 18.40 -8.94
N LYS G 26 42.68 19.05 -8.20
CA LYS G 26 44.03 18.57 -8.00
C LYS G 26 44.19 17.91 -6.63
N ARG G 27 43.41 18.37 -5.66
CA ARG G 27 43.51 17.89 -4.27
C ARG G 27 42.96 16.48 -4.11
N MET G 28 41.73 16.28 -4.55
CA MET G 28 41.08 14.99 -4.50
C MET G 28 39.99 14.99 -5.55
N LYS G 29 39.92 13.91 -6.33
CA LYS G 29 38.90 13.76 -7.36
C LYS G 29 37.80 12.85 -6.84
N VAL G 30 36.62 13.42 -6.64
CA VAL G 30 35.51 12.71 -6.01
C VAL G 30 34.34 12.55 -6.99
N GLY G 31 33.72 11.37 -6.99
CA GLY G 31 32.55 11.11 -7.82
C GLY G 31 31.42 10.46 -7.04
N ALA G 32 30.20 10.88 -7.31
CA ALA G 32 28.99 10.29 -6.71
C ALA G 32 27.88 10.09 -7.74
N ILE G 33 27.28 8.89 -7.74
CA ILE G 33 26.20 8.59 -8.67
C ILE G 33 24.92 8.11 -7.96
N VAL G 34 23.77 8.52 -8.48
CA VAL G 34 22.46 8.18 -7.91
C VAL G 34 21.83 7.01 -8.67
N VAL G 35 21.53 5.93 -7.95
CA VAL G 35 21.01 4.69 -8.55
C VAL G 35 19.62 4.37 -8.02
N LYS G 36 18.69 4.16 -8.95
CA LYS G 36 17.32 3.78 -8.59
C LYS G 36 16.72 2.92 -9.69
N ASN G 37 16.24 1.74 -9.31
CA ASN G 37 15.56 0.79 -10.21
C ASN G 37 16.29 0.51 -11.53
N GLY G 38 17.58 0.20 -11.44
CA GLY G 38 18.39 -0.07 -12.64
C GLY G 38 18.59 1.15 -13.52
N SER G 39 18.84 2.31 -12.90
CA SER G 39 19.04 3.57 -13.62
C SER G 39 19.92 4.58 -12.87
N ILE G 40 20.89 5.17 -13.57
CA ILE G 40 21.79 6.17 -13.00
C ILE G 40 21.27 7.57 -13.31
N LEU G 41 20.50 8.11 -12.36
CA LEU G 41 19.74 9.35 -12.58
C LEU G 41 20.60 10.60 -12.47
N ALA G 42 21.71 10.49 -11.74
CA ALA G 42 22.66 11.59 -11.62
C ALA G 42 24.09 11.08 -11.49
N HIS G 43 25.02 11.75 -12.14
CA HIS G 43 26.44 11.52 -11.93
C HIS G 43 27.17 12.80 -11.68
N GLY G 44 27.59 12.98 -10.45
CA GLY G 44 28.23 14.20 -10.00
C GLY G 44 29.69 14.02 -9.67
N TRP G 45 30.47 15.08 -9.89
CA TRP G 45 31.85 15.15 -9.43
C TRP G 45 32.15 16.54 -8.88
N ASN G 46 33.23 16.66 -8.08
CA ASN G 46 33.63 17.96 -7.52
C ASN G 46 34.20 18.93 -8.54
N GLY G 47 33.77 20.19 -8.45
CA GLY G 47 34.25 21.23 -9.35
C GLY G 47 33.54 22.55 -9.09
N THR G 48 34.02 23.61 -9.73
CA THR G 48 33.39 24.92 -9.64
C THR G 48 32.06 24.91 -10.39
N PRO G 49 31.15 25.88 -10.08
CA PRO G 49 29.88 25.98 -10.79
C PRO G 49 30.02 26.18 -12.29
N SER G 50 28.94 25.88 -13.03
CA SER G 50 28.89 26.14 -14.46
C SER G 50 28.97 27.64 -14.74
N GLY G 51 29.79 27.99 -15.73
CA GLY G 51 29.96 29.39 -16.15
C GLY G 51 30.89 30.20 -15.26
N PHE G 52 31.59 29.52 -14.37
CA PHE G 52 32.53 30.16 -13.44
C PHE G 52 33.81 30.55 -14.18
N HIS G 53 34.54 31.53 -13.64
CA HIS G 53 35.70 32.10 -14.35
C HIS G 53 36.85 31.11 -14.56
N THR G 54 36.96 30.13 -13.66
CA THR G 54 37.89 29.03 -13.84
C THR G 54 37.32 27.70 -13.38
N ASN G 55 37.90 26.62 -13.89
CA ASN G 55 37.63 25.28 -13.40
C ASN G 55 38.77 24.75 -12.51
N CYS G 56 39.49 25.66 -11.87
CA CYS G 56 40.56 25.31 -10.91
C CYS G 56 39.95 25.33 -9.50
N CYS G 57 40.00 24.18 -8.82
CA CYS G 57 39.29 24.01 -7.55
C CYS G 57 40.02 24.47 -6.28
N GLU G 58 41.26 24.94 -6.41
CA GLU G 58 42.01 25.37 -5.23
C GLU G 58 42.50 26.82 -5.34
N LEU G 59 42.59 27.47 -4.20
CA LEU G 59 43.14 28.82 -4.11
C LEU G 59 44.66 28.84 -4.20
N GLU G 60 45.18 30.00 -4.59
CA GLU G 60 46.62 30.30 -4.54
C GLU G 60 47.02 30.26 -3.07
N ASP G 61 47.30 29.06 -2.60
CA ASP G 61 47.49 28.76 -1.18
C ASP G 61 47.46 27.26 -1.06
N GLY G 62 46.49 26.65 -1.73
CA GLY G 62 46.31 25.21 -1.69
C GLY G 62 45.01 24.77 -1.05
N SER G 63 44.34 25.68 -0.34
CA SER G 63 43.01 25.38 0.21
C SER G 63 41.99 25.35 -0.92
N THR G 64 40.98 24.50 -0.77
CA THR G 64 39.93 24.35 -1.77
C THR G 64 39.10 25.64 -1.83
N ASN G 65 38.86 26.11 -3.05
CA ASN G 65 38.04 27.28 -3.30
C ASN G 65 36.65 27.08 -2.71
N PRO G 66 36.17 28.06 -1.91
CA PRO G 66 34.85 28.00 -1.29
C PRO G 66 33.69 27.94 -2.29
N PHE G 67 33.98 28.13 -3.58
CA PHE G 67 32.96 28.09 -4.61
C PHE G 67 32.68 26.69 -5.15
N VAL G 68 33.64 25.78 -4.93
CA VAL G 68 33.53 24.43 -5.50
C VAL G 68 32.39 23.64 -4.87
N LEU G 69 31.71 22.88 -5.70
CA LEU G 69 30.63 22.02 -5.26
C LEU G 69 31.17 20.62 -5.03
N HIS G 70 30.80 20.03 -3.90
CA HIS G 70 31.11 18.63 -3.62
C HIS G 70 30.40 17.73 -4.62
N ALA G 71 30.92 16.52 -4.80
CA ALA G 71 30.34 15.56 -5.74
C ALA G 71 28.91 15.19 -5.36
N GLU G 72 28.65 15.09 -4.05
CA GLU G 72 27.33 14.77 -3.53
C GLU G 72 26.35 15.93 -3.74
N GLN G 73 26.84 17.16 -3.53
CA GLN G 73 26.06 18.38 -3.82
C GLN G 73 25.64 18.42 -5.28
N ASN G 74 26.59 18.13 -6.18
CA ASN G 74 26.33 18.09 -7.62
C ASN G 74 25.35 16.99 -8.01
N ALA G 75 25.44 15.85 -7.33
CA ALA G 75 24.51 14.74 -7.52
C ALA G 75 23.11 15.13 -7.01
N LEU G 76 23.07 15.89 -5.92
CA LEU G 76 21.83 16.33 -5.30
C LEU G 76 21.14 17.39 -6.17
N VAL G 77 21.92 18.37 -6.61
CA VAL G 77 21.45 19.47 -7.45
C VAL G 77 20.93 18.98 -8.80
N LYS G 78 21.66 18.05 -9.41
CA LYS G 78 21.23 17.40 -10.65
C LYS G 78 19.85 16.75 -10.46
N MET G 79 19.64 16.11 -9.32
CA MET G 79 18.37 15.45 -9.02
C MET G 79 17.21 16.42 -8.88
N ALA G 80 17.51 17.64 -8.41
CA ALA G 80 16.53 18.71 -8.38
C ALA G 80 16.19 19.22 -9.79
N LYS G 81 17.17 19.19 -10.68
CA LYS G 81 16.97 19.56 -12.10
C LYS G 81 16.32 18.42 -12.87
N SER G 82 16.40 17.20 -12.32
CA SER G 82 15.86 16.02 -12.96
C SER G 82 14.34 15.93 -12.75
N SER G 83 13.71 14.95 -13.40
CA SER G 83 12.27 14.75 -13.31
C SER G 83 11.90 13.44 -12.61
N GLU G 84 12.91 12.78 -12.04
CA GLU G 84 12.71 11.53 -11.32
C GLU G 84 13.13 11.71 -9.87
N SER G 85 12.37 11.11 -8.95
CA SER G 85 12.58 11.32 -7.52
C SER G 85 13.83 10.63 -6.99
N ILE G 86 14.53 11.32 -6.09
CA ILE G 86 15.72 10.76 -5.43
C ILE G 86 15.31 9.92 -4.22
N ASP G 87 14.03 10.00 -3.87
CA ASP G 87 13.53 9.29 -2.71
C ASP G 87 13.55 7.79 -2.94
N GLY G 88 14.20 7.08 -2.03
CA GLY G 88 14.30 5.62 -2.10
C GLY G 88 15.41 5.14 -3.00
N SER G 89 16.30 6.05 -3.39
CA SER G 89 17.43 5.72 -4.24
C SER G 89 18.66 5.42 -3.41
N GLU G 90 19.72 4.99 -4.09
CA GLU G 90 20.99 4.70 -3.45
C GLU G 90 22.11 5.47 -4.12
N LEU G 91 23.18 5.72 -3.37
CA LEU G 91 24.23 6.61 -3.80
C LEU G 91 25.58 5.92 -3.69
N PHE G 92 26.28 5.79 -4.81
CA PHE G 92 27.61 5.19 -4.82
C PHE G 92 28.65 6.30 -4.87
N CYS G 93 29.52 6.35 -3.87
CA CYS G 93 30.52 7.41 -3.76
C CYS G 93 31.94 6.86 -3.71
N THR G 94 32.87 7.55 -4.38
CA THR G 94 34.29 7.21 -4.31
C THR G 94 34.82 7.45 -2.91
N HIS G 95 34.29 8.48 -2.27
CA HIS G 95 34.68 8.85 -0.91
C HIS G 95 33.45 9.11 -0.04
N SER G 96 33.58 8.83 1.25
CA SER G 96 32.50 9.03 2.22
C SER G 96 32.10 10.50 2.31
N PRO G 97 30.79 10.78 2.18
CA PRO G 97 30.31 12.16 2.17
C PRO G 97 30.61 12.92 3.47
N CYS G 98 30.78 14.23 3.35
CA CYS G 98 31.01 15.11 4.49
C CYS G 98 29.71 15.29 5.30
N PRO G 99 29.82 15.75 6.57
CA PRO G 99 28.66 15.97 7.44
C PRO G 99 27.55 16.84 6.83
N ASP G 100 27.92 17.89 6.11
CA ASP G 100 26.93 18.80 5.51
CA ASP G 100 26.93 18.81 5.51
C ASP G 100 26.17 18.14 4.36
N CYS G 101 26.87 17.30 3.60
CA CYS G 101 26.22 16.59 2.50
C CYS G 101 25.33 15.45 3.01
N SER G 102 25.85 14.68 3.97
CA SER G 102 25.10 13.59 4.62
C SER G 102 23.79 14.06 5.24
N LYS G 103 23.80 15.29 5.72
CA LYS G 103 22.61 15.95 6.26
C LYS G 103 21.54 16.01 5.18
N MET G 104 21.95 16.43 3.97
CA MET G 104 21.02 16.59 2.85
C MET G 104 20.63 15.25 2.24
N ILE G 105 21.61 14.35 2.13
CA ILE G 105 21.41 13.01 1.60
C ILE G 105 20.33 12.26 2.40
N ALA G 106 20.38 12.37 3.72
CA ALA G 106 19.41 11.72 4.59
C ALA G 106 17.99 12.27 4.40
N GLN G 107 17.89 13.59 4.29
CA GLN G 107 16.60 14.27 4.12
C GLN G 107 16.01 14.03 2.73
N ALA G 108 16.86 13.70 1.77
CA ALA G 108 16.43 13.43 0.39
C ALA G 108 15.74 12.07 0.27
N GLY G 109 15.86 11.25 1.31
CA GLY G 109 15.23 9.94 1.34
C GLY G 109 16.09 8.84 0.74
N VAL G 110 17.40 9.06 0.70
CA VAL G 110 18.37 8.06 0.20
C VAL G 110 18.48 6.92 1.20
N LYS G 111 18.24 5.70 0.72
CA LYS G 111 18.20 4.51 1.58
C LYS G 111 19.57 4.01 2.02
N LYS G 112 20.51 3.98 1.09
CA LYS G 112 21.83 3.43 1.34
C LYS G 112 22.91 4.25 0.62
N VAL G 113 24.06 4.38 1.27
CA VAL G 113 25.22 5.02 0.67
C VAL G 113 26.40 4.04 0.64
N TYR G 114 26.93 3.79 -0.56
CA TYR G 114 28.11 2.95 -0.76
C TYR G 114 29.34 3.82 -0.98
N TYR G 115 30.41 3.56 -0.23
CA TYR G 115 31.66 4.31 -0.38
C TYR G 115 32.89 3.40 -0.45
N ARG G 116 33.98 3.91 -1.03
CA ARG G 116 35.22 3.14 -1.13
C ARG G 116 36.30 3.67 -0.18
N ASN G 117 36.62 4.96 -0.28
CA ASN G 117 37.67 5.56 0.53
C ASN G 117 37.15 6.49 1.62
N GLU G 118 37.87 6.56 2.73
CA GLU G 118 37.59 7.53 3.78
C GLU G 118 38.01 8.93 3.35
N TYR G 119 37.10 9.89 3.51
CA TYR G 119 37.42 11.32 3.41
C TYR G 119 38.00 11.75 4.76
N ARG G 120 38.82 12.81 4.80
CA ARG G 120 39.51 13.22 6.04
C ARG G 120 38.58 13.19 7.26
N ILE G 121 37.44 13.88 7.14
CA ILE G 121 36.41 13.91 8.19
C ILE G 121 35.55 12.64 8.10
N THR G 122 35.59 11.84 9.17
CA THR G 122 34.89 10.55 9.23
C THR G 122 33.46 10.71 9.76
N ASP G 123 33.16 11.90 10.27
CA ASP G 123 31.88 12.19 10.95
C ASP G 123 30.63 12.07 10.08
N GLY G 124 30.79 12.19 8.76
CA GLY G 124 29.68 12.04 7.82
C GLY G 124 29.00 10.68 7.88
N ILE G 125 29.81 9.64 8.03
CA ILE G 125 29.31 8.26 8.19
C ILE G 125 28.43 8.17 9.43
N ASP G 126 28.89 8.78 10.52
CA ASP G 126 28.12 8.84 11.77
C ASP G 126 26.81 9.58 11.55
N VAL G 127 26.91 10.75 10.91
CA VAL G 127 25.75 11.62 10.63
C VAL G 127 24.68 10.87 9.84
N LEU G 128 25.13 10.10 8.86
CA LEU G 128 24.28 9.37 7.93
C LEU G 128 23.53 8.25 8.64
N GLN G 129 24.25 7.52 9.48
CA GLN G 129 23.68 6.40 10.23
C GLN G 129 22.77 6.84 11.37
N GLN G 130 23.09 7.99 11.95
CA GLN G 130 22.24 8.58 12.99
C GLN G 130 20.87 8.97 12.42
N LEU G 131 20.85 9.33 11.14
CA LEU G 131 19.64 9.77 10.47
C LEU G 131 18.90 8.65 9.73
N GLY G 132 19.40 7.43 9.85
CA GLY G 132 18.68 6.24 9.39
C GLY G 132 19.01 5.80 7.98
N VAL G 133 20.21 6.11 7.55
CA VAL G 133 20.70 5.74 6.22
C VAL G 133 21.79 4.68 6.37
N GLU G 134 21.66 3.60 5.60
CA GLU G 134 22.62 2.50 5.62
C GLU G 134 23.91 2.89 4.93
N VAL G 135 25.03 2.43 5.49
CA VAL G 135 26.35 2.70 4.93
C VAL G 135 27.16 1.41 4.79
N GLU G 136 27.66 1.17 3.58
CA GLU G 136 28.51 0.03 3.31
C GLU G 136 29.81 0.48 2.65
N LYS G 137 30.93 -0.02 3.15
CA LYS G 137 32.23 0.21 2.51
C LYS G 137 32.55 -1.00 1.64
N MET G 138 33.05 -0.74 0.44
CA MET G 138 33.41 -1.80 -0.49
C MET G 138 34.72 -1.52 -1.23
N MET H 4 -2.45 15.44 9.97
CA MET H 4 -1.85 16.77 9.66
C MET H 4 -1.89 17.69 10.89
N LYS H 5 -0.71 18.20 11.26
CA LYS H 5 -0.59 19.08 12.42
C LYS H 5 -1.13 20.50 12.15
N PRO H 6 -1.69 21.17 13.18
CA PRO H 6 -2.54 22.35 12.97
C PRO H 6 -1.88 23.56 12.30
N GLU H 7 -0.59 23.76 12.57
CA GLU H 7 0.13 24.94 12.08
C GLU H 7 0.33 24.95 10.56
N ILE H 8 0.58 23.79 9.96
CA ILE H 8 0.66 23.69 8.50
C ILE H 8 -0.72 23.60 7.87
N LYS H 9 -1.67 22.99 8.59
CA LYS H 9 -3.07 22.99 8.20
C LYS H 9 -3.56 24.44 8.00
N GLU H 10 -3.24 25.30 8.96
CA GLU H 10 -3.57 26.72 8.88
C GLU H 10 -2.82 27.43 7.76
N ALA H 11 -1.56 27.03 7.56
CA ALA H 11 -0.71 27.61 6.52
C ALA H 11 -1.31 27.39 5.13
N TYR H 12 -1.88 26.21 4.90
CA TYR H 12 -2.54 25.93 3.62
C TYR H 12 -3.81 26.76 3.46
N MET H 13 -4.59 26.86 4.54
CA MET H 13 -5.81 27.65 4.49
C MET H 13 -5.52 29.14 4.24
N LYS H 14 -4.48 29.65 4.87
CA LYS H 14 -4.07 31.05 4.69
C LYS H 14 -3.52 31.33 3.27
N THR H 15 -2.90 30.32 2.66
CA THR H 15 -2.47 30.39 1.26
C THR H 15 -3.68 30.43 0.31
N ALA H 16 -4.69 29.63 0.60
CA ALA H 16 -5.95 29.65 -0.15
C ALA H 16 -6.58 31.03 -0.06
N GLU H 17 -6.60 31.59 1.16
CA GLU H 17 -7.16 32.91 1.40
C GLU H 17 -6.32 34.00 0.74
N LEU H 18 -5.02 33.75 0.63
CA LEU H 18 -4.08 34.69 0.02
C LEU H 18 -4.29 34.75 -1.50
N PHE H 19 -4.47 33.60 -2.12
CA PHE H 19 -4.73 33.52 -3.55
C PHE H 19 -6.16 33.86 -3.96
N SER H 20 -7.07 33.91 -2.99
CA SER H 20 -8.45 34.33 -3.30
C SER H 20 -8.50 35.83 -3.51
N GLN H 21 -7.55 36.54 -2.91
CA GLN H 21 -7.48 38.00 -2.99
C GLN H 21 -7.10 38.53 -4.36
N VAL H 22 -6.36 37.73 -5.13
CA VAL H 22 -5.96 38.15 -6.48
C VAL H 22 -7.12 38.09 -7.48
N SER H 23 -8.22 37.46 -7.06
CA SER H 23 -9.44 37.41 -7.87
C SER H 23 -10.01 38.80 -8.12
N ASN H 24 -10.59 38.99 -9.30
CA ASN H 24 -11.20 40.28 -9.65
C ASN H 24 -12.71 40.38 -9.38
N CYS H 25 -13.31 39.32 -8.85
CA CYS H 25 -14.76 39.28 -8.67
C CYS H 25 -15.23 40.13 -7.50
N LYS H 26 -16.37 40.80 -7.70
CA LYS H 26 -16.93 41.72 -6.71
C LYS H 26 -17.87 40.99 -5.75
N ARG H 27 -18.68 40.08 -6.28
CA ARG H 27 -19.67 39.33 -5.47
C ARG H 27 -18.98 38.59 -4.33
N MET H 28 -18.05 37.72 -4.69
CA MET H 28 -17.30 36.94 -3.73
C MET H 28 -15.94 36.58 -4.34
N LYS H 29 -14.91 36.57 -3.50
CA LYS H 29 -13.57 36.17 -3.90
C LYS H 29 -13.24 34.81 -3.30
N VAL H 30 -13.03 33.82 -4.17
CA VAL H 30 -12.82 32.43 -3.75
C VAL H 30 -11.46 31.91 -4.21
N GLY H 31 -10.78 31.14 -3.35
CA GLY H 31 -9.49 30.54 -3.68
C GLY H 31 -9.41 29.07 -3.29
N ALA H 32 -8.75 28.27 -4.12
CA ALA H 32 -8.66 26.83 -3.90
C ALA H 32 -7.24 26.27 -4.12
N ILE H 33 -6.83 25.37 -3.23
CA ILE H 33 -5.44 24.88 -3.17
C ILE H 33 -5.38 23.35 -3.20
N VAL H 34 -4.64 22.80 -4.17
CA VAL H 34 -4.40 21.35 -4.24
C VAL H 34 -3.07 20.99 -3.57
N VAL H 35 -3.14 20.14 -2.55
CA VAL H 35 -1.98 19.78 -1.75
C VAL H 35 -1.75 18.27 -1.80
N LYS H 36 -0.55 17.85 -2.17
CA LYS H 36 -0.21 16.43 -2.15
C LYS H 36 1.27 16.29 -1.80
N ASN H 37 1.55 15.55 -0.72
CA ASN H 37 2.92 15.29 -0.26
C ASN H 37 3.79 16.54 -0.13
N GLY H 38 3.25 17.57 0.52
CA GLY H 38 3.96 18.83 0.71
C GLY H 38 4.19 19.61 -0.57
N SER H 39 3.20 19.61 -1.46
CA SER H 39 3.30 20.39 -2.69
C SER H 39 1.96 21.02 -3.06
N ILE H 40 2.01 22.31 -3.37
CA ILE H 40 0.82 23.02 -3.85
C ILE H 40 0.81 22.95 -5.37
N LEU H 41 0.16 21.92 -5.89
CA LEU H 41 0.22 21.58 -7.30
C LEU H 41 -0.58 22.55 -8.14
N ALA H 42 -1.56 23.19 -7.51
CA ALA H 42 -2.39 24.17 -8.16
C ALA H 42 -2.96 25.17 -7.17
N HIS H 43 -3.03 26.42 -7.57
CA HIS H 43 -3.71 27.44 -6.83
C HIS H 43 -4.65 28.14 -7.78
N GLY H 44 -5.91 28.08 -7.48
CA GLY H 44 -6.93 28.59 -8.38
C GLY H 44 -7.84 29.58 -7.68
N TRP H 45 -8.26 30.60 -8.42
CA TRP H 45 -9.26 31.52 -7.91
C TRP H 45 -10.34 31.73 -8.96
N ASN H 46 -11.51 32.21 -8.53
CA ASN H 46 -12.59 32.48 -9.47
C ASN H 46 -12.27 33.65 -10.42
N GLY H 47 -12.65 33.48 -11.69
CA GLY H 47 -12.43 34.52 -12.69
C GLY H 47 -12.79 34.10 -14.10
N THR H 48 -12.80 35.07 -15.01
CA THR H 48 -13.07 34.80 -16.43
C THR H 48 -11.90 34.00 -17.03
N PRO H 49 -12.15 33.26 -18.13
CA PRO H 49 -11.10 32.47 -18.77
C PRO H 49 -9.95 33.33 -19.30
N SER H 50 -8.83 32.68 -19.62
CA SER H 50 -7.68 33.36 -20.19
C SER H 50 -7.97 33.88 -21.60
N GLY H 51 -7.65 35.15 -21.82
CA GLY H 51 -7.87 35.80 -23.11
C GLY H 51 -9.31 36.24 -23.34
N PHE H 52 -10.09 36.32 -22.26
CA PHE H 52 -11.48 36.77 -22.33
C PHE H 52 -11.51 38.29 -22.44
N HIS H 53 -12.57 38.83 -23.04
CA HIS H 53 -12.65 40.27 -23.31
C HIS H 53 -12.69 41.13 -22.04
N THR H 54 -12.90 40.51 -20.90
CA THR H 54 -12.97 41.25 -19.65
C THR H 54 -12.37 40.49 -18.47
N ASN H 55 -12.10 41.24 -17.41
CA ASN H 55 -11.71 40.70 -16.13
C ASN H 55 -12.87 40.80 -15.13
N CYS H 56 -13.97 41.40 -15.59
CA CYS H 56 -15.16 41.59 -14.76
C CYS H 56 -16.00 40.31 -14.67
N CYS H 57 -16.28 39.91 -13.44
CA CYS H 57 -16.91 38.62 -13.14
C CYS H 57 -18.43 38.64 -13.27
N GLU H 58 -19.03 39.82 -13.13
CA GLU H 58 -20.49 39.89 -13.08
C GLU H 58 -21.12 40.54 -14.31
N LEU H 59 -22.39 40.23 -14.51
CA LEU H 59 -23.21 40.80 -15.57
C LEU H 59 -23.73 42.20 -15.22
N GLU H 60 -24.47 42.79 -16.14
CA GLU H 60 -25.01 44.15 -16.00
C GLU H 60 -25.90 44.34 -14.77
N ASP H 61 -26.72 43.34 -14.46
CA ASP H 61 -27.43 43.29 -13.20
C ASP H 61 -26.50 42.73 -12.13
N GLY H 62 -27.06 42.02 -11.15
CA GLY H 62 -26.28 41.49 -10.04
C GLY H 62 -25.55 40.19 -10.30
N SER H 63 -26.07 39.37 -11.21
CA SER H 63 -25.63 37.98 -11.36
C SER H 63 -24.22 37.81 -11.95
N THR H 64 -23.61 36.67 -11.65
CA THR H 64 -22.28 36.35 -12.13
C THR H 64 -22.33 35.85 -13.57
N ASN H 65 -21.39 36.35 -14.37
CA ASN H 65 -21.23 35.96 -15.76
C ASN H 65 -21.07 34.46 -15.88
N PRO H 66 -21.94 33.80 -16.68
CA PRO H 66 -21.85 32.35 -16.87
C PRO H 66 -20.51 31.90 -17.45
N PHE H 67 -19.73 32.83 -17.99
CA PHE H 67 -18.42 32.52 -18.56
C PHE H 67 -17.34 32.30 -17.51
N VAL H 68 -17.57 32.75 -16.28
CA VAL H 68 -16.56 32.65 -15.22
C VAL H 68 -16.37 31.22 -14.72
N LEU H 69 -15.13 30.94 -14.34
CA LEU H 69 -14.76 29.65 -13.81
C LEU H 69 -14.63 29.78 -12.31
N HIS H 70 -15.19 28.82 -11.58
CA HIS H 70 -15.03 28.75 -10.13
C HIS H 70 -13.59 28.43 -9.77
N ALA H 71 -13.21 28.78 -8.55
CA ALA H 71 -11.86 28.49 -8.04
C ALA H 71 -11.49 27.01 -8.11
N GLU H 72 -12.47 26.13 -7.84
CA GLU H 72 -12.24 24.69 -7.85
C GLU H 72 -12.08 24.17 -9.27
N GLN H 73 -12.87 24.72 -10.20
CA GLN H 73 -12.76 24.40 -11.62
C GLN H 73 -11.37 24.74 -12.16
N ASN H 74 -10.88 25.93 -11.80
CA ASN H 74 -9.54 26.38 -12.19
C ASN H 74 -8.44 25.52 -11.58
N ALA H 75 -8.69 25.06 -10.35
CA ALA H 75 -7.78 24.14 -9.67
C ALA H 75 -7.77 22.80 -10.38
N LEU H 76 -8.95 22.34 -10.77
CA LEU H 76 -9.11 21.08 -11.50
C LEU H 76 -8.47 21.18 -12.88
N VAL H 77 -8.68 22.31 -13.56
CA VAL H 77 -8.18 22.53 -14.92
C VAL H 77 -6.65 22.60 -14.94
N LYS H 78 -6.09 23.31 -13.96
CA LYS H 78 -4.63 23.41 -13.79
C LYS H 78 -3.99 22.03 -13.62
N MET H 79 -4.71 21.11 -12.98
CA MET H 79 -4.19 19.77 -12.73
C MET H 79 -4.17 18.88 -13.98
N ALA H 80 -5.06 19.17 -14.92
CA ALA H 80 -5.07 18.50 -16.21
C ALA H 80 -3.95 19.02 -17.11
N LYS H 81 -3.61 20.29 -16.95
CA LYS H 81 -2.46 20.90 -17.63
C LYS H 81 -1.15 20.48 -16.96
N SER H 82 -1.26 19.97 -15.74
CA SER H 82 -0.10 19.55 -14.97
C SER H 82 0.35 18.13 -15.35
N SER H 83 1.50 17.73 -14.82
CA SER H 83 2.03 16.38 -15.05
C SER H 83 2.03 15.53 -13.78
N GLU H 84 1.40 16.07 -12.73
CA GLU H 84 1.25 15.34 -11.46
C GLU H 84 -0.22 14.98 -11.22
N SER H 85 -0.43 13.82 -10.62
CA SER H 85 -1.79 13.27 -10.45
C SER H 85 -2.52 13.93 -9.29
N ILE H 86 -3.81 14.18 -9.47
CA ILE H 86 -4.64 14.81 -8.44
C ILE H 86 -5.19 13.75 -7.49
N ASP H 87 -5.12 12.49 -7.90
CA ASP H 87 -5.63 11.37 -7.12
C ASP H 87 -4.84 11.23 -5.83
N GLY H 88 -5.56 11.20 -4.71
CA GLY H 88 -4.94 11.08 -3.39
C GLY H 88 -4.55 12.40 -2.74
N SER H 89 -4.85 13.53 -3.41
CA SER H 89 -4.56 14.84 -2.86
C SER H 89 -5.70 15.36 -1.99
N GLU H 90 -5.42 16.44 -1.26
CA GLU H 90 -6.45 17.14 -0.50
C GLU H 90 -6.63 18.55 -1.06
N LEU H 91 -7.80 19.12 -0.81
CA LEU H 91 -8.16 20.43 -1.33
C LEU H 91 -8.45 21.39 -0.18
N PHE H 92 -7.83 22.57 -0.21
CA PHE H 92 -8.10 23.62 0.76
C PHE H 92 -8.84 24.76 0.09
N CYS H 93 -10.05 25.02 0.56
CA CYS H 93 -10.96 25.97 -0.07
C CYS H 93 -11.38 27.05 0.90
N THR H 94 -11.48 28.28 0.42
CA THR H 94 -11.94 29.40 1.25
C THR H 94 -13.43 29.26 1.47
N HIS H 95 -14.12 28.76 0.45
CA HIS H 95 -15.56 28.59 0.47
C HIS H 95 -15.91 27.15 0.09
N SER H 96 -16.96 26.61 0.71
CA SER H 96 -17.41 25.25 0.41
C SER H 96 -17.77 25.12 -1.08
N PRO H 97 -17.30 24.06 -1.72
CA PRO H 97 -17.57 23.82 -3.14
C PRO H 97 -19.06 23.70 -3.41
N CYS H 98 -19.48 24.01 -4.63
CA CYS H 98 -20.89 23.90 -5.01
C CYS H 98 -21.16 22.44 -5.30
N PRO H 99 -22.35 22.11 -5.81
CA PRO H 99 -22.59 20.73 -6.10
C PRO H 99 -22.02 20.29 -7.42
N ASP H 100 -21.87 21.18 -8.37
CA ASP H 100 -21.39 20.76 -9.70
CA ASP H 100 -21.40 20.78 -9.71
C ASP H 100 -19.89 20.50 -9.68
N CYS H 101 -19.13 21.31 -8.92
CA CYS H 101 -17.68 21.13 -8.77
C CYS H 101 -17.40 19.91 -7.91
N SER H 102 -18.17 19.78 -6.83
CA SER H 102 -18.07 18.63 -5.93
C SER H 102 -18.14 17.29 -6.65
N LYS H 103 -18.99 17.22 -7.67
CA LYS H 103 -19.08 16.07 -8.56
C LYS H 103 -17.69 15.71 -9.13
N MET H 104 -17.01 16.72 -9.68
CA MET H 104 -15.71 16.50 -10.32
C MET H 104 -14.61 16.24 -9.29
N ILE H 105 -14.71 16.91 -8.15
CA ILE H 105 -13.73 16.77 -7.08
C ILE H 105 -13.67 15.32 -6.59
N ALA H 106 -14.83 14.72 -6.36
CA ALA H 106 -14.92 13.34 -5.89
C ALA H 106 -14.42 12.34 -6.93
N GLN H 107 -14.73 12.59 -8.19
CA GLN H 107 -14.32 11.70 -9.27
C GLN H 107 -12.80 11.78 -9.52
N ALA H 108 -12.21 12.91 -9.15
CA ALA H 108 -10.77 13.14 -9.31
C ALA H 108 -9.92 12.30 -8.34
N GLY H 109 -10.57 11.78 -7.30
CA GLY H 109 -9.89 10.99 -6.28
C GLY H 109 -9.30 11.83 -5.16
N VAL H 110 -9.94 12.98 -4.89
CA VAL H 110 -9.54 13.86 -3.78
C VAL H 110 -10.02 13.27 -2.46
N LYS H 111 -9.09 13.08 -1.52
CA LYS H 111 -9.39 12.45 -0.23
C LYS H 111 -10.26 13.32 0.67
N LYS H 112 -9.83 14.57 0.86
CA LYS H 112 -10.44 15.45 1.85
C LYS H 112 -10.56 16.86 1.32
N VAL H 113 -11.63 17.55 1.72
CA VAL H 113 -11.82 18.96 1.39
C VAL H 113 -11.93 19.81 2.65
N TYR H 114 -10.98 20.73 2.82
CA TYR H 114 -10.97 21.70 3.91
C TYR H 114 -11.61 23.00 3.43
N TYR H 115 -12.57 23.52 4.20
CA TYR H 115 -13.16 24.84 3.91
C TYR H 115 -13.32 25.74 5.14
N ARG H 116 -13.36 27.05 4.91
CA ARG H 116 -13.51 28.02 5.99
C ARG H 116 -14.92 28.62 6.05
N ASN H 117 -15.37 29.19 4.95
CA ASN H 117 -16.70 29.78 4.87
C ASN H 117 -17.67 28.93 4.07
N GLU H 118 -18.97 29.13 4.29
CA GLU H 118 -19.98 28.41 3.54
C GLU H 118 -20.51 29.20 2.33
N TYR H 119 -20.63 28.51 1.21
CA TYR H 119 -21.28 29.02 0.01
C TYR H 119 -22.81 29.02 0.22
N ARG H 120 -23.54 29.89 -0.50
CA ARG H 120 -25.01 29.99 -0.34
C ARG H 120 -25.70 28.63 -0.42
N ILE H 121 -25.41 27.90 -1.50
CA ILE H 121 -25.84 26.52 -1.65
C ILE H 121 -24.92 25.66 -0.81
N THR H 122 -25.48 24.98 0.19
CA THR H 122 -24.70 24.12 1.07
C THR H 122 -24.70 22.65 0.59
N ASP H 123 -25.40 22.38 -0.52
CA ASP H 123 -25.59 21.02 -1.01
C ASP H 123 -24.29 20.32 -1.46
N GLY H 124 -23.31 21.12 -1.88
CA GLY H 124 -22.00 20.63 -2.28
C GLY H 124 -21.25 19.87 -1.20
N ILE H 125 -21.43 20.29 0.06
CA ILE H 125 -20.85 19.58 1.20
C ILE H 125 -21.43 18.17 1.28
N ASP H 126 -22.75 18.08 1.15
CA ASP H 126 -23.46 16.80 1.18
C ASP H 126 -23.08 15.92 -0.01
N VAL H 127 -22.95 16.53 -1.19
CA VAL H 127 -22.51 15.85 -2.40
C VAL H 127 -21.17 15.16 -2.20
N LEU H 128 -20.21 15.91 -1.66
CA LEU H 128 -18.88 15.39 -1.35
C LEU H 128 -18.94 14.18 -0.41
N GLN H 129 -19.67 14.34 0.68
CA GLN H 129 -19.72 13.31 1.72
C GLN H 129 -20.39 12.05 1.19
N GLN H 130 -21.35 12.25 0.29
CA GLN H 130 -22.07 11.13 -0.32
C GLN H 130 -21.20 10.36 -1.32
N LEU H 131 -20.10 10.98 -1.76
CA LEU H 131 -19.21 10.35 -2.71
C LEU H 131 -17.86 9.93 -2.11
N GLY H 132 -17.80 9.90 -0.78
CA GLY H 132 -16.64 9.36 -0.05
C GLY H 132 -15.48 10.31 0.17
N VAL H 133 -15.75 11.61 0.15
CA VAL H 133 -14.75 12.65 0.38
C VAL H 133 -14.99 13.30 1.74
N GLU H 134 -13.97 13.28 2.58
CA GLU H 134 -14.04 13.88 3.91
C GLU H 134 -14.09 15.40 3.80
N VAL H 135 -14.88 16.01 4.70
CA VAL H 135 -15.06 17.46 4.71
C VAL H 135 -14.87 18.01 6.12
N GLU H 136 -13.98 18.99 6.27
CA GLU H 136 -13.73 19.63 7.55
C GLU H 136 -13.85 21.13 7.42
N LYS H 137 -14.62 21.75 8.32
CA LYS H 137 -14.67 23.20 8.41
C LYS H 137 -13.61 23.68 9.39
N MET H 138 -12.82 24.68 8.98
CA MET H 138 -11.82 25.25 9.88
C MET H 138 -11.84 26.78 9.92
N MET I 4 -11.88 -6.23 -14.65
CA MET I 4 -12.06 -5.86 -16.08
C MET I 4 -13.39 -6.36 -16.62
N LYS I 5 -14.32 -5.43 -16.82
CA LYS I 5 -15.67 -5.75 -17.30
C LYS I 5 -15.70 -6.06 -18.81
N PRO I 6 -16.48 -7.09 -19.21
CA PRO I 6 -16.50 -7.65 -20.58
C PRO I 6 -16.69 -6.66 -21.75
N GLU I 7 -17.56 -5.67 -21.59
CA GLU I 7 -17.83 -4.70 -22.67
C GLU I 7 -16.71 -3.65 -22.84
N ILE I 8 -15.94 -3.43 -21.78
CA ILE I 8 -14.75 -2.58 -21.83
C ILE I 8 -13.58 -3.36 -22.41
N LYS I 9 -13.51 -4.65 -22.06
CA LYS I 9 -12.57 -5.61 -22.64
C LYS I 9 -12.74 -5.68 -24.16
N GLU I 10 -14.01 -5.75 -24.59
CA GLU I 10 -14.36 -5.82 -26.01
C GLU I 10 -14.06 -4.51 -26.74
N ALA I 11 -14.22 -3.38 -26.03
CA ALA I 11 -13.90 -2.07 -26.59
C ALA I 11 -12.42 -1.90 -26.92
N TYR I 12 -11.53 -2.42 -26.07
CA TYR I 12 -10.08 -2.35 -26.33
C TYR I 12 -9.68 -3.19 -27.52
N MET I 13 -10.27 -4.39 -27.63
CA MET I 13 -10.00 -5.29 -28.75
C MET I 13 -10.49 -4.72 -30.09
N LYS I 14 -11.67 -4.08 -30.07
CA LYS I 14 -12.18 -3.41 -31.26
C LYS I 14 -11.35 -2.17 -31.62
N THR I 15 -10.74 -1.54 -30.62
CA THR I 15 -9.82 -0.41 -30.83
C THR I 15 -8.52 -0.89 -31.49
N ALA I 16 -8.05 -2.08 -31.08
CA ALA I 16 -6.94 -2.74 -31.75
C ALA I 16 -7.27 -3.03 -33.21
N GLU I 17 -8.49 -3.50 -33.45
CA GLU I 17 -8.95 -3.83 -34.80
C GLU I 17 -9.11 -2.57 -35.66
N LEU I 18 -9.48 -1.49 -35.00
CA LEU I 18 -9.63 -0.18 -35.64
C LEU I 18 -8.30 0.38 -36.12
N PHE I 19 -7.29 0.33 -35.24
CA PHE I 19 -5.96 0.86 -35.58
C PHE I 19 -5.13 -0.07 -36.47
N SER I 20 -5.57 -1.32 -36.60
CA SER I 20 -4.91 -2.26 -37.50
C SER I 20 -5.22 -1.88 -38.95
N GLN I 21 -6.38 -1.28 -39.13
CA GLN I 21 -6.88 -0.92 -40.46
C GLN I 21 -6.11 0.23 -41.13
N VAL I 22 -5.40 1.03 -40.33
CA VAL I 22 -4.57 2.11 -40.88
C VAL I 22 -3.21 1.61 -41.39
N SER I 23 -2.92 0.33 -41.13
CA SER I 23 -1.75 -0.33 -41.69
C SER I 23 -1.89 -0.44 -43.21
N ASN I 24 -0.78 -0.19 -43.92
CA ASN I 24 -0.78 -0.29 -45.39
C ASN I 24 -0.35 -1.66 -45.90
N CYS I 25 -0.05 -2.59 -44.99
CA CYS I 25 0.39 -3.93 -45.37
C CYS I 25 -0.72 -4.73 -46.03
N LYS I 26 -0.36 -5.49 -47.05
CA LYS I 26 -1.33 -6.22 -47.86
C LYS I 26 -1.47 -7.67 -47.38
N ARG I 27 -0.40 -8.21 -46.80
CA ARG I 27 -0.39 -9.60 -46.34
C ARG I 27 -1.34 -9.79 -45.16
N MET I 28 -1.27 -8.87 -44.20
CA MET I 28 -2.07 -8.93 -42.99
C MET I 28 -1.95 -7.58 -42.29
N LYS I 29 -3.08 -7.11 -41.76
CA LYS I 29 -3.12 -5.87 -41.01
C LYS I 29 -3.22 -6.19 -39.53
N VAL I 30 -2.22 -5.76 -38.76
CA VAL I 30 -2.14 -6.09 -37.33
C VAL I 30 -2.14 -4.82 -36.47
N GLY I 31 -2.84 -4.89 -35.34
CA GLY I 31 -2.92 -3.79 -34.38
C GLY I 31 -2.70 -4.24 -32.94
N ALA I 32 -2.03 -3.40 -32.16
CA ALA I 32 -1.70 -3.70 -30.75
C ALA I 32 -1.95 -2.49 -29.83
N ILE I 33 -2.54 -2.78 -28.66
CA ILE I 33 -2.94 -1.74 -27.69
C ILE I 33 -2.43 -2.05 -26.29
N VAL I 34 -1.73 -1.08 -25.69
CA VAL I 34 -1.26 -1.18 -24.31
C VAL I 34 -2.26 -0.50 -23.37
N VAL I 35 -2.68 -1.22 -22.33
CA VAL I 35 -3.71 -0.76 -21.40
C VAL I 35 -3.25 -0.94 -19.95
N LYS I 36 -3.33 0.13 -19.16
CA LYS I 36 -2.98 0.05 -17.74
C LYS I 36 -3.88 0.95 -16.90
N ASN I 37 -4.46 0.37 -15.85
CA ASN I 37 -5.31 1.10 -14.90
C ASN I 37 -6.46 1.82 -15.61
N GLY I 38 -7.10 1.13 -16.54
CA GLY I 38 -8.17 1.70 -17.36
C GLY I 38 -7.72 2.87 -18.22
N SER I 39 -6.56 2.72 -18.86
CA SER I 39 -6.04 3.74 -19.76
C SER I 39 -5.26 3.13 -20.92
N ILE I 40 -5.58 3.56 -22.15
CA ILE I 40 -4.80 3.17 -23.33
C ILE I 40 -3.52 3.98 -23.33
N LEU I 41 -2.38 3.31 -23.40
CA LEU I 41 -1.08 3.99 -23.32
C LEU I 41 -0.36 4.05 -24.65
N ALA I 42 -0.62 3.06 -25.51
CA ALA I 42 0.01 2.99 -26.82
C ALA I 42 -0.86 2.27 -27.84
N HIS I 43 -0.77 2.67 -29.09
CA HIS I 43 -1.43 2.00 -30.18
C HIS I 43 -0.52 1.88 -31.36
N GLY I 44 -0.20 0.66 -31.72
CA GLY I 44 0.75 0.40 -32.78
C GLY I 44 0.21 -0.55 -33.82
N TRP I 45 0.66 -0.38 -35.05
CA TRP I 45 0.31 -1.29 -36.12
C TRP I 45 1.55 -1.61 -36.93
N ASN I 46 1.49 -2.70 -37.69
CA ASN I 46 2.60 -3.08 -38.54
C ASN I 46 2.79 -2.11 -39.71
N GLY I 47 4.05 -1.79 -40.00
CA GLY I 47 4.40 -0.88 -41.09
C GLY I 47 5.89 -0.63 -41.15
N THR I 48 6.33 0.09 -42.17
CA THR I 48 7.73 0.48 -42.33
C THR I 48 8.08 1.60 -41.35
N PRO I 49 9.39 1.80 -41.08
CA PRO I 49 9.82 2.87 -40.18
C PRO I 49 9.42 4.26 -40.65
N SER I 50 9.36 5.20 -39.72
CA SER I 50 9.09 6.60 -40.05
C SER I 50 10.21 7.17 -40.91
N GLY I 51 9.82 7.85 -41.99
CA GLY I 51 10.76 8.50 -42.89
C GLY I 51 11.37 7.57 -43.91
N PHE I 52 10.96 6.30 -43.88
CA PHE I 52 11.41 5.29 -44.84
C PHE I 52 10.80 5.59 -46.21
N HIS I 53 11.49 5.17 -47.26
CA HIS I 53 11.12 5.57 -48.62
C HIS I 53 9.71 5.15 -49.09
N THR I 54 9.16 4.09 -48.51
CA THR I 54 7.79 3.65 -48.86
C THR I 54 7.00 3.15 -47.67
N ASN I 55 5.69 3.04 -47.90
CA ASN I 55 4.76 2.36 -47.00
C ASN I 55 4.54 0.90 -47.35
N CYS I 56 5.14 0.46 -48.45
CA CYS I 56 4.97 -0.90 -48.94
C CYS I 56 5.64 -1.93 -48.03
N CYS I 57 4.82 -2.80 -47.44
CA CYS I 57 5.27 -3.75 -46.43
C CYS I 57 5.90 -5.01 -47.02
N GLU I 58 5.69 -5.23 -48.31
CA GLU I 58 6.13 -6.45 -48.94
C GLU I 58 7.08 -6.18 -50.11
N LEU I 59 7.84 -7.21 -50.46
CA LEU I 59 8.76 -7.16 -51.60
C LEU I 59 8.07 -7.59 -52.90
N GLU I 60 8.84 -7.57 -53.99
CA GLU I 60 8.35 -8.04 -55.28
C GLU I 60 8.57 -9.54 -55.37
N ASP I 61 9.45 -10.02 -54.55
CA ASP I 61 9.35 -11.37 -54.14
C ASP I 61 7.92 -11.54 -53.68
N GLY I 62 7.44 -10.61 -52.85
CA GLY I 62 6.11 -10.70 -52.28
C GLY I 62 6.04 -11.17 -50.84
N SER I 63 7.20 -11.25 -50.19
CA SER I 63 7.23 -11.58 -48.79
C SER I 63 7.29 -10.26 -48.04
N THR I 64 7.16 -10.28 -46.74
CA THR I 64 7.19 -9.01 -46.03
C THR I 64 8.61 -8.46 -45.95
N ASN I 65 8.77 -7.18 -46.29
CA ASN I 65 10.06 -6.46 -46.18
C ASN I 65 10.67 -6.59 -44.78
N PRO I 66 11.93 -7.07 -44.70
CA PRO I 66 12.62 -7.18 -43.42
C PRO I 66 12.75 -5.85 -42.66
N PHE I 67 12.43 -4.74 -43.32
CA PHE I 67 12.49 -3.43 -42.69
C PHE I 67 11.24 -3.06 -41.89
N VAL I 68 10.14 -3.79 -42.07
CA VAL I 68 8.89 -3.45 -41.39
C VAL I 68 8.90 -3.84 -39.91
N LEU I 69 8.21 -3.05 -39.11
CA LEU I 69 8.07 -3.29 -37.69
C LEU I 69 6.71 -3.91 -37.44
N HIS I 70 6.70 -4.94 -36.59
CA HIS I 70 5.48 -5.59 -36.16
C HIS I 70 4.69 -4.65 -35.25
N ALA I 71 3.37 -4.85 -35.18
CA ALA I 71 2.49 -4.03 -34.32
C ALA I 71 2.93 -4.03 -32.86
N GLU I 72 3.40 -5.18 -32.39
CA GLU I 72 3.90 -5.30 -31.03
C GLU I 72 5.19 -4.50 -30.84
N GLN I 73 6.04 -4.49 -31.87
CA GLN I 73 7.30 -3.75 -31.82
C GLN I 73 7.04 -2.25 -31.77
N ASN I 74 6.13 -1.78 -32.61
CA ASN I 74 5.71 -0.38 -32.62
C ASN I 74 5.06 0.07 -31.32
N ALA I 75 4.29 -0.83 -30.69
CA ALA I 75 3.71 -0.55 -29.38
C ALA I 75 4.78 -0.53 -28.29
N LEU I 76 5.79 -1.38 -28.43
CA LEU I 76 6.89 -1.46 -27.46
C LEU I 76 7.76 -0.20 -27.57
N VAL I 77 8.08 0.17 -28.80
CA VAL I 77 8.91 1.35 -29.10
C VAL I 77 8.22 2.62 -28.62
N LYS I 78 6.90 2.66 -28.80
CA LYS I 78 6.11 3.83 -28.42
C LYS I 78 6.09 3.99 -26.89
N MET I 79 6.11 2.87 -26.17
CA MET I 79 6.14 2.88 -24.70
C MET I 79 7.47 3.36 -24.13
N ALA I 80 8.57 3.12 -24.85
CA ALA I 80 9.88 3.65 -24.49
C ALA I 80 9.96 5.14 -24.77
N LYS I 81 9.27 5.55 -25.82
CA LYS I 81 9.24 6.94 -26.26
C LYS I 81 8.25 7.73 -25.41
N SER I 82 7.34 7.02 -24.76
CA SER I 82 6.36 7.61 -23.85
C SER I 82 7.00 7.89 -22.49
N SER I 83 6.23 8.53 -21.62
CA SER I 83 6.68 8.83 -20.26
C SER I 83 5.88 8.06 -19.21
N GLU I 84 5.27 6.96 -19.66
CA GLU I 84 4.53 6.06 -18.78
C GLU I 84 5.14 4.67 -18.89
N SER I 85 4.85 3.83 -17.89
CA SER I 85 5.47 2.51 -17.80
C SER I 85 4.59 1.42 -18.38
N ILE I 86 5.22 0.51 -19.12
CA ILE I 86 4.54 -0.65 -19.67
C ILE I 86 4.49 -1.78 -18.63
N ASP I 87 5.24 -1.62 -17.54
CA ASP I 87 5.30 -2.64 -16.49
C ASP I 87 3.97 -2.77 -15.75
N GLY I 88 3.40 -3.99 -15.81
CA GLY I 88 2.12 -4.29 -15.16
C GLY I 88 0.90 -4.05 -16.03
N SER I 89 1.12 -3.71 -17.30
CA SER I 89 0.04 -3.44 -18.23
C SER I 89 -0.46 -4.70 -18.93
N GLU I 90 -1.62 -4.60 -19.57
CA GLU I 90 -2.16 -5.69 -20.37
C GLU I 90 -2.17 -5.28 -21.83
N LEU I 91 -2.05 -6.24 -22.73
CA LEU I 91 -1.89 -5.96 -24.16
C LEU I 91 -3.02 -6.56 -24.99
N PHE I 92 -3.62 -5.75 -25.85
CA PHE I 92 -4.69 -6.21 -26.72
C PHE I 92 -4.17 -6.27 -28.16
N CYS I 93 -4.12 -7.47 -28.72
CA CYS I 93 -3.62 -7.68 -30.08
C CYS I 93 -4.65 -8.33 -31.00
N THR I 94 -4.68 -7.92 -32.26
CA THR I 94 -5.58 -8.52 -33.26
C THR I 94 -5.14 -9.94 -33.58
N HIS I 95 -3.83 -10.16 -33.58
CA HIS I 95 -3.24 -11.45 -33.85
C HIS I 95 -2.24 -11.82 -32.76
N SER I 96 -2.01 -13.11 -32.57
CA SER I 96 -1.03 -13.60 -31.60
C SER I 96 0.38 -13.16 -31.98
N PRO I 97 1.14 -12.63 -31.01
CA PRO I 97 2.51 -12.16 -31.29
C PRO I 97 3.49 -13.27 -31.65
N CYS I 98 4.48 -12.92 -32.48
CA CYS I 98 5.55 -13.84 -32.85
C CYS I 98 6.51 -14.03 -31.67
N PRO I 99 7.20 -15.19 -31.61
CA PRO I 99 8.12 -15.55 -30.52
C PRO I 99 9.17 -14.48 -30.18
N ASP I 100 9.62 -13.72 -31.19
CA ASP I 100 10.63 -12.67 -31.01
CA ASP I 100 10.64 -12.70 -30.95
C ASP I 100 10.05 -11.46 -30.28
N CYS I 101 8.82 -11.09 -30.63
CA CYS I 101 8.13 -9.98 -29.99
C CYS I 101 7.70 -10.39 -28.59
N SER I 102 7.21 -11.62 -28.48
CA SER I 102 6.79 -12.22 -27.21
C SER I 102 7.91 -12.22 -26.18
N LYS I 103 9.13 -12.39 -26.67
CA LYS I 103 10.33 -12.37 -25.83
C LYS I 103 10.44 -11.00 -25.15
N MET I 104 10.18 -9.94 -25.92
CA MET I 104 10.36 -8.58 -25.43
C MET I 104 9.19 -8.16 -24.55
N ILE I 105 8.01 -8.62 -24.94
CA ILE I 105 6.77 -8.36 -24.22
C ILE I 105 6.88 -8.89 -22.79
N ALA I 106 7.41 -10.10 -22.65
CA ALA I 106 7.53 -10.76 -21.36
C ALA I 106 8.54 -10.05 -20.45
N GLN I 107 9.61 -9.55 -21.06
CA GLN I 107 10.68 -8.89 -20.33
C GLN I 107 10.27 -7.48 -19.91
N ALA I 108 9.27 -6.94 -20.60
CA ALA I 108 8.72 -5.63 -20.29
C ALA I 108 7.82 -5.64 -19.05
N GLY I 109 7.37 -6.83 -18.66
CA GLY I 109 6.52 -6.99 -17.48
C GLY I 109 5.03 -6.87 -17.74
N VAL I 110 4.61 -7.26 -18.95
CA VAL I 110 3.20 -7.29 -19.32
C VAL I 110 2.54 -8.50 -18.65
N LYS I 111 1.46 -8.26 -17.91
CA LYS I 111 0.76 -9.30 -17.15
C LYS I 111 0.02 -10.29 -18.07
N LYS I 112 -0.72 -9.74 -19.03
CA LYS I 112 -1.63 -10.53 -19.84
C LYS I 112 -1.65 -10.02 -21.29
N VAL I 113 -1.77 -10.95 -22.22
CA VAL I 113 -1.94 -10.62 -23.63
C VAL I 113 -3.28 -11.18 -24.11
N TYR I 114 -4.15 -10.29 -24.59
CA TYR I 114 -5.41 -10.66 -25.24
C TYR I 114 -5.23 -10.69 -26.75
N TYR I 115 -5.69 -11.76 -27.39
CA TYR I 115 -5.65 -11.83 -28.85
C TYR I 115 -6.95 -12.38 -29.44
N ARG I 116 -7.20 -12.04 -30.70
CA ARG I 116 -8.36 -12.53 -31.42
C ARG I 116 -7.98 -13.61 -32.43
N ASN I 117 -7.02 -13.31 -33.29
CA ASN I 117 -6.61 -14.23 -34.34
C ASN I 117 -5.24 -14.85 -34.10
N GLU I 118 -4.97 -15.93 -34.83
CA GLU I 118 -3.72 -16.65 -34.68
C GLU I 118 -2.81 -16.41 -35.87
N TYR I 119 -1.57 -16.02 -35.56
CA TYR I 119 -0.52 -15.84 -36.54
C TYR I 119 0.01 -17.21 -36.96
N ARG I 120 0.65 -17.27 -38.13
CA ARG I 120 1.23 -18.50 -38.68
C ARG I 120 1.96 -19.33 -37.63
N ILE I 121 2.99 -18.73 -37.05
CA ILE I 121 3.79 -19.34 -35.99
C ILE I 121 3.01 -19.19 -34.68
N THR I 122 2.38 -20.28 -34.24
CA THR I 122 1.61 -20.27 -33.00
C THR I 122 2.50 -20.56 -31.78
N ASP I 123 3.81 -20.66 -32.00
CA ASP I 123 4.79 -20.88 -30.94
C ASP I 123 5.04 -19.64 -30.08
N GLY I 124 4.60 -18.48 -30.59
CA GLY I 124 4.69 -17.22 -29.85
C GLY I 124 3.85 -17.22 -28.58
N ILE I 125 2.70 -17.89 -28.64
CA ILE I 125 1.85 -18.10 -27.47
C ILE I 125 2.57 -18.97 -26.43
N ASP I 126 3.35 -19.95 -26.90
CA ASP I 126 4.13 -20.81 -26.02
C ASP I 126 5.22 -20.04 -25.29
N VAL I 127 5.87 -19.11 -26.00
CA VAL I 127 6.91 -18.25 -25.45
C VAL I 127 6.36 -17.40 -24.29
N LEU I 128 5.19 -16.81 -24.51
CA LEU I 128 4.51 -15.97 -23.53
C LEU I 128 4.17 -16.71 -22.25
N GLN I 129 3.59 -17.91 -22.37
CA GLN I 129 3.19 -18.70 -21.23
C GLN I 129 4.40 -19.25 -20.47
N GLN I 130 5.47 -19.54 -21.21
CA GLN I 130 6.69 -20.06 -20.60
C GLN I 130 7.51 -18.95 -19.91
N LEU I 131 7.18 -17.70 -20.20
CA LEU I 131 7.85 -16.55 -19.58
C LEU I 131 6.99 -15.80 -18.55
N GLY I 132 5.85 -16.40 -18.19
CA GLY I 132 5.03 -15.91 -17.08
C GLY I 132 4.01 -14.84 -17.44
N VAL I 133 3.54 -14.89 -18.68
CA VAL I 133 2.55 -13.93 -19.17
C VAL I 133 1.28 -14.68 -19.51
N GLU I 134 0.17 -14.21 -18.96
CA GLU I 134 -1.14 -14.79 -19.22
C GLU I 134 -1.60 -14.49 -20.64
N VAL I 135 -2.29 -15.46 -21.24
CA VAL I 135 -2.81 -15.29 -22.59
C VAL I 135 -4.30 -15.66 -22.59
N GLU I 136 -5.10 -14.89 -23.33
CA GLU I 136 -6.51 -15.20 -23.49
C GLU I 136 -6.98 -14.95 -24.92
N LYS I 137 -7.63 -15.95 -25.51
CA LYS I 137 -8.25 -15.75 -26.82
C LYS I 137 -9.65 -15.15 -26.62
N MET I 138 -9.98 -14.16 -27.43
CA MET I 138 -11.33 -13.57 -27.39
C MET I 138 -11.87 -13.20 -28.77
N HIS J 3 8.24 9.71 13.37
CA HIS J 3 8.66 10.43 14.61
C HIS J 3 7.59 10.33 15.69
N MET J 4 7.98 9.77 16.84
CA MET J 4 7.12 9.70 18.03
C MET J 4 7.57 10.72 19.08
N LYS J 5 6.61 11.23 19.85
CA LYS J 5 6.85 12.27 20.86
C LYS J 5 7.96 11.85 21.84
N PRO J 6 8.84 12.79 22.23
CA PRO J 6 10.00 12.49 23.09
C PRO J 6 9.65 11.87 24.46
N GLU J 7 8.57 12.33 25.09
CA GLU J 7 8.21 11.85 26.43
C GLU J 7 7.67 10.41 26.46
N ILE J 8 7.02 9.98 25.37
CA ILE J 8 6.58 8.59 25.27
C ILE J 8 7.77 7.69 24.92
N LYS J 9 8.73 8.25 24.19
CA LYS J 9 9.97 7.57 23.84
C LYS J 9 10.77 7.25 25.10
N GLU J 10 10.77 8.20 26.05
CA GLU J 10 11.41 8.01 27.34
C GLU J 10 10.61 7.04 28.22
N ALA J 11 9.29 7.09 28.09
CA ALA J 11 8.40 6.22 28.83
C ALA J 11 8.60 4.74 28.47
N TYR J 12 8.81 4.46 27.18
CA TYR J 12 9.08 3.09 26.72
C TYR J 12 10.42 2.59 27.24
N MET J 13 11.43 3.45 27.18
CA MET J 13 12.76 3.10 27.65
C MET J 13 12.76 2.83 29.16
N LYS J 14 12.03 3.64 29.91
CA LYS J 14 11.91 3.43 31.36
C LYS J 14 11.13 2.17 31.70
N THR J 15 10.19 1.80 30.83
CA THR J 15 9.43 0.55 30.98
C THR J 15 10.34 -0.66 30.79
N ALA J 16 11.27 -0.56 29.83
CA ALA J 16 12.31 -1.58 29.65
C ALA J 16 13.18 -1.69 30.90
N GLU J 17 13.45 -0.55 31.52
CA GLU J 17 14.27 -0.50 32.73
C GLU J 17 13.53 -1.12 33.94
N LEU J 18 12.21 -0.92 33.99
CA LEU J 18 11.36 -1.54 35.01
C LEU J 18 11.35 -3.07 34.93
N PHE J 19 11.17 -3.60 33.72
CA PHE J 19 11.10 -5.05 33.55
C PHE J 19 12.45 -5.75 33.59
N SER J 20 13.53 -4.98 33.45
CA SER J 20 14.88 -5.52 33.62
C SER J 20 15.14 -5.85 35.09
N GLN J 21 14.48 -5.12 35.99
CA GLN J 21 14.63 -5.31 37.43
C GLN J 21 13.97 -6.59 37.93
N VAL J 22 13.00 -7.08 37.16
CA VAL J 22 12.31 -8.33 37.48
C VAL J 22 13.24 -9.54 37.27
N SER J 23 14.28 -9.35 36.45
CA SER J 23 15.26 -10.39 36.18
C SER J 23 16.06 -10.76 37.44
N ASN J 24 16.25 -12.07 37.62
CA ASN J 24 16.96 -12.59 38.79
C ASN J 24 18.45 -12.83 38.54
N CYS J 25 19.00 -12.33 37.45
CA CYS J 25 20.37 -12.31 37.07
CA CYS J 25 20.34 -12.26 37.04
C CYS J 25 21.30 -11.46 37.72
N LYS J 26 22.49 -11.87 38.16
CA LYS J 26 23.44 -11.10 38.97
C LYS J 26 24.47 -10.34 38.14
N ARG J 27 24.88 -10.92 37.02
CA ARG J 27 25.90 -10.33 36.16
C ARG J 27 25.45 -9.00 35.57
N MET J 28 24.25 -9.01 34.99
CA MET J 28 23.68 -7.84 34.34
C MET J 28 22.18 -8.08 34.20
N LYS J 29 21.40 -7.03 34.44
CA LYS J 29 19.95 -7.10 34.28
C LYS J 29 19.55 -6.39 32.99
N VAL J 30 18.92 -7.15 32.08
CA VAL J 30 18.54 -6.64 30.76
C VAL J 30 17.03 -6.75 30.53
N GLY J 31 16.48 -5.77 29.82
CA GLY J 31 15.06 -5.76 29.45
C GLY J 31 14.84 -5.32 28.02
N ALA J 32 13.81 -5.88 27.38
CA ALA J 32 13.46 -5.58 26.00
C ALA J 32 11.96 -5.36 25.83
N ILE J 33 11.60 -4.34 25.03
CA ILE J 33 10.19 -3.96 24.84
C ILE J 33 9.88 -3.87 23.35
N VAL J 34 8.78 -4.50 22.95
CA VAL J 34 8.31 -4.45 21.57
C VAL J 34 7.14 -3.47 21.46
N VAL J 35 7.30 -2.45 20.60
CA VAL J 35 6.32 -1.36 20.47
C VAL J 35 5.84 -1.21 19.03
N LYS J 36 4.53 -1.31 18.82
CA LYS J 36 3.94 -1.11 17.50
C LYS J 36 2.59 -0.40 17.63
N ASN J 37 2.49 0.78 17.02
CA ASN J 37 1.25 1.58 17.04
C ASN J 37 0.68 1.79 18.46
N GLY J 38 1.51 2.32 19.35
CA GLY J 38 1.10 2.62 20.73
C GLY J 38 0.62 1.42 21.51
N SER J 39 1.40 0.34 21.47
CA SER J 39 1.07 -0.89 22.17
C SER J 39 2.34 -1.67 22.53
N ILE J 40 2.41 -2.17 23.77
CA ILE J 40 3.55 -2.97 24.21
C ILE J 40 3.21 -4.45 24.08
N LEU J 41 3.56 -5.02 22.92
CA LEU J 41 3.16 -6.37 22.58
C LEU J 41 3.97 -7.41 23.35
N ALA J 42 5.17 -7.03 23.76
CA ALA J 42 6.04 -7.96 24.48
C ALA J 42 6.98 -7.24 25.43
N HIS J 43 7.25 -7.84 26.55
CA HIS J 43 8.26 -7.39 27.46
C HIS J 43 9.05 -8.58 27.93
N GLY J 44 10.31 -8.58 27.62
CA GLY J 44 11.19 -9.70 27.94
C GLY J 44 12.38 -9.28 28.78
N TRP J 45 12.83 -10.19 29.65
CA TRP J 45 14.05 -9.98 30.41
C TRP J 45 14.87 -11.26 30.40
N ASN J 46 16.17 -11.13 30.68
CA ASN J 46 17.07 -12.28 30.68
C ASN J 46 16.81 -13.21 31.87
N GLY J 47 16.80 -14.51 31.60
CA GLY J 47 16.54 -15.51 32.64
C GLY J 47 16.52 -16.92 32.10
N THR J 48 16.44 -17.89 33.00
CA THR J 48 16.39 -19.31 32.65
C THR J 48 15.02 -19.64 32.05
N PRO J 49 14.91 -20.77 31.32
CA PRO J 49 13.63 -21.14 30.71
C PRO J 49 12.52 -21.37 31.75
N SER J 50 11.28 -21.36 31.29
CA SER J 50 10.13 -21.66 32.15
C SER J 50 10.13 -23.13 32.57
N GLY J 51 10.01 -23.36 33.87
CA GLY J 51 9.98 -24.73 34.41
C GLY J 51 11.37 -25.31 34.63
N PHE J 52 12.40 -24.48 34.50
CA PHE J 52 13.79 -24.87 34.72
C PHE J 52 13.99 -25.10 36.22
N HIS J 53 14.92 -25.97 36.58
CA HIS J 53 15.11 -26.34 38.00
C HIS J 53 15.39 -25.12 38.90
N THR J 54 16.16 -24.15 38.39
CA THR J 54 16.43 -22.90 39.11
C THR J 54 16.25 -21.68 38.21
N ASN J 55 16.21 -20.49 38.83
CA ASN J 55 16.26 -19.23 38.09
C ASN J 55 17.54 -18.42 38.33
N CYS J 56 18.59 -19.10 38.81
CA CYS J 56 19.94 -18.55 38.87
C CYS J 56 20.61 -18.71 37.49
N CYS J 57 21.09 -17.61 36.90
CA CYS J 57 21.57 -17.67 35.51
C CYS J 57 23.09 -17.76 35.34
N GLU J 58 23.80 -18.09 36.40
CA GLU J 58 25.23 -18.18 36.32
C GLU J 58 25.74 -19.48 36.90
N LEU J 59 26.81 -19.99 36.31
CA LEU J 59 27.52 -21.14 36.86
C LEU J 59 28.52 -20.74 37.93
N GLU J 60 28.94 -21.69 38.73
CA GLU J 60 29.96 -21.46 39.74
C GLU J 60 31.16 -20.80 39.13
N ASP J 61 31.29 -20.94 37.81
CA ASP J 61 32.42 -20.36 37.10
C ASP J 61 32.28 -18.85 36.97
N GLY J 62 31.26 -18.30 37.61
CA GLY J 62 31.01 -16.87 37.57
C GLY J 62 30.47 -16.42 36.23
N SER J 63 30.42 -17.33 35.27
CA SER J 63 29.92 -17.02 33.94
C SER J 63 28.42 -17.28 33.84
N THR J 64 27.85 -17.05 32.66
CA THR J 64 26.43 -17.25 32.44
C THR J 64 26.14 -18.66 31.90
N ASN J 65 25.13 -19.30 32.49
CA ASN J 65 24.61 -20.60 32.06
C ASN J 65 24.15 -20.56 30.60
N PRO J 66 24.62 -21.51 29.77
CA PRO J 66 24.17 -21.57 28.37
C PRO J 66 22.66 -21.79 28.20
N PHE J 67 21.99 -22.24 29.25
CA PHE J 67 20.54 -22.46 29.21
C PHE J 67 19.70 -21.19 29.26
N VAL J 68 20.31 -20.06 29.67
CA VAL J 68 19.55 -18.83 29.83
C VAL J 68 19.20 -18.15 28.52
N LEU J 69 18.06 -17.45 28.53
CA LEU J 69 17.56 -16.74 27.37
C LEU J 69 17.85 -15.26 27.53
N HIS J 70 18.31 -14.64 26.45
CA HIS J 70 18.55 -13.19 26.44
C HIS J 70 17.22 -12.45 26.39
N ALA J 71 17.19 -11.23 26.87
CA ALA J 71 16.02 -10.37 26.88
C ALA J 71 15.31 -10.24 25.57
N GLU J 72 16.08 -10.15 24.51
CA GLU J 72 15.57 -10.06 23.18
C GLU J 72 15.09 -11.37 22.65
N GLN J 73 15.67 -12.46 23.10
CA GLN J 73 15.19 -13.78 22.80
C GLN J 73 13.83 -14.00 23.39
N ASN J 74 13.70 -13.66 24.65
CA ASN J 74 12.42 -13.75 25.35
C ASN J 74 11.34 -12.84 24.76
N ALA J 75 11.77 -11.69 24.24
CA ALA J 75 10.85 -10.78 23.55
C ALA J 75 10.42 -11.36 22.20
N LEU J 76 11.37 -12.01 21.52
CA LEU J 76 11.12 -12.62 20.21
C LEU J 76 10.18 -13.81 20.33
N VAL J 77 10.52 -14.73 21.23
CA VAL J 77 9.73 -15.93 21.51
C VAL J 77 8.30 -15.57 21.93
N LYS J 78 8.18 -14.53 22.75
CA LYS J 78 6.90 -14.02 23.21
C LYS J 78 6.02 -13.59 22.03
N MET J 79 6.64 -12.95 21.04
CA MET J 79 5.94 -12.50 19.84
C MET J 79 5.44 -13.65 18.97
N ALA J 80 6.15 -14.78 19.01
CA ALA J 80 5.74 -15.99 18.28
C ALA J 80 4.54 -16.66 18.97
N LYS J 81 4.54 -16.59 20.29
CA LYS J 81 3.47 -17.12 21.14
C LYS J 81 2.25 -16.21 21.08
N SER J 82 2.48 -14.99 20.60
CA SER J 82 1.44 -13.96 20.51
C SER J 82 0.62 -14.13 19.23
N SER J 83 -0.47 -13.37 19.14
CA SER J 83 -1.30 -13.37 17.94
C SER J 83 -1.17 -12.03 17.20
N GLU J 84 -0.16 -11.25 17.55
CA GLU J 84 0.13 -10.00 16.86
C GLU J 84 1.49 -10.07 16.17
N SER J 85 1.68 -9.22 15.17
CA SER J 85 2.89 -9.27 14.34
C SER J 85 3.97 -8.35 14.88
N ILE J 86 5.21 -8.85 14.83
CA ILE J 86 6.38 -8.06 15.22
C ILE J 86 6.89 -7.23 14.04
N ASP J 87 6.39 -7.55 12.84
CA ASP J 87 6.86 -6.92 11.60
C ASP J 87 6.51 -5.43 11.54
N GLY J 88 7.54 -4.58 11.47
CA GLY J 88 7.37 -3.13 11.40
C GLY J 88 7.36 -2.43 12.75
N SER J 89 7.62 -3.18 13.82
CA SER J 89 7.66 -2.63 15.16
C SER J 89 9.04 -2.07 15.50
N GLU J 90 9.11 -1.39 16.64
CA GLU J 90 10.37 -0.85 17.15
C GLU J 90 10.71 -1.53 18.47
N LEU J 91 11.99 -1.65 18.77
CA LEU J 91 12.43 -2.38 19.95
C LEU J 91 13.12 -1.44 20.94
N PHE J 92 12.69 -1.47 22.19
CA PHE J 92 13.34 -0.68 23.23
C PHE J 92 14.10 -1.60 24.18
N CYS J 93 15.42 -1.42 24.22
CA CYS J 93 16.31 -2.28 24.99
C CYS J 93 17.18 -1.49 25.98
N THR J 94 17.38 -2.06 27.16
CA THR J 94 18.26 -1.45 28.16
C THR J 94 19.71 -1.55 27.69
N HIS J 95 20.00 -2.60 26.93
CA HIS J 95 21.35 -2.85 26.44
C HIS J 95 21.34 -3.19 24.96
N SER J 96 22.46 -2.90 24.29
CA SER J 96 22.63 -3.21 22.88
C SER J 96 22.62 -4.72 22.66
N PRO J 97 21.78 -5.21 21.73
CA PRO J 97 21.67 -6.65 21.49
C PRO J 97 22.95 -7.28 20.98
N CYS J 98 23.17 -8.54 21.36
CA CYS J 98 24.28 -9.33 20.85
C CYS J 98 24.04 -9.66 19.37
N PRO J 99 25.11 -10.02 18.64
CA PRO J 99 24.99 -10.33 17.21
C PRO J 99 24.05 -11.49 16.89
N ASP J 100 23.93 -12.45 17.80
CA ASP J 100 23.04 -13.61 17.63
CA ASP J 100 23.03 -13.59 17.58
C ASP J 100 21.57 -13.17 17.64
N CYS J 101 21.22 -12.31 18.59
CA CYS J 101 19.86 -11.80 18.72
C CYS J 101 19.54 -10.79 17.62
N SER J 102 20.50 -9.91 17.32
CA SER J 102 20.38 -8.93 16.24
C SER J 102 20.09 -9.56 14.89
N LYS J 103 20.65 -10.75 14.67
CA LYS J 103 20.39 -11.55 13.48
C LYS J 103 18.89 -11.79 13.33
N MET J 104 18.26 -12.21 14.43
CA MET J 104 16.83 -12.53 14.43
C MET J 104 15.96 -11.30 14.41
N ILE J 105 16.41 -10.25 15.10
CA ILE J 105 15.70 -8.97 15.17
C ILE J 105 15.50 -8.36 13.77
N ALA J 106 16.55 -8.44 12.95
CA ALA J 106 16.51 -7.89 11.60
C ALA J 106 15.61 -8.70 10.69
N GLN J 107 15.63 -10.02 10.87
CA GLN J 107 14.82 -10.93 10.07
C GLN J 107 13.34 -10.87 10.48
N ALA J 108 13.09 -10.47 11.73
CA ALA J 108 11.72 -10.32 12.24
C ALA J 108 10.98 -9.13 11.63
N GLY J 109 11.72 -8.17 11.08
CA GLY J 109 11.11 -6.99 10.46
C GLY J 109 11.02 -5.78 11.37
N VAL J 110 11.74 -5.83 12.49
CA VAL J 110 11.85 -4.70 13.41
C VAL J 110 12.63 -3.60 12.70
N LYS J 111 12.02 -2.42 12.58
CA LYS J 111 12.62 -1.36 11.79
C LYS J 111 13.57 -0.43 12.56
N LYS J 112 13.47 -0.44 13.89
CA LYS J 112 14.35 0.38 14.73
C LYS J 112 14.58 -0.21 16.11
N VAL J 113 15.82 -0.13 16.56
CA VAL J 113 16.19 -0.56 17.91
C VAL J 113 16.69 0.64 18.73
N TYR J 114 16.05 0.87 19.86
CA TYR J 114 16.47 1.88 20.83
C TYR J 114 17.21 1.22 21.99
N TYR J 115 18.38 1.76 22.35
CA TYR J 115 19.11 1.25 23.51
C TYR J 115 19.66 2.36 24.43
N ARG J 116 19.96 1.98 25.66
CA ARG J 116 20.52 2.92 26.63
C ARG J 116 22.00 2.62 26.95
N ASN J 117 22.28 1.40 27.40
CA ASN J 117 23.66 1.01 27.73
C ASN J 117 24.32 0.13 26.67
N GLU J 118 25.64 0.11 26.68
CA GLU J 118 26.36 -0.77 25.76
C GLU J 118 26.75 -2.08 26.44
N TYR J 119 26.41 -3.17 25.76
CA TYR J 119 26.81 -4.52 26.12
C TYR J 119 28.25 -4.72 25.65
N ARG J 120 29.02 -5.48 26.42
CA ARG J 120 30.45 -5.71 26.14
C ARG J 120 30.78 -6.00 24.66
N ILE J 121 30.03 -6.90 24.02
CA ILE J 121 30.19 -7.12 22.57
C ILE J 121 29.36 -6.08 21.82
N THR J 122 30.07 -5.12 21.21
CA THR J 122 29.43 -3.98 20.56
C THR J 122 29.12 -4.24 19.08
N ASP J 123 29.46 -5.43 18.61
CA ASP J 123 29.30 -5.81 17.21
C ASP J 123 27.83 -6.01 16.80
N GLY J 124 26.94 -6.12 17.79
CA GLY J 124 25.51 -6.30 17.54
C GLY J 124 24.87 -5.11 16.85
N ILE J 125 25.34 -3.91 17.20
CA ILE J 125 24.95 -2.67 16.54
C ILE J 125 25.33 -2.73 15.05
N ASP J 126 26.55 -3.18 14.78
CA ASP J 126 27.03 -3.36 13.41
C ASP J 126 26.16 -4.35 12.62
N VAL J 127 25.77 -5.45 13.26
CA VAL J 127 24.91 -6.46 12.63
C VAL J 127 23.54 -5.89 12.28
N LEU J 128 22.93 -5.19 13.24
CA LEU J 128 21.68 -4.48 13.04
C LEU J 128 21.76 -3.45 11.89
N GLN J 129 22.81 -2.65 11.88
CA GLN J 129 22.97 -1.61 10.87
C GLN J 129 23.27 -2.17 9.48
N GLN J 130 24.02 -3.28 9.43
CA GLN J 130 24.34 -3.97 8.17
C GLN J 130 23.13 -4.66 7.56
N LEU J 131 22.12 -4.90 8.38
CA LEU J 131 20.90 -5.58 7.94
C LEU J 131 19.71 -4.66 7.75
N GLY J 132 19.94 -3.35 7.91
CA GLY J 132 18.94 -2.34 7.59
C GLY J 132 18.01 -2.00 8.75
N VAL J 133 18.55 -2.06 9.96
CA VAL J 133 17.79 -1.72 11.17
C VAL J 133 18.37 -0.46 11.76
N GLU J 134 17.49 0.52 11.99
CA GLU J 134 17.91 1.80 12.56
C GLU J 134 18.25 1.62 14.03
N VAL J 135 19.33 2.26 14.45
CA VAL J 135 19.80 2.17 15.83
C VAL J 135 19.98 3.57 16.41
N GLU J 136 19.39 3.77 17.59
CA GLU J 136 19.51 5.03 18.32
C GLU J 136 19.83 4.76 19.79
N LYS J 137 20.86 5.42 20.30
CA LYS J 137 21.20 5.36 21.70
C LYS J 137 20.51 6.52 22.42
N MET J 138 19.94 6.24 23.59
CA MET J 138 19.27 7.28 24.37
C MET J 138 19.51 7.18 25.87
N HIS K 3 -20.89 5.41 -0.54
CA HIS K 3 -20.25 4.07 -0.77
C HIS K 3 -21.13 2.89 -0.31
N MET K 4 -22.41 3.20 -0.08
CA MET K 4 -23.40 2.20 0.35
C MET K 4 -24.71 2.36 -0.40
N LYS K 5 -25.17 1.26 -1.00
CA LYS K 5 -26.49 1.22 -1.61
C LYS K 5 -27.59 1.41 -0.56
N PRO K 6 -28.62 2.20 -0.89
CA PRO K 6 -29.71 2.56 0.04
C PRO K 6 -30.41 1.35 0.67
N GLU K 7 -30.48 0.23 -0.07
CA GLU K 7 -31.12 -0.99 0.45
C GLU K 7 -30.33 -1.55 1.63
N ILE K 8 -29.01 -1.53 1.49
CA ILE K 8 -28.09 -1.99 2.53
C ILE K 8 -28.11 -1.05 3.74
N LYS K 9 -28.11 0.25 3.48
CA LYS K 9 -28.23 1.27 4.51
C LYS K 9 -29.51 1.10 5.34
N GLU K 10 -30.62 0.84 4.66
CA GLU K 10 -31.89 0.60 5.34
C GLU K 10 -31.87 -0.72 6.12
N ALA K 11 -31.20 -1.73 5.55
CA ALA K 11 -31.08 -3.04 6.19
C ALA K 11 -30.35 -2.95 7.54
N TYR K 12 -29.31 -2.13 7.60
CA TYR K 12 -28.57 -1.94 8.85
C TYR K 12 -29.39 -1.15 9.88
N MET K 13 -30.12 -0.14 9.41
CA MET K 13 -30.94 0.68 10.31
C MET K 13 -32.09 -0.13 10.90
N LYS K 14 -32.71 -0.98 10.06
CA LYS K 14 -33.79 -1.87 10.51
C LYS K 14 -33.28 -2.93 11.50
N THR K 15 -32.01 -3.32 11.37
CA THR K 15 -31.35 -4.24 12.32
C THR K 15 -31.11 -3.56 13.67
N ALA K 16 -30.69 -2.28 13.62
CA ALA K 16 -30.59 -1.47 14.84
C ALA K 16 -31.94 -1.38 15.54
N GLU K 17 -33.00 -1.17 14.76
CA GLU K 17 -34.37 -1.07 15.28
C GLU K 17 -34.88 -2.41 15.80
N LEU K 18 -34.40 -3.48 15.17
CA LEU K 18 -34.73 -4.85 15.58
C LEU K 18 -34.11 -5.21 16.94
N PHE K 19 -32.83 -4.87 17.12
CA PHE K 19 -32.14 -5.12 18.39
C PHE K 19 -32.48 -4.14 19.51
N SER K 20 -33.09 -3.01 19.16
CA SER K 20 -33.52 -2.07 20.19
C SER K 20 -34.74 -2.63 20.92
N GLN K 21 -35.51 -3.46 20.22
CA GLN K 21 -36.76 -4.02 20.74
C GLN K 21 -36.54 -5.07 21.82
N VAL K 22 -35.35 -5.68 21.85
CA VAL K 22 -35.01 -6.64 22.90
C VAL K 22 -34.65 -5.94 24.23
N SER K 23 -34.47 -4.62 24.19
CA SER K 23 -34.22 -3.84 25.41
C SER K 23 -35.41 -3.88 26.37
N ASN K 24 -35.11 -3.99 27.67
CA ASN K 24 -36.16 -4.01 28.69
C ASN K 24 -36.55 -2.61 29.17
N CYS K 25 -35.91 -1.61 28.58
CA CYS K 25 -36.14 -0.21 28.93
CA CYS K 25 -36.14 -0.23 28.91
C CYS K 25 -37.56 0.24 28.61
N LYS K 26 -38.13 1.03 29.52
CA LYS K 26 -39.47 1.58 29.31
C LYS K 26 -39.40 2.97 28.70
N ARG K 27 -38.45 3.78 29.18
CA ARG K 27 -38.37 5.20 28.82
C ARG K 27 -38.15 5.40 27.32
N MET K 28 -37.13 4.71 26.81
CA MET K 28 -36.82 4.73 25.39
C MET K 28 -36.01 3.46 25.15
N LYS K 29 -36.33 2.78 24.05
CA LYS K 29 -35.58 1.61 23.64
C LYS K 29 -34.59 1.99 22.54
N VAL K 30 -33.30 1.78 22.81
CA VAL K 30 -32.23 2.22 21.90
C VAL K 30 -31.32 1.07 21.46
N GLY K 31 -30.97 1.06 20.17
CA GLY K 31 -30.08 0.05 19.59
C GLY K 31 -28.99 0.66 18.71
N ALA K 32 -27.84 -0.02 18.67
CA ALA K 32 -26.67 0.44 17.91
C ALA K 32 -25.94 -0.70 17.22
N ILE K 33 -25.51 -0.45 15.98
CA ILE K 33 -24.87 -1.48 15.14
C ILE K 33 -23.52 -0.98 14.62
N VAL K 34 -22.46 -1.75 14.89
CA VAL K 34 -21.14 -1.45 14.33
C VAL K 34 -20.93 -2.22 13.03
N VAL K 35 -20.71 -1.48 11.94
CA VAL K 35 -20.55 -2.07 10.61
C VAL K 35 -19.20 -1.73 10.02
N LYS K 36 -18.47 -2.76 9.59
CA LYS K 36 -17.21 -2.55 8.90
C LYS K 36 -17.05 -3.60 7.79
N ASN K 37 -16.86 -3.12 6.56
CA ASN K 37 -16.66 -3.99 5.39
C ASN K 37 -17.75 -5.05 5.21
N GLY K 38 -19.01 -4.66 5.47
CA GLY K 38 -20.14 -5.59 5.40
C GLY K 38 -20.10 -6.64 6.50
N SER K 39 -19.99 -6.18 7.75
CA SER K 39 -20.01 -7.08 8.92
C SER K 39 -20.53 -6.37 10.17
N ILE K 40 -21.55 -6.97 10.80
CA ILE K 40 -22.10 -6.43 12.05
C ILE K 40 -21.25 -6.93 13.22
N LEU K 41 -20.18 -6.19 13.48
CA LEU K 41 -19.18 -6.61 14.47
C LEU K 41 -19.73 -6.54 15.89
N ALA K 42 -20.70 -5.66 16.09
CA ALA K 42 -21.36 -5.53 17.40
C ALA K 42 -22.79 -5.03 17.27
N HIS K 43 -23.68 -5.56 18.08
CA HIS K 43 -25.02 -5.06 18.27
C HIS K 43 -25.26 -4.81 19.72
N GLY K 44 -25.55 -3.61 20.09
CA GLY K 44 -25.76 -3.25 21.49
C GLY K 44 -27.08 -2.53 21.70
N TRP K 45 -27.72 -2.83 22.82
CA TRP K 45 -28.91 -2.08 23.23
C TRP K 45 -28.74 -1.57 24.66
N ASN K 46 -29.54 -0.58 25.02
CA ASN K 46 -29.50 -0.04 26.38
C ASN K 46 -30.08 -1.00 27.40
N GLY K 47 -29.43 -1.08 28.56
CA GLY K 47 -29.89 -1.92 29.66
C GLY K 47 -28.90 -1.95 30.80
N THR K 48 -29.24 -2.67 31.86
CA THR K 48 -28.37 -2.81 33.02
C THR K 48 -27.24 -3.79 32.72
N PRO K 49 -26.12 -3.71 33.48
CA PRO K 49 -24.98 -4.61 33.26
C PRO K 49 -25.34 -6.09 33.43
N SER K 50 -24.48 -6.97 32.90
CA SER K 50 -24.65 -8.41 33.06
C SER K 50 -24.44 -8.82 34.51
N GLY K 51 -25.38 -9.61 35.03
CA GLY K 51 -25.30 -10.06 36.42
C GLY K 51 -25.84 -9.07 37.43
N PHE K 52 -26.40 -7.96 36.94
CA PHE K 52 -27.05 -6.95 37.77
C PHE K 52 -28.32 -7.55 38.35
N HIS K 53 -28.71 -7.09 39.53
CA HIS K 53 -29.87 -7.66 40.25
C HIS K 53 -31.19 -7.57 39.50
N THR K 54 -31.30 -6.63 38.57
CA THR K 54 -32.52 -6.47 37.77
C THR K 54 -32.24 -6.03 36.33
N ASN K 55 -33.26 -6.14 35.47
CA ASN K 55 -33.18 -5.63 34.10
C ASN K 55 -34.10 -4.43 33.85
N CYS K 56 -34.72 -3.93 34.92
CA CYS K 56 -35.47 -2.68 34.89
C CYS K 56 -34.50 -1.50 34.88
N CYS K 57 -34.61 -0.61 33.89
CA CYS K 57 -33.64 0.50 33.75
C CYS K 57 -33.97 1.77 34.54
N GLU K 58 -35.21 1.91 34.99
CA GLU K 58 -35.57 3.15 35.70
C GLU K 58 -35.70 2.96 37.21
N LEU K 59 -35.62 4.09 37.91
CA LEU K 59 -35.76 4.17 39.37
C LEU K 59 -37.22 4.25 39.82
N GLU K 60 -37.42 4.29 41.14
CA GLU K 60 -38.76 4.42 41.73
C GLU K 60 -39.43 5.72 41.29
N ASP K 61 -38.64 6.78 41.12
CA ASP K 61 -39.15 8.08 40.71
C ASP K 61 -39.40 8.20 39.20
N GLY K 62 -38.91 7.23 38.42
CA GLY K 62 -39.17 7.21 36.98
C GLY K 62 -38.04 7.72 36.10
N SER K 63 -36.94 8.17 36.72
CA SER K 63 -35.74 8.51 35.97
C SER K 63 -34.87 7.26 35.77
N THR K 64 -33.99 7.28 34.76
CA THR K 64 -33.15 6.12 34.43
C THR K 64 -32.07 5.87 35.47
N ASN K 65 -31.88 4.60 35.80
CA ASN K 65 -30.87 4.14 36.77
C ASN K 65 -29.47 4.53 36.30
N PRO K 66 -28.67 5.11 37.20
CA PRO K 66 -27.28 5.42 36.86
C PRO K 66 -26.40 4.20 36.50
N PHE K 67 -26.92 2.99 36.70
CA PHE K 67 -26.15 1.77 36.40
C PHE K 67 -26.29 1.30 34.95
N VAL K 68 -27.39 1.69 34.30
CA VAL K 68 -27.64 1.28 32.92
C VAL K 68 -26.65 1.89 31.93
N LEU K 69 -26.16 1.02 31.06
CA LEU K 69 -25.28 1.37 29.95
C LEU K 69 -26.12 1.75 28.74
N HIS K 70 -25.65 2.75 27.98
CA HIS K 70 -26.31 3.14 26.74
C HIS K 70 -26.01 2.11 25.64
N ALA K 71 -26.82 2.15 24.58
CA ALA K 71 -26.60 1.26 23.43
C ALA K 71 -25.23 1.45 22.79
N GLU K 72 -24.77 2.71 22.70
CA GLU K 72 -23.48 3.03 22.12
C GLU K 72 -22.32 2.54 23.01
N GLN K 73 -22.50 2.69 24.32
CA GLN K 73 -21.55 2.16 25.30
C GLN K 73 -21.42 0.66 25.18
N ASN K 74 -22.55 -0.03 25.03
CA ASN K 74 -22.56 -1.49 24.90
C ASN K 74 -21.91 -1.98 23.62
N ALA K 75 -22.13 -1.23 22.53
CA ALA K 75 -21.48 -1.51 21.26
C ALA K 75 -19.97 -1.26 21.35
N LEU K 76 -19.60 -0.22 22.09
CA LEU K 76 -18.19 0.11 22.31
C LEU K 76 -17.52 -0.98 23.15
N VAL K 77 -18.21 -1.42 24.21
CA VAL K 77 -17.65 -2.45 25.10
C VAL K 77 -17.55 -3.80 24.41
N LYS K 78 -18.57 -4.14 23.63
CA LYS K 78 -18.56 -5.36 22.83
C LYS K 78 -17.35 -5.39 21.90
N MET K 79 -17.00 -4.24 21.32
CA MET K 79 -15.88 -4.16 20.39
C MET K 79 -14.53 -4.29 21.09
N ALA K 80 -14.51 -3.99 22.38
CA ALA K 80 -13.33 -4.22 23.21
C ALA K 80 -13.17 -5.70 23.55
N LYS K 81 -14.31 -6.40 23.70
CA LYS K 81 -14.33 -7.86 23.87
C LYS K 81 -14.07 -8.57 22.55
N SER K 82 -14.30 -7.88 21.44
CA SER K 82 -14.12 -8.45 20.11
C SER K 82 -12.64 -8.54 19.74
N SER K 83 -12.35 -9.27 18.68
CA SER K 83 -10.98 -9.42 18.18
C SER K 83 -10.80 -8.64 16.88
N GLU K 84 -11.81 -7.85 16.54
CA GLU K 84 -11.77 -6.98 15.36
C GLU K 84 -11.72 -5.51 15.80
N SER K 85 -11.20 -4.66 14.92
CA SER K 85 -11.00 -3.24 15.21
C SER K 85 -12.22 -2.42 14.83
N ILE K 86 -12.58 -1.49 15.72
CA ILE K 86 -13.70 -0.58 15.49
C ILE K 86 -13.27 0.56 14.57
N ASP K 87 -11.95 0.71 14.37
CA ASP K 87 -11.40 1.82 13.62
C ASP K 87 -11.75 1.73 12.14
N GLY K 88 -12.28 2.83 11.61
CA GLY K 88 -12.70 2.90 10.22
C GLY K 88 -14.10 2.35 9.97
N SER K 89 -14.80 2.00 11.03
CA SER K 89 -16.15 1.45 10.92
C SER K 89 -17.20 2.55 10.89
N GLU K 90 -18.45 2.15 10.67
CA GLU K 90 -19.60 3.06 10.74
C GLU K 90 -20.62 2.53 11.73
N LEU K 91 -21.39 3.44 12.32
CA LEU K 91 -22.30 3.09 13.40
C LEU K 91 -23.74 3.43 13.04
N PHE K 92 -24.64 2.47 13.23
CA PHE K 92 -26.05 2.69 12.94
C PHE K 92 -26.84 2.72 14.23
N CYS K 93 -27.37 3.89 14.55
CA CYS K 93 -28.09 4.12 15.81
C CYS K 93 -29.55 4.47 15.57
N THR K 94 -30.42 3.95 16.43
CA THR K 94 -31.85 4.30 16.37
C THR K 94 -32.02 5.74 16.83
N HIS K 95 -31.18 6.13 17.79
CA HIS K 95 -31.24 7.45 18.40
C HIS K 95 -29.86 8.07 18.39
N SER K 96 -29.80 9.40 18.23
CA SER K 96 -28.53 10.11 18.19
C SER K 96 -27.79 9.99 19.52
N PRO K 97 -26.50 9.61 19.46
CA PRO K 97 -25.71 9.37 20.68
C PRO K 97 -25.59 10.60 21.57
N CYS K 98 -25.48 10.38 22.88
CA CYS K 98 -25.27 11.45 23.84
C CYS K 98 -23.84 12.02 23.72
N PRO K 99 -23.62 13.26 24.22
CA PRO K 99 -22.30 13.89 24.15
C PRO K 99 -21.19 13.06 24.80
N ASP K 100 -21.53 12.30 25.83
CA ASP K 100 -20.56 11.46 26.53
CA ASP K 100 -20.59 11.46 26.55
C ASP K 100 -20.06 10.24 25.73
N CYS K 101 -21.03 9.60 25.07
CA CYS K 101 -20.73 8.53 24.14
C CYS K 101 -20.03 9.05 22.90
N SER K 102 -20.56 10.13 22.33
CA SER K 102 -19.98 10.73 21.13
C SER K 102 -18.48 11.02 21.26
N LYS K 103 -18.06 11.33 22.49
CA LYS K 103 -16.65 11.49 22.81
C LYS K 103 -15.86 10.20 22.53
N MET K 104 -16.38 9.07 22.98
CA MET K 104 -15.68 7.80 22.80
C MET K 104 -15.77 7.29 21.37
N ILE K 105 -16.92 7.53 20.73
CA ILE K 105 -17.17 7.12 19.35
C ILE K 105 -16.15 7.75 18.40
N ALA K 106 -15.88 9.04 18.59
CA ALA K 106 -14.93 9.79 17.76
C ALA K 106 -13.48 9.37 17.97
N GLN K 107 -13.16 8.99 19.21
CA GLN K 107 -11.82 8.55 19.58
C GLN K 107 -11.59 7.12 19.12
N ALA K 108 -12.69 6.39 18.89
CA ALA K 108 -12.63 5.01 18.46
C ALA K 108 -12.24 4.89 16.99
N GLY K 109 -12.46 5.97 16.23
CA GLY K 109 -12.13 6.01 14.81
C GLY K 109 -13.32 5.70 13.92
N VAL K 110 -14.52 5.88 14.46
CA VAL K 110 -15.76 5.67 13.71
C VAL K 110 -15.93 6.86 12.78
N LYS K 111 -16.00 6.59 11.47
CA LYS K 111 -16.01 7.69 10.52
C LYS K 111 -17.40 8.29 10.33
N LYS K 112 -18.44 7.47 10.46
CA LYS K 112 -19.81 7.94 10.23
C LYS K 112 -20.80 7.31 11.20
N VAL K 113 -21.77 8.12 11.62
CA VAL K 113 -22.85 7.70 12.49
C VAL K 113 -24.21 7.99 11.83
N TYR K 114 -24.96 6.93 11.54
CA TYR K 114 -26.31 7.03 11.01
C TYR K 114 -27.32 6.95 12.15
N TYR K 115 -28.29 7.86 12.19
CA TYR K 115 -29.37 7.83 13.19
C TYR K 115 -30.74 8.12 12.60
N ARG K 116 -31.79 7.74 13.34
CA ARG K 116 -33.17 7.89 12.86
C ARG K 116 -33.98 8.89 13.69
N ASN K 117 -33.94 8.72 15.01
CA ASN K 117 -34.65 9.61 15.93
C ASN K 117 -33.68 10.44 16.76
N GLU K 118 -34.19 11.55 17.29
CA GLU K 118 -33.36 12.49 18.05
C GLU K 118 -33.46 12.28 19.55
N TYR K 119 -32.30 12.14 20.20
CA TYR K 119 -32.19 12.12 21.66
C TYR K 119 -32.46 13.55 22.20
N ARG K 120 -33.11 13.65 23.37
CA ARG K 120 -33.42 14.95 23.99
C ARG K 120 -32.23 15.92 23.90
N ILE K 121 -31.08 15.47 24.41
CA ILE K 121 -29.84 16.24 24.29
C ILE K 121 -29.27 16.05 22.88
N THR K 122 -29.59 17.01 22.02
CA THR K 122 -29.15 16.98 20.62
C THR K 122 -27.69 17.41 20.47
N ASP K 123 -27.05 17.79 21.57
CA ASP K 123 -25.69 18.34 21.55
C ASP K 123 -24.63 17.30 21.16
N GLY K 124 -25.00 16.02 21.26
CA GLY K 124 -24.12 14.91 20.87
C GLY K 124 -23.79 14.86 19.39
N ILE K 125 -24.76 15.25 18.56
CA ILE K 125 -24.54 15.35 17.11
C ILE K 125 -23.48 16.40 16.83
N ASP K 126 -23.58 17.54 17.52
CA ASP K 126 -22.61 18.62 17.39
C ASP K 126 -21.22 18.17 17.84
N VAL K 127 -21.17 17.44 18.95
CA VAL K 127 -19.92 16.91 19.51
C VAL K 127 -19.22 15.96 18.52
N LEU K 128 -20.02 15.08 17.92
CA LEU K 128 -19.53 14.11 16.95
C LEU K 128 -18.95 14.82 15.72
N GLN K 129 -19.67 15.83 15.23
CA GLN K 129 -19.25 16.59 14.06
C GLN K 129 -18.02 17.46 14.36
N GLN K 130 -17.93 17.92 15.60
CA GLN K 130 -16.80 18.74 16.04
C GLN K 130 -15.52 17.91 16.15
N LEU K 131 -15.67 16.59 16.17
CA LEU K 131 -14.53 15.69 16.28
C LEU K 131 -14.28 14.88 15.01
N GLY K 132 -14.84 15.35 13.89
CA GLY K 132 -14.55 14.77 12.58
C GLY K 132 -15.29 13.50 12.24
N VAL K 133 -16.52 13.37 12.75
CA VAL K 133 -17.37 12.22 12.49
C VAL K 133 -18.61 12.67 11.74
N GLU K 134 -18.81 12.09 10.56
CA GLU K 134 -19.96 12.43 9.72
C GLU K 134 -21.22 11.92 10.39
N VAL K 135 -22.31 12.68 10.21
CA VAL K 135 -23.60 12.31 10.79
C VAL K 135 -24.68 12.42 9.73
N GLU K 136 -25.56 11.41 9.69
CA GLU K 136 -26.66 11.41 8.75
C GLU K 136 -27.94 10.95 9.43
N LYS K 137 -29.00 11.74 9.29
CA LYS K 137 -30.32 11.32 9.72
C LYS K 137 -31.02 10.60 8.58
N MET K 138 -31.65 9.47 8.88
CA MET K 138 -32.40 8.71 7.88
C MET K 138 -33.70 8.12 8.43
N MET L 4 7.19 -14.54 -7.26
CA MET L 4 7.42 -15.86 -6.60
C MET L 4 8.54 -16.63 -7.31
N LYS L 5 9.56 -17.03 -6.54
CA LYS L 5 10.67 -17.80 -7.08
C LYS L 5 10.21 -19.18 -7.56
N PRO L 6 10.71 -19.62 -8.73
CA PRO L 6 10.36 -20.92 -9.32
C PRO L 6 10.47 -22.13 -8.37
N GLU L 7 11.49 -22.14 -7.51
CA GLU L 7 11.71 -23.26 -6.60
C GLU L 7 10.64 -23.40 -5.50
N ILE L 8 10.17 -22.28 -4.93
CA ILE L 8 9.07 -22.35 -3.96
C ILE L 8 7.73 -22.66 -4.64
N LYS L 9 7.56 -22.14 -5.85
CA LYS L 9 6.39 -22.41 -6.68
C LYS L 9 6.22 -23.91 -6.87
N GLU L 10 7.33 -24.61 -7.13
CA GLU L 10 7.33 -26.06 -7.29
C GLU L 10 7.15 -26.78 -5.95
N ALA L 11 7.67 -26.18 -4.88
CA ALA L 11 7.50 -26.73 -3.53
C ALA L 11 6.04 -26.69 -3.10
N TYR L 12 5.33 -25.62 -3.44
CA TYR L 12 3.90 -25.51 -3.12
C TYR L 12 3.06 -26.51 -3.90
N MET L 13 3.43 -26.75 -5.16
CA MET L 13 2.70 -27.70 -6.01
C MET L 13 2.96 -29.14 -5.57
N LYS L 14 4.20 -29.43 -5.17
CA LYS L 14 4.55 -30.76 -4.69
C LYS L 14 3.88 -31.05 -3.35
N THR L 15 3.65 -29.98 -2.57
CA THR L 15 2.90 -30.07 -1.32
C THR L 15 1.45 -30.44 -1.61
N ALA L 16 0.87 -29.76 -2.60
CA ALA L 16 -0.46 -30.09 -3.08
C ALA L 16 -0.54 -31.55 -3.51
N GLU L 17 0.48 -32.01 -4.22
CA GLU L 17 0.55 -33.40 -4.70
C GLU L 17 0.78 -34.39 -3.55
N LEU L 18 1.40 -33.91 -2.49
CA LEU L 18 1.68 -34.71 -1.31
C LEU L 18 0.41 -34.90 -0.48
N PHE L 19 -0.42 -33.87 -0.40
CA PHE L 19 -1.67 -33.96 0.36
C PHE L 19 -2.81 -34.64 -0.40
N SER L 20 -2.72 -34.67 -1.73
CA SER L 20 -3.69 -35.39 -2.54
C SER L 20 -3.63 -36.88 -2.27
N GLN L 21 -2.45 -37.37 -1.91
CA GLN L 21 -2.20 -38.79 -1.67
C GLN L 21 -2.80 -39.31 -0.36
N VAL L 22 -3.11 -38.40 0.56
CA VAL L 22 -3.79 -38.74 1.81
C VAL L 22 -5.26 -39.10 1.54
N SER L 23 -5.78 -38.66 0.39
CA SER L 23 -7.14 -39.01 -0.04
C SER L 23 -7.33 -40.50 -0.19
N ASN L 24 -8.53 -40.97 0.17
CA ASN L 24 -8.89 -42.38 0.03
C ASN L 24 -9.68 -42.64 -1.25
N CYS L 25 -9.77 -41.62 -2.09
CA CYS L 25 -10.49 -41.68 -3.35
CA CYS L 25 -10.46 -41.64 -3.36
C CYS L 25 -9.86 -42.62 -4.35
N LYS L 26 -10.69 -43.44 -5.00
CA LYS L 26 -10.22 -44.38 -6.01
C LYS L 26 -10.25 -43.77 -7.41
N ARG L 27 -11.26 -42.94 -7.68
CA ARG L 27 -11.46 -42.36 -9.01
C ARG L 27 -10.33 -41.39 -9.37
N MET L 28 -10.10 -40.41 -8.49
CA MET L 28 -9.02 -39.46 -8.65
C MET L 28 -8.70 -38.83 -7.30
N LYS L 29 -7.41 -38.66 -7.02
CA LYS L 29 -6.95 -38.04 -5.78
C LYS L 29 -6.51 -36.61 -6.05
N VAL L 30 -7.20 -35.66 -5.43
CA VAL L 30 -7.03 -34.22 -5.68
C VAL L 30 -6.59 -33.52 -4.40
N GLY L 31 -5.67 -32.57 -4.54
CA GLY L 31 -5.20 -31.78 -3.42
C GLY L 31 -5.18 -30.29 -3.72
N ALA L 32 -5.59 -29.49 -2.73
CA ALA L 32 -5.61 -28.03 -2.87
C ALA L 32 -4.94 -27.33 -1.69
N ILE L 33 -4.13 -26.33 -1.99
CA ILE L 33 -3.33 -25.60 -1.00
C ILE L 33 -3.60 -24.10 -1.09
N VAL L 34 -3.99 -23.50 0.05
CA VAL L 34 -4.15 -22.03 0.16
C VAL L 34 -2.86 -21.39 0.69
N VAL L 35 -2.26 -20.51 -0.12
CA VAL L 35 -0.99 -19.88 0.22
C VAL L 35 -1.16 -18.38 0.33
N LYS L 36 -0.68 -17.80 1.44
CA LYS L 36 -0.73 -16.37 1.63
C LYS L 36 0.46 -15.92 2.48
N ASN L 37 1.28 -15.03 1.92
CA ASN L 37 2.43 -14.48 2.62
C ASN L 37 3.33 -15.54 3.26
N GLY L 38 3.73 -16.52 2.46
CA GLY L 38 4.59 -17.62 2.92
C GLY L 38 3.98 -18.46 4.03
N SER L 39 2.72 -18.87 3.83
CA SER L 39 1.98 -19.65 4.82
C SER L 39 0.90 -20.53 4.16
N ILE L 40 0.86 -21.79 4.55
CA ILE L 40 -0.13 -22.74 4.01
C ILE L 40 -1.29 -22.85 5.01
N LEU L 41 -2.30 -21.99 4.79
CA LEU L 41 -3.38 -21.80 5.78
C LEU L 41 -4.37 -22.94 5.77
N ALA L 42 -4.45 -23.61 4.64
CA ALA L 42 -5.35 -24.74 4.46
C ALA L 42 -4.76 -25.74 3.49
N HIS L 43 -4.97 -27.00 3.75
CA HIS L 43 -4.61 -28.06 2.84
C HIS L 43 -5.73 -29.07 2.72
N GLY L 44 -6.42 -29.02 1.62
CA GLY L 44 -7.61 -29.84 1.41
C GLY L 44 -7.43 -30.93 0.38
N TRP L 45 -8.16 -32.03 0.57
CA TRP L 45 -8.17 -33.11 -0.40
C TRP L 45 -9.58 -33.66 -0.52
N ASN L 46 -9.90 -34.30 -1.64
CA ASN L 46 -11.22 -34.88 -1.81
C ASN L 46 -11.50 -36.07 -0.89
N GLY L 47 -12.66 -36.06 -0.25
CA GLY L 47 -13.06 -37.14 0.66
C GLY L 47 -14.46 -36.91 1.21
N THR L 48 -14.98 -37.91 1.92
CA THR L 48 -16.27 -37.79 2.58
C THR L 48 -16.16 -36.89 3.80
N PRO L 49 -17.29 -36.31 4.25
CA PRO L 49 -17.28 -35.44 5.43
C PRO L 49 -16.82 -36.17 6.69
N SER L 50 -16.44 -35.40 7.70
CA SER L 50 -16.09 -35.95 9.00
C SER L 50 -17.32 -36.56 9.65
N GLY L 51 -17.13 -37.67 10.34
CA GLY L 51 -18.21 -38.37 11.03
C GLY L 51 -19.06 -39.23 10.10
N PHE L 52 -18.79 -39.15 8.81
CA PHE L 52 -19.53 -39.89 7.80
C PHE L 52 -19.27 -41.39 7.93
N HIS L 53 -20.31 -42.19 7.76
CA HIS L 53 -20.24 -43.63 8.02
C HIS L 53 -19.11 -44.34 7.28
N THR L 54 -18.70 -43.79 6.14
CA THR L 54 -17.62 -44.42 5.40
C THR L 54 -16.55 -43.49 4.82
N ASN L 55 -15.45 -44.15 4.48
CA ASN L 55 -14.24 -43.59 3.92
C ASN L 55 -14.34 -43.57 2.39
N CYS L 56 -15.14 -44.48 1.86
CA CYS L 56 -15.30 -44.65 0.43
C CYS L 56 -15.69 -43.34 -0.23
N CYS L 57 -15.33 -43.19 -1.50
CA CYS L 57 -15.65 -42.00 -2.25
C CYS L 57 -16.44 -42.32 -3.50
N GLU L 58 -16.97 -43.54 -3.59
CA GLU L 58 -17.75 -43.91 -4.77
C GLU L 58 -18.86 -44.88 -4.43
N LEU L 59 -19.91 -44.81 -5.25
CA LEU L 59 -21.05 -45.72 -5.14
C LEU L 59 -20.77 -47.06 -5.81
N GLU L 60 -21.85 -47.83 -5.99
CA GLU L 60 -21.80 -49.15 -6.62
C GLU L 60 -21.70 -49.06 -8.15
N ASP L 61 -22.09 -47.94 -8.73
CA ASP L 61 -21.97 -47.83 -10.15
C ASP L 61 -20.56 -47.53 -10.30
N GLY L 62 -20.01 -46.93 -9.26
CA GLY L 62 -18.64 -46.46 -9.29
C GLY L 62 -18.67 -45.02 -9.71
N SER L 63 -19.82 -44.40 -9.54
CA SER L 63 -19.94 -42.98 -9.73
C SER L 63 -19.46 -42.38 -8.42
N THR L 64 -18.99 -41.15 -8.42
CA THR L 64 -18.64 -40.53 -7.15
C THR L 64 -19.87 -40.22 -6.31
N ASN L 65 -19.80 -40.62 -5.05
CA ASN L 65 -20.79 -40.31 -4.03
C ASN L 65 -20.99 -38.80 -3.90
N PRO L 66 -22.24 -38.32 -4.06
CA PRO L 66 -22.57 -36.89 -3.94
C PRO L 66 -22.24 -36.28 -2.57
N PHE L 67 -21.88 -37.13 -1.61
CA PHE L 67 -21.53 -36.66 -0.27
C PHE L 67 -20.08 -36.19 -0.18
N VAL L 68 -19.24 -36.60 -1.12
CA VAL L 68 -17.82 -36.23 -1.08
C VAL L 68 -17.62 -34.74 -1.32
N LEU L 69 -16.70 -34.17 -0.56
CA LEU L 69 -16.31 -32.78 -0.71
C LEU L 69 -15.12 -32.73 -1.64
N HIS L 70 -15.14 -31.79 -2.57
CA HIS L 70 -14.02 -31.53 -3.45
C HIS L 70 -12.83 -30.96 -2.66
N ALA L 71 -11.62 -31.17 -3.18
CA ALA L 71 -10.41 -30.64 -2.54
C ALA L 71 -10.48 -29.12 -2.33
N GLU L 72 -11.03 -28.41 -3.32
CA GLU L 72 -11.21 -26.97 -3.25
C GLU L 72 -12.23 -26.61 -2.16
N GLN L 73 -13.31 -27.39 -2.10
CA GLN L 73 -14.36 -27.18 -1.09
C GLN L 73 -13.82 -27.32 0.33
N ASN L 74 -13.05 -28.39 0.58
CA ASN L 74 -12.41 -28.63 1.87
C ASN L 74 -11.44 -27.52 2.24
N ALA L 75 -10.70 -27.04 1.24
CA ALA L 75 -9.77 -25.93 1.42
C ALA L 75 -10.53 -24.66 1.79
N LEU L 76 -11.64 -24.42 1.10
CA LEU L 76 -12.48 -23.27 1.33
C LEU L 76 -13.11 -23.36 2.74
N VAL L 77 -13.62 -24.54 3.08
CA VAL L 77 -14.28 -24.77 4.37
C VAL L 77 -13.31 -24.58 5.54
N LYS L 78 -12.09 -25.08 5.37
CA LYS L 78 -11.02 -24.93 6.35
C LYS L 78 -10.70 -23.45 6.58
N MET L 79 -10.76 -22.66 5.50
CA MET L 79 -10.53 -21.22 5.60
C MET L 79 -11.61 -20.49 6.41
N ALA L 80 -12.84 -21.02 6.40
CA ALA L 80 -13.92 -20.48 7.22
C ALA L 80 -13.75 -20.89 8.69
N LYS L 81 -13.23 -22.09 8.92
CA LYS L 81 -12.93 -22.61 10.26
C LYS L 81 -11.70 -21.96 10.87
N SER L 82 -10.82 -21.43 10.04
CA SER L 82 -9.61 -20.78 10.53
C SER L 82 -9.89 -19.32 10.92
N SER L 83 -8.84 -18.61 11.30
CA SER L 83 -8.97 -17.22 11.76
C SER L 83 -8.13 -16.26 10.90
N GLU L 84 -7.66 -16.75 9.76
CA GLU L 84 -6.98 -15.89 8.80
C GLU L 84 -7.81 -15.83 7.51
N SER L 85 -7.68 -14.72 6.79
CA SER L 85 -8.48 -14.45 5.60
C SER L 85 -7.89 -15.08 4.35
N ILE L 86 -8.78 -15.59 3.50
CA ILE L 86 -8.38 -16.18 2.21
C ILE L 86 -8.22 -15.09 1.15
N ASP L 87 -8.68 -13.88 1.48
CA ASP L 87 -8.70 -12.77 0.54
C ASP L 87 -7.29 -12.33 0.17
N GLY L 88 -7.02 -12.30 -1.13
CA GLY L 88 -5.70 -11.94 -1.65
C GLY L 88 -4.70 -13.08 -1.54
N SER L 89 -5.21 -14.30 -1.43
CA SER L 89 -4.36 -15.48 -1.37
C SER L 89 -4.29 -16.16 -2.73
N GLU L 90 -3.38 -17.13 -2.85
CA GLU L 90 -3.22 -17.92 -4.06
C GLU L 90 -3.50 -19.40 -3.79
N LEU L 91 -3.97 -20.13 -4.80
CA LEU L 91 -4.38 -21.51 -4.63
C LEU L 91 -3.57 -22.45 -5.52
N PHE L 92 -2.96 -23.48 -4.93
CA PHE L 92 -2.24 -24.50 -5.68
C PHE L 92 -3.08 -25.77 -5.74
N CYS L 93 -3.39 -26.21 -6.95
CA CYS L 93 -4.27 -27.37 -7.15
C CYS L 93 -3.61 -28.41 -8.04
N THR L 94 -3.84 -29.69 -7.74
CA THR L 94 -3.31 -30.76 -8.59
C THR L 94 -4.10 -30.82 -9.89
N HIS L 95 -5.40 -30.55 -9.78
CA HIS L 95 -6.32 -30.52 -10.91
C HIS L 95 -7.07 -29.20 -10.93
N SER L 96 -7.35 -28.71 -12.14
CA SER L 96 -8.10 -27.47 -12.32
C SER L 96 -9.49 -27.60 -11.70
N PRO L 97 -9.88 -26.60 -10.89
CA PRO L 97 -11.15 -26.60 -10.16
C PRO L 97 -12.37 -26.68 -11.08
N CYS L 98 -13.42 -27.30 -10.57
CA CYS L 98 -14.69 -27.39 -11.28
C CYS L 98 -15.42 -26.04 -11.22
N PRO L 99 -16.37 -25.81 -12.16
CA PRO L 99 -17.14 -24.57 -12.23
C PRO L 99 -17.86 -24.18 -10.93
N ASP L 100 -18.34 -25.16 -10.16
CA ASP L 100 -19.02 -24.87 -8.89
CA ASP L 100 -19.02 -24.88 -8.91
C ASP L 100 -18.04 -24.36 -7.84
N CYS L 101 -16.84 -24.95 -7.80
CA CYS L 101 -15.82 -24.52 -6.86
C CYS L 101 -15.18 -23.19 -7.28
N SER L 102 -14.91 -23.04 -8.58
CA SER L 102 -14.35 -21.83 -9.16
C SER L 102 -15.18 -20.58 -8.86
N LYS L 103 -16.49 -20.73 -8.87
CA LYS L 103 -17.44 -19.70 -8.47
C LYS L 103 -17.09 -19.17 -7.08
N MET L 104 -16.94 -20.08 -6.12
CA MET L 104 -16.66 -19.72 -4.73
C MET L 104 -15.24 -19.20 -4.54
N ILE L 105 -14.31 -19.80 -5.28
CA ILE L 105 -12.91 -19.41 -5.23
C ILE L 105 -12.78 -17.93 -5.60
N ALA L 106 -13.48 -17.54 -6.67
CA ALA L 106 -13.45 -16.17 -7.17
C ALA L 106 -14.08 -15.19 -6.20
N GLN L 107 -15.17 -15.61 -5.56
CA GLN L 107 -15.88 -14.75 -4.62
C GLN L 107 -15.09 -14.58 -3.33
N ALA L 108 -14.27 -15.59 -3.00
CA ALA L 108 -13.44 -15.59 -1.79
C ALA L 108 -12.31 -14.57 -1.84
N GLY L 109 -12.00 -14.08 -3.04
CA GLY L 109 -10.94 -13.10 -3.22
C GLY L 109 -9.58 -13.69 -3.50
N VAL L 110 -9.56 -14.96 -3.92
CA VAL L 110 -8.32 -15.63 -4.37
C VAL L 110 -7.88 -14.98 -5.68
N LYS L 111 -6.64 -14.48 -5.71
CA LYS L 111 -6.16 -13.75 -6.89
C LYS L 111 -5.60 -14.65 -8.01
N LYS L 112 -5.03 -15.79 -7.64
CA LYS L 112 -4.39 -16.69 -8.61
C LYS L 112 -4.58 -18.16 -8.27
N VAL L 113 -4.80 -18.97 -9.31
CA VAL L 113 -4.89 -20.42 -9.19
C VAL L 113 -3.84 -21.13 -10.06
N TYR L 114 -2.97 -21.90 -9.40
CA TYR L 114 -1.99 -22.74 -10.07
C TYR L 114 -2.55 -24.17 -10.16
N TYR L 115 -2.53 -24.75 -11.35
CA TYR L 115 -2.96 -26.13 -11.53
C TYR L 115 -1.97 -26.96 -12.35
N ARG L 116 -2.02 -28.28 -12.20
CA ARG L 116 -1.08 -29.16 -12.87
C ARG L 116 -1.75 -29.99 -13.96
N ASN L 117 -2.69 -30.83 -13.55
CA ASN L 117 -3.46 -31.67 -14.47
C ASN L 117 -4.79 -31.03 -14.79
N GLU L 118 -5.38 -31.45 -15.91
CA GLU L 118 -6.70 -30.97 -16.27
C GLU L 118 -7.78 -31.98 -15.87
N TYR L 119 -8.76 -31.46 -15.14
CA TYR L 119 -9.97 -32.18 -14.73
C TYR L 119 -10.87 -32.40 -15.96
N ARG L 120 -11.72 -33.43 -15.92
CA ARG L 120 -12.59 -33.82 -17.05
C ARG L 120 -13.30 -32.63 -17.72
N ILE L 121 -13.89 -31.77 -16.89
CA ILE L 121 -14.53 -30.55 -17.39
C ILE L 121 -13.49 -29.45 -17.42
N THR L 122 -13.25 -28.89 -18.60
CA THR L 122 -12.26 -27.83 -18.77
C THR L 122 -12.87 -26.43 -18.52
N ASP L 123 -14.21 -26.38 -18.47
CA ASP L 123 -14.96 -25.12 -18.35
C ASP L 123 -14.67 -24.30 -17.10
N GLY L 124 -14.17 -24.95 -16.04
CA GLY L 124 -13.86 -24.31 -14.77
C GLY L 124 -12.75 -23.27 -14.82
N ILE L 125 -11.76 -23.53 -15.68
CA ILE L 125 -10.67 -22.58 -15.91
C ILE L 125 -11.26 -21.29 -16.50
N ASP L 126 -12.19 -21.46 -17.42
CA ASP L 126 -12.86 -20.36 -18.09
C ASP L 126 -13.68 -19.53 -17.11
N VAL L 127 -14.29 -20.22 -16.14
CA VAL L 127 -15.07 -19.55 -15.09
C VAL L 127 -14.17 -18.64 -14.25
N LEU L 128 -13.02 -19.17 -13.84
CA LEU L 128 -12.01 -18.41 -13.10
C LEU L 128 -11.62 -17.11 -13.80
N GLN L 129 -11.24 -17.20 -15.07
CA GLN L 129 -10.78 -16.05 -15.85
C GLN L 129 -11.88 -15.02 -16.07
N GLN L 130 -13.11 -15.51 -16.28
CA GLN L 130 -14.27 -14.63 -16.43
C GLN L 130 -14.50 -13.80 -15.16
N LEU L 131 -14.23 -14.41 -14.02
CA LEU L 131 -14.45 -13.73 -12.74
C LEU L 131 -13.22 -12.99 -12.23
N GLY L 132 -12.18 -12.94 -13.06
CA GLY L 132 -11.00 -12.10 -12.79
C GLY L 132 -9.93 -12.77 -11.95
N VAL L 133 -9.79 -14.08 -12.10
CA VAL L 133 -8.81 -14.87 -11.37
C VAL L 133 -7.75 -15.39 -12.32
N GLU L 134 -6.49 -15.08 -12.00
CA GLU L 134 -5.36 -15.48 -12.84
C GLU L 134 -5.18 -16.99 -12.76
N VAL L 135 -4.91 -17.60 -13.91
CA VAL L 135 -4.73 -19.05 -14.02
C VAL L 135 -3.38 -19.37 -14.66
N GLU L 136 -2.66 -20.34 -14.08
CA GLU L 136 -1.38 -20.78 -14.63
C GLU L 136 -1.24 -22.29 -14.51
N LYS L 137 -0.92 -22.94 -15.63
CA LYS L 137 -0.66 -24.37 -15.63
C LYS L 137 0.83 -24.58 -15.41
N MET L 138 1.17 -25.53 -14.54
CA MET L 138 2.57 -25.85 -14.27
C MET L 138 2.83 -27.35 -14.14
#